data_4LZW
#
_entry.id   4LZW
#
_cell.length_a   91.740
_cell.length_b   95.850
_cell.length_c   91.830
_cell.angle_alpha   90.000
_cell.angle_beta   119.960
_cell.angle_gamma   90.000
#
_symmetry.space_group_name_H-M   'P 1 21 1'
#
loop_
_entity.id
_entity.type
_entity.pdbx_description
1 polymer 'Uridine phosphorylase'
2 non-polymer THYMIDINE
3 non-polymer ETHANOL
4 non-polymer 'CHLORIDE ION'
5 non-polymer 'SODIUM ION'
6 non-polymer 'MAGNESIUM ION'
7 non-polymer 1,2-ETHANEDIOL
8 water water
#
_entity_poly.entity_id   1
_entity_poly.type   'polypeptide(L)'
_entity_poly.pdbx_seq_one_letter_code
;MTKTVFHLGVTEADLNGATLAIIPGDPARVQKIAELMDNPVFLASHREYTVYRAELDGQSVVVCSTGIGGPSTSIAVEEL
AQLGVRTFLRVGTTGAIQPHVNVGDMIVTTGSVRLDGASLHFAPMEFPAVPDFDVATAMKAAAQESGATVHMGVTASSDT
FYPGQERYDTFTGRVVRRFQGSMKEWQDMGVLNFEMESATLLTMCASSGLKAGCVAGVIINRTQKEIPDHATLKETEARS
IKVVVEAARKMLK
;
_entity_poly.pdbx_strand_id   A,B,C,D,E,F
#
loop_
_chem_comp.id
_chem_comp.type
_chem_comp.name
_chem_comp.formula
CL non-polymer 'CHLORIDE ION' 'Cl -1'
EDO non-polymer 1,2-ETHANEDIOL 'C2 H6 O2'
EOH non-polymer ETHANOL 'C2 H6 O'
MG non-polymer 'MAGNESIUM ION' 'Mg 2'
NA non-polymer 'SODIUM ION' 'Na 1'
THM DNA OH 5 prime terminus THYMIDINE 'C10 H14 N2 O5'
#
# COMPACT_ATOMS: atom_id res chain seq x y z
N LYS A 3 -0.68 -1.85 -40.37
CA LYS A 3 -1.75 -2.84 -40.40
C LYS A 3 -1.37 -4.06 -39.59
N THR A 4 -0.23 -3.99 -38.91
CA THR A 4 0.32 -5.14 -38.22
C THR A 4 0.32 -4.97 -36.70
N VAL A 5 0.53 -6.07 -36.00
CA VAL A 5 0.71 -6.03 -34.55
C VAL A 5 2.03 -6.69 -34.19
N PHE A 6 2.50 -6.45 -32.97
CA PHE A 6 3.85 -6.85 -32.58
C PHE A 6 4.00 -8.35 -32.36
N HIS A 7 2.97 -8.98 -31.81
CA HIS A 7 3.12 -10.36 -31.36
C HIS A 7 2.24 -11.37 -32.09
N LEU A 8 1.02 -10.98 -32.42
CA LEU A 8 0.06 -11.96 -32.90
C LEU A 8 0.23 -12.43 -34.33
N GLY A 9 1.00 -11.67 -35.11
CA GLY A 9 1.34 -12.10 -36.46
C GLY A 9 0.19 -12.08 -37.43
N VAL A 10 -0.84 -11.32 -37.11
CA VAL A 10 -2.00 -11.20 -37.97
C VAL A 10 -2.34 -9.73 -38.24
N THR A 11 -3.04 -9.50 -39.35
CA THR A 11 -3.48 -8.16 -39.73
C THR A 11 -4.98 -8.04 -39.54
N GLU A 12 -5.48 -6.80 -39.65
CA GLU A 12 -6.91 -6.59 -39.55
C GLU A 12 -7.62 -7.37 -40.65
N ALA A 13 -7.07 -7.32 -41.86
CA ALA A 13 -7.62 -8.07 -42.98
C ALA A 13 -7.75 -9.57 -42.69
N ASP A 14 -6.78 -10.13 -41.99
CA ASP A 14 -6.80 -11.55 -41.65
C ASP A 14 -8.05 -11.91 -40.85
N LEU A 15 -8.58 -10.95 -40.11
CA LEU A 15 -9.69 -11.24 -39.21
C LEU A 15 -11.04 -11.18 -39.90
N ASN A 16 -11.04 -10.71 -41.15
N ASN A 16 -11.05 -10.72 -41.16
CA ASN A 16 -12.25 -10.65 -41.98
CA ASN A 16 -12.28 -10.68 -41.97
C ASN A 16 -13.42 -9.98 -41.28
C ASN A 16 -13.44 -9.99 -41.26
N GLY A 17 -13.14 -8.91 -40.56
CA GLY A 17 -14.18 -8.12 -39.92
C GLY A 17 -14.61 -8.63 -38.57
N ALA A 18 -13.92 -9.64 -38.03
CA ALA A 18 -14.32 -10.18 -36.73
C ALA A 18 -14.23 -9.11 -35.65
N THR A 19 -15.25 -9.03 -34.83
CA THR A 19 -15.17 -8.12 -33.69
C THR A 19 -15.29 -8.87 -32.39
N LEU A 20 -15.35 -10.19 -32.48
CA LEU A 20 -15.40 -11.02 -31.29
C LEU A 20 -14.30 -12.04 -31.37
N ALA A 21 -13.63 -12.24 -30.23
CA ALA A 21 -12.62 -13.27 -30.09
C ALA A 21 -12.94 -14.19 -28.94
N ILE A 22 -12.70 -15.47 -29.16
CA ILE A 22 -12.65 -16.47 -28.12
C ILE A 22 -11.18 -16.66 -27.81
N ILE A 23 -10.85 -16.52 -26.55
CA ILE A 23 -9.47 -16.51 -26.12
C ILE A 23 -9.17 -17.57 -25.07
N PRO A 24 -8.90 -18.79 -25.54
CA PRO A 24 -8.49 -19.83 -24.60
C PRO A 24 -7.04 -19.58 -24.23
N GLY A 25 -6.55 -20.31 -23.24
CA GLY A 25 -5.16 -20.14 -22.85
C GLY A 25 -4.20 -20.98 -23.65
N ASP A 26 -4.63 -22.21 -23.93
CA ASP A 26 -3.78 -23.21 -24.50
C ASP A 26 -3.83 -23.08 -26.02
N PRO A 27 -2.68 -22.84 -26.65
CA PRO A 27 -2.64 -22.80 -28.13
C PRO A 27 -3.31 -24.00 -28.79
N ALA A 28 -3.24 -25.18 -28.16
CA ALA A 28 -3.84 -26.38 -28.73
C ALA A 28 -5.36 -26.37 -28.72
N ARG A 29 -5.96 -25.51 -27.92
CA ARG A 29 -7.41 -25.44 -27.89
C ARG A 29 -7.93 -24.60 -29.04
N VAL A 30 -7.06 -23.81 -29.67
CA VAL A 30 -7.54 -22.83 -30.64
C VAL A 30 -8.22 -23.51 -31.82
N GLN A 31 -7.56 -24.50 -32.40
CA GLN A 31 -8.11 -25.19 -33.54
C GLN A 31 -9.37 -25.93 -33.12
N LYS A 32 -9.36 -26.53 -31.92
CA LYS A 32 -10.53 -27.25 -31.43
C LYS A 32 -11.76 -26.36 -31.33
N ILE A 33 -11.56 -25.14 -30.83
CA ILE A 33 -12.65 -24.18 -30.80
C ILE A 33 -13.07 -23.74 -32.18
N ALA A 34 -12.09 -23.44 -33.03
CA ALA A 34 -12.36 -22.96 -34.39
C ALA A 34 -13.18 -23.98 -35.17
N GLU A 35 -12.88 -25.26 -34.98
CA GLU A 35 -13.55 -26.34 -35.70
CA GLU A 35 -13.56 -26.31 -35.72
C GLU A 35 -15.00 -26.53 -35.24
N LEU A 36 -15.37 -25.93 -34.11
CA LEU A 36 -16.77 -25.99 -33.67
C LEU A 36 -17.59 -25.01 -34.50
N MET A 37 -16.89 -24.17 -35.25
CA MET A 37 -17.55 -23.18 -36.10
C MET A 37 -17.36 -23.53 -37.57
N ASP A 38 -17.76 -22.62 -38.45
CA ASP A 38 -17.71 -22.90 -39.87
C ASP A 38 -16.46 -22.37 -40.56
N ASN A 39 -15.96 -23.13 -41.53
CA ASN A 39 -14.79 -22.72 -42.31
C ASN A 39 -13.62 -22.18 -41.49
N PRO A 40 -13.16 -22.97 -40.50
CA PRO A 40 -12.03 -22.52 -39.69
C PRO A 40 -10.79 -22.38 -40.55
N VAL A 41 -10.06 -21.30 -40.32
CA VAL A 41 -8.86 -21.00 -41.07
C VAL A 41 -7.73 -20.69 -40.09
N PHE A 42 -6.62 -21.39 -40.24
CA PHE A 42 -5.44 -21.10 -39.44
C PHE A 42 -4.85 -19.79 -39.94
N LEU A 43 -4.59 -18.87 -39.02
CA LEU A 43 -4.01 -17.60 -39.41
C LEU A 43 -2.53 -17.49 -39.10
N ALA A 44 -2.16 -17.84 -37.88
CA ALA A 44 -0.79 -17.65 -37.45
C ALA A 44 -0.53 -18.41 -36.17
N SER A 45 0.72 -18.75 -35.94
CA SER A 45 1.14 -19.26 -34.65
C SER A 45 2.54 -18.76 -34.37
N HIS A 46 2.68 -18.06 -33.25
CA HIS A 46 3.94 -17.49 -32.83
C HIS A 46 3.88 -17.52 -31.32
N ARG A 47 4.94 -18.01 -30.67
CA ARG A 47 4.94 -18.07 -29.21
CA ARG A 47 4.97 -18.08 -29.21
C ARG A 47 3.70 -18.77 -28.71
N GLU A 48 3.07 -18.23 -27.66
CA GLU A 48 1.84 -18.84 -27.12
C GLU A 48 0.60 -18.43 -27.89
N TYR A 49 0.77 -17.73 -29.00
CA TYR A 49 -0.35 -17.15 -29.72
C TYR A 49 -0.63 -17.87 -31.02
N THR A 50 -1.63 -18.73 -30.97
CA THR A 50 -2.12 -19.41 -32.16
C THR A 50 -3.45 -18.73 -32.46
N VAL A 51 -3.62 -18.36 -33.73
CA VAL A 51 -4.75 -17.55 -34.12
C VAL A 51 -5.46 -18.22 -35.28
N TYR A 52 -6.76 -18.42 -35.13
CA TYR A 52 -7.60 -18.93 -36.19
C TYR A 52 -8.73 -17.96 -36.37
N ARG A 53 -9.38 -18.07 -37.52
CA ARG A 53 -10.64 -17.39 -37.75
C ARG A 53 -11.63 -18.47 -38.11
N ALA A 54 -12.90 -18.22 -37.83
CA ALA A 54 -13.94 -19.09 -38.33
C ALA A 54 -15.19 -18.26 -38.47
N GLU A 55 -16.24 -18.88 -38.98
CA GLU A 55 -17.50 -18.19 -39.15
C GLU A 55 -18.56 -18.81 -38.26
N LEU A 56 -19.32 -17.96 -37.60
CA LEU A 56 -20.36 -18.39 -36.69
C LEU A 56 -21.60 -17.66 -37.12
N ASP A 57 -22.60 -18.40 -37.61
CA ASP A 57 -23.80 -17.81 -38.16
C ASP A 57 -23.47 -16.71 -39.15
N GLY A 58 -22.46 -16.94 -39.98
CA GLY A 58 -22.12 -16.02 -41.04
C GLY A 58 -21.24 -14.86 -40.62
N GLN A 59 -20.86 -14.83 -39.35
CA GLN A 59 -19.99 -13.76 -38.89
C GLN A 59 -18.62 -14.30 -38.53
N SER A 60 -17.58 -13.55 -38.89
CA SER A 60 -16.23 -13.95 -38.55
C SER A 60 -15.98 -13.82 -37.06
N VAL A 61 -15.33 -14.84 -36.50
CA VAL A 61 -14.93 -14.88 -35.12
C VAL A 61 -13.47 -15.27 -35.11
N VAL A 62 -12.69 -14.63 -34.26
CA VAL A 62 -11.29 -14.99 -34.07
CA VAL A 62 -11.29 -15.00 -34.09
C VAL A 62 -11.17 -15.88 -32.85
N VAL A 63 -10.30 -16.88 -32.94
CA VAL A 63 -9.93 -17.65 -31.79
C VAL A 63 -8.44 -17.44 -31.62
N CYS A 64 -8.03 -17.01 -30.44
CA CYS A 64 -6.63 -16.67 -30.24
C CYS A 64 -6.24 -17.12 -28.86
N SER A 65 -5.20 -17.94 -28.75
CA SER A 65 -4.73 -18.33 -27.44
C SER A 65 -4.01 -17.18 -26.74
N THR A 66 -3.99 -17.25 -25.42
CA THR A 66 -3.43 -16.16 -24.62
C THR A 66 -2.12 -16.54 -23.95
N GLY A 67 -1.83 -17.84 -23.85
CA GLY A 67 -0.81 -18.29 -22.93
C GLY A 67 -1.35 -18.24 -21.52
N ILE A 68 -0.56 -18.69 -20.57
CA ILE A 68 -0.96 -18.61 -19.18
C ILE A 68 -0.59 -17.25 -18.62
N GLY A 69 -1.54 -16.64 -17.92
CA GLY A 69 -1.26 -15.45 -17.15
C GLY A 69 -1.69 -14.15 -17.78
N GLY A 70 -1.87 -13.16 -16.92
CA GLY A 70 -2.24 -11.84 -17.34
C GLY A 70 -1.33 -11.19 -18.35
N PRO A 71 -0.01 -11.29 -18.19
CA PRO A 71 0.84 -10.54 -19.12
C PRO A 71 0.66 -10.98 -20.55
N SER A 72 0.71 -12.27 -20.81
CA SER A 72 0.56 -12.69 -22.20
C SER A 72 -0.86 -12.47 -22.70
N THR A 73 -1.84 -12.60 -21.80
CA THR A 73 -3.22 -12.31 -22.13
C THR A 73 -3.38 -10.86 -22.54
N SER A 74 -2.77 -9.96 -21.80
CA SER A 74 -2.91 -8.53 -22.05
C SER A 74 -2.40 -8.16 -23.43
N ILE A 75 -1.31 -8.80 -23.86
CA ILE A 75 -0.79 -8.57 -25.19
C ILE A 75 -1.79 -9.00 -26.25
N ALA A 76 -2.35 -10.19 -26.07
CA ALA A 76 -3.29 -10.69 -27.07
C ALA A 76 -4.51 -9.80 -27.15
N VAL A 77 -5.03 -9.39 -26.00
CA VAL A 77 -6.24 -8.60 -26.01
C VAL A 77 -5.96 -7.25 -26.65
N GLU A 78 -4.85 -6.64 -26.30
CA GLU A 78 -4.52 -5.35 -26.87
C GLU A 78 -4.40 -5.46 -28.37
N GLU A 79 -3.65 -6.44 -28.83
CA GLU A 79 -3.37 -6.52 -30.25
C GLU A 79 -4.62 -6.89 -31.03
N LEU A 80 -5.45 -7.76 -30.48
CA LEU A 80 -6.74 -8.02 -31.09
C LEU A 80 -7.59 -6.76 -31.11
N ALA A 81 -7.58 -5.98 -30.04
CA ALA A 81 -8.35 -4.74 -30.03
C ALA A 81 -7.83 -3.77 -31.10
N GLN A 82 -6.52 -3.70 -31.26
CA GLN A 82 -5.95 -2.86 -32.32
C GLN A 82 -6.51 -3.27 -33.69
N LEU A 83 -6.82 -4.55 -33.84
CA LEU A 83 -7.29 -5.08 -35.10
C LEU A 83 -8.81 -5.13 -35.18
N GLY A 84 -9.49 -4.47 -34.24
CA GLY A 84 -10.92 -4.28 -34.31
C GLY A 84 -11.77 -5.15 -33.42
N VAL A 85 -11.14 -6.08 -32.68
CA VAL A 85 -11.90 -6.94 -31.80
C VAL A 85 -12.37 -6.15 -30.58
N ARG A 86 -13.64 -6.34 -30.23
CA ARG A 86 -14.24 -5.58 -29.14
C ARG A 86 -14.80 -6.43 -28.02
N THR A 87 -15.02 -7.70 -28.31
CA THR A 87 -15.62 -8.61 -27.35
C THR A 87 -14.72 -9.81 -27.20
N PHE A 88 -14.43 -10.18 -25.96
CA PHE A 88 -13.46 -11.22 -25.64
C PHE A 88 -14.10 -12.21 -24.74
N LEU A 89 -14.21 -13.45 -25.22
CA LEU A 89 -14.78 -14.51 -24.44
C LEU A 89 -13.71 -15.47 -24.02
N ARG A 90 -13.40 -15.44 -22.73
CA ARG A 90 -12.38 -16.28 -22.14
C ARG A 90 -12.98 -17.63 -21.76
N VAL A 91 -12.31 -18.71 -22.14
CA VAL A 91 -12.63 -20.04 -21.65
C VAL A 91 -11.34 -20.65 -21.13
N GLY A 92 -11.46 -21.49 -20.11
N GLY A 92 -11.44 -21.42 -20.06
CA GLY A 92 -10.32 -22.25 -19.67
CA GLY A 92 -10.25 -21.99 -19.45
C GLY A 92 -10.74 -23.25 -18.62
C GLY A 92 -10.60 -22.88 -18.27
N THR A 93 -9.73 -23.82 -17.97
CA THR A 93 -9.98 -24.75 -16.89
C THR A 93 -9.70 -24.06 -15.57
N THR A 94 -10.18 -24.65 -14.49
CA THR A 94 -10.08 -23.98 -13.22
C THR A 94 -10.09 -24.98 -12.09
N GLY A 95 -9.59 -24.55 -10.94
CA GLY A 95 -9.73 -25.35 -9.74
C GLY A 95 -10.78 -24.70 -8.86
N ALA A 96 -11.76 -25.47 -8.44
CA ALA A 96 -12.78 -24.94 -7.57
C ALA A 96 -12.26 -24.96 -6.15
N ILE A 97 -12.69 -24.00 -5.34
CA ILE A 97 -12.32 -24.07 -3.93
C ILE A 97 -13.49 -24.22 -3.01
N GLN A 98 -14.69 -24.30 -3.56
CA GLN A 98 -15.88 -24.56 -2.77
C GLN A 98 -16.21 -26.03 -2.86
N PRO A 99 -16.58 -26.63 -1.71
CA PRO A 99 -16.83 -28.08 -1.74
C PRO A 99 -18.02 -28.47 -2.59
N HIS A 100 -18.96 -27.54 -2.78
CA HIS A 100 -20.17 -27.88 -3.52
C HIS A 100 -20.02 -27.68 -5.02
N VAL A 101 -18.90 -27.11 -5.45
CA VAL A 101 -18.63 -26.96 -6.88
C VAL A 101 -17.87 -28.17 -7.36
N ASN A 102 -18.50 -28.96 -8.22
CA ASN A 102 -17.94 -30.23 -8.63
C ASN A 102 -17.12 -30.17 -9.90
N VAL A 103 -16.19 -31.11 -10.03
CA VAL A 103 -15.50 -31.32 -11.29
C VAL A 103 -16.56 -31.51 -12.37
N GLY A 104 -16.38 -30.81 -13.47
CA GLY A 104 -17.36 -30.85 -14.55
C GLY A 104 -18.33 -29.69 -14.53
N ASP A 105 -18.44 -29.03 -13.39
CA ASP A 105 -19.32 -27.85 -13.34
C ASP A 105 -18.66 -26.74 -14.11
N MET A 106 -19.45 -25.73 -14.44
CA MET A 106 -18.89 -24.55 -15.08
CA MET A 106 -18.97 -24.54 -15.13
C MET A 106 -19.10 -23.34 -14.21
N ILE A 107 -18.15 -22.43 -14.29
CA ILE A 107 -18.22 -21.19 -13.54
C ILE A 107 -18.22 -20.05 -14.52
N VAL A 108 -19.13 -19.10 -14.32
CA VAL A 108 -19.07 -17.85 -15.05
C VAL A 108 -18.73 -16.79 -14.01
N THR A 109 -17.62 -16.13 -14.26
CA THR A 109 -17.07 -15.20 -13.29
C THR A 109 -17.86 -13.91 -13.27
N THR A 110 -18.38 -13.53 -12.11
CA THR A 110 -19.07 -12.25 -11.97
C THR A 110 -18.12 -11.14 -11.52
N GLY A 111 -16.97 -11.53 -11.00
CA GLY A 111 -15.95 -10.57 -10.60
C GLY A 111 -14.74 -11.37 -10.20
N SER A 112 -13.57 -10.79 -10.37
CA SER A 112 -12.34 -11.45 -10.00
C SER A 112 -11.59 -10.79 -8.87
N VAL A 113 -11.10 -11.62 -7.95
CA VAL A 113 -10.14 -11.16 -6.98
C VAL A 113 -8.84 -10.95 -7.73
N ARG A 114 -8.32 -9.73 -7.65
CA ARG A 114 -7.19 -9.33 -8.46
C ARG A 114 -5.89 -9.70 -7.78
N LEU A 115 -5.52 -10.97 -7.93
CA LEU A 115 -4.27 -11.46 -7.36
C LEU A 115 -3.20 -11.49 -8.43
N ASP A 116 -3.30 -10.51 -9.32
CA ASP A 116 -2.43 -10.38 -10.47
C ASP A 116 -1.74 -9.03 -10.45
N GLY A 117 -0.76 -8.85 -11.32
CA GLY A 117 -0.13 -7.56 -11.49
C GLY A 117 -0.62 -6.78 -12.69
N ALA A 118 -0.99 -7.48 -13.76
CA ALA A 118 -1.26 -6.75 -14.99
C ALA A 118 -2.51 -5.90 -14.88
N SER A 119 -3.48 -6.33 -14.08
CA SER A 119 -4.70 -5.54 -13.97
C SER A 119 -4.37 -4.11 -13.51
N LEU A 120 -3.35 -3.98 -12.66
CA LEU A 120 -2.94 -2.69 -12.13
C LEU A 120 -2.33 -1.81 -13.20
N HIS A 121 -1.98 -2.39 -14.33
CA HIS A 121 -1.44 -1.60 -15.42
C HIS A 121 -2.56 -0.94 -16.22
N PHE A 122 -3.81 -1.25 -15.86
CA PHE A 122 -4.97 -0.67 -16.52
C PHE A 122 -5.85 0.12 -15.59
N ALA A 123 -5.91 -0.30 -14.34
CA ALA A 123 -6.77 0.37 -13.40
C ALA A 123 -6.22 0.12 -12.01
N PRO A 124 -6.37 1.08 -11.10
CA PRO A 124 -5.88 0.86 -9.75
C PRO A 124 -6.70 -0.22 -9.09
N MET A 125 -6.18 -0.77 -7.99
CA MET A 125 -6.76 -1.96 -7.40
C MET A 125 -8.21 -1.82 -6.99
N GLU A 126 -8.63 -0.59 -6.68
CA GLU A 126 -10.00 -0.30 -6.28
CA GLU A 126 -10.01 -0.39 -6.25
C GLU A 126 -11.01 -0.64 -7.37
N PHE A 127 -10.55 -0.62 -8.62
CA PHE A 127 -11.44 -0.86 -9.75
C PHE A 127 -11.85 -2.32 -9.79
N PRO A 128 -13.11 -2.60 -10.07
CA PRO A 128 -13.59 -3.99 -10.03
C PRO A 128 -13.24 -4.75 -11.30
N ALA A 129 -12.74 -5.97 -11.11
CA ALA A 129 -12.43 -6.85 -12.22
C ALA A 129 -13.71 -7.56 -12.57
N VAL A 130 -14.55 -6.88 -13.33
CA VAL A 130 -15.88 -7.42 -13.59
CA VAL A 130 -15.93 -7.29 -13.59
C VAL A 130 -16.12 -7.55 -15.07
N PRO A 131 -16.90 -8.57 -15.43
CA PRO A 131 -17.21 -8.82 -16.84
C PRO A 131 -18.24 -7.84 -17.33
N ASP A 132 -18.27 -7.68 -18.64
CA ASP A 132 -19.38 -7.04 -19.29
C ASP A 132 -20.64 -7.83 -18.99
N PHE A 133 -21.71 -7.12 -18.65
CA PHE A 133 -22.93 -7.78 -18.21
C PHE A 133 -23.55 -8.63 -19.33
N ASP A 134 -23.51 -8.14 -20.57
CA ASP A 134 -24.05 -8.92 -21.67
C ASP A 134 -23.23 -10.19 -21.86
N VAL A 135 -21.92 -10.10 -21.76
CA VAL A 135 -21.12 -11.31 -21.95
C VAL A 135 -21.37 -12.29 -20.83
N ALA A 136 -21.43 -11.80 -19.59
CA ALA A 136 -21.70 -12.69 -18.47
C ALA A 136 -23.06 -13.36 -18.64
N THR A 137 -24.02 -12.58 -19.11
CA THR A 137 -25.37 -13.07 -19.33
C THR A 137 -25.38 -14.14 -20.42
N ALA A 138 -24.66 -13.90 -21.50
CA ALA A 138 -24.56 -14.85 -22.60
C ALA A 138 -23.86 -16.13 -22.17
N MET A 139 -22.81 -15.99 -21.38
CA MET A 139 -22.10 -17.15 -20.91
C MET A 139 -22.96 -17.96 -19.96
N LYS A 140 -23.67 -17.29 -19.07
CA LYS A 140 -24.56 -17.99 -18.16
CA LYS A 140 -24.54 -18.04 -18.17
C LYS A 140 -25.60 -18.78 -18.96
N ALA A 141 -26.18 -18.12 -19.96
CA ALA A 141 -27.23 -18.73 -20.77
C ALA A 141 -26.67 -19.89 -21.55
N ALA A 142 -25.51 -19.71 -22.16
CA ALA A 142 -24.95 -20.79 -22.94
C ALA A 142 -24.59 -21.95 -22.04
N ALA A 143 -24.04 -21.64 -20.89
CA ALA A 143 -23.63 -22.70 -19.97
C ALA A 143 -24.84 -23.45 -19.46
N GLN A 144 -25.88 -22.72 -19.07
CA GLN A 144 -27.08 -23.37 -18.56
C GLN A 144 -27.80 -24.14 -19.64
N GLU A 145 -27.93 -23.55 -20.81
CA GLU A 145 -28.61 -24.24 -21.92
C GLU A 145 -27.90 -25.52 -22.28
N SER A 146 -26.59 -25.62 -22.03
CA SER A 146 -25.87 -26.83 -22.40
C SER A 146 -26.22 -27.99 -21.49
N GLY A 147 -26.87 -27.71 -20.37
CA GLY A 147 -27.20 -28.74 -19.41
C GLY A 147 -26.19 -28.82 -18.28
N ALA A 148 -25.16 -27.99 -18.37
CA ALA A 148 -24.16 -27.97 -17.33
C ALA A 148 -24.69 -27.45 -16.00
N THR A 149 -24.03 -27.81 -14.93
CA THR A 149 -24.29 -27.18 -13.66
C THR A 149 -23.39 -25.95 -13.61
N VAL A 150 -23.99 -24.79 -13.40
CA VAL A 150 -23.30 -23.53 -13.61
C VAL A 150 -23.32 -22.71 -12.33
N HIS A 151 -22.18 -22.14 -11.99
CA HIS A 151 -22.08 -21.27 -10.83
C HIS A 151 -21.67 -19.91 -11.30
N MET A 152 -22.39 -18.90 -10.83
CA MET A 152 -22.01 -17.52 -11.06
C MET A 152 -21.35 -17.06 -9.78
N GLY A 153 -20.20 -16.43 -9.90
CA GLY A 153 -19.61 -15.89 -8.70
C GLY A 153 -18.19 -15.43 -8.91
N VAL A 154 -17.55 -15.22 -7.78
CA VAL A 154 -16.25 -14.59 -7.72
C VAL A 154 -15.16 -15.60 -7.95
N THR A 155 -14.20 -15.19 -8.77
CA THR A 155 -13.04 -16.01 -9.10
C THR A 155 -11.78 -15.34 -8.58
N ALA A 156 -10.93 -16.10 -7.91
CA ALA A 156 -9.62 -15.63 -7.48
C ALA A 156 -8.65 -15.83 -8.63
N SER A 157 -8.09 -14.74 -9.11
CA SER A 157 -7.27 -14.78 -10.31
C SER A 157 -5.83 -14.41 -9.97
N SER A 158 -4.98 -15.42 -10.06
CA SER A 158 -3.65 -15.39 -9.47
C SER A 158 -2.56 -15.34 -10.54
N ASP A 159 -1.53 -14.53 -10.26
CA ASP A 159 -0.35 -14.50 -11.11
C ASP A 159 0.50 -15.74 -10.97
N THR A 160 0.20 -16.60 -10.02
CA THR A 160 0.90 -17.88 -9.95
C THR A 160 -0.07 -19.04 -9.86
N PHE A 161 0.38 -20.19 -10.33
CA PHE A 161 -0.36 -21.43 -10.19
C PHE A 161 -0.12 -22.02 -8.81
N TYR A 162 1.07 -21.78 -8.28
CA TYR A 162 1.49 -22.47 -7.06
C TYR A 162 1.25 -21.65 -5.77
N PRO A 163 2.14 -20.70 -5.40
CA PRO A 163 1.88 -20.12 -4.09
C PRO A 163 0.62 -19.25 -4.04
N GLY A 164 0.29 -18.56 -5.13
CA GLY A 164 -0.90 -17.72 -5.14
C GLY A 164 -2.20 -18.49 -5.13
N GLN A 165 -2.13 -19.79 -5.35
CA GLN A 165 -3.30 -20.65 -5.19
C GLN A 165 -3.08 -21.54 -3.98
N GLU A 166 -2.16 -21.10 -3.14
CA GLU A 166 -1.79 -21.78 -1.91
C GLU A 166 -1.56 -23.28 -2.03
N ARG A 167 -0.81 -23.64 -3.05
CA ARG A 167 -0.33 -25.00 -3.18
C ARG A 167 0.94 -25.19 -2.39
N TYR A 168 1.05 -26.31 -1.69
CA TYR A 168 2.24 -26.61 -0.88
C TYR A 168 3.06 -27.75 -1.42
N ASP A 169 2.51 -28.52 -2.37
CA ASP A 169 3.27 -29.65 -2.88
C ASP A 169 4.20 -29.12 -3.95
N THR A 170 5.21 -28.38 -3.48
CA THR A 170 6.03 -27.58 -4.36
C THR A 170 7.47 -27.75 -3.91
N PHE A 171 8.36 -27.17 -4.68
CA PHE A 171 9.77 -27.23 -4.35
C PHE A 171 10.11 -26.69 -2.97
N THR A 172 9.65 -25.48 -2.65
CA THR A 172 9.93 -24.94 -1.33
C THR A 172 8.95 -25.43 -0.29
N GLY A 173 7.76 -25.82 -0.71
CA GLY A 173 6.75 -26.27 0.24
C GLY A 173 6.32 -25.16 1.17
N ARG A 174 6.52 -23.92 0.74
CA ARG A 174 6.05 -22.83 1.57
CA ARG A 174 6.29 -22.73 1.53
C ARG A 174 5.43 -21.76 0.72
N VAL A 175 4.69 -20.91 1.37
CA VAL A 175 3.93 -19.87 0.73
C VAL A 175 4.14 -18.59 1.52
N VAL A 176 4.36 -17.50 0.79
CA VAL A 176 4.64 -16.20 1.38
C VAL A 176 3.46 -15.78 2.28
N ARG A 177 3.74 -14.96 3.27
CA ARG A 177 2.75 -14.52 4.24
C ARG A 177 1.41 -14.16 3.62
N ARG A 178 1.44 -13.36 2.56
CA ARG A 178 0.24 -12.86 1.95
C ARG A 178 -0.70 -14.01 1.58
N PHE A 179 -0.13 -15.13 1.17
CA PHE A 179 -0.94 -16.20 0.64
C PHE A 179 -1.15 -17.34 1.62
N GLN A 180 -0.48 -17.30 2.77
N GLN A 180 -0.47 -17.31 2.76
CA GLN A 180 -0.73 -18.32 3.78
CA GLN A 180 -0.75 -18.31 3.76
C GLN A 180 -2.13 -18.16 4.33
C GLN A 180 -2.18 -18.14 4.26
N GLY A 181 -2.91 -19.24 4.30
CA GLY A 181 -4.28 -19.22 4.74
C GLY A 181 -5.22 -18.60 3.74
N SER A 182 -4.71 -18.23 2.56
CA SER A 182 -5.54 -17.46 1.64
C SER A 182 -6.64 -18.32 1.03
N MET A 183 -6.37 -19.59 0.79
CA MET A 183 -7.40 -20.40 0.18
CA MET A 183 -7.35 -20.51 0.25
C MET A 183 -8.62 -20.50 1.09
N LYS A 184 -8.40 -20.67 2.39
CA LYS A 184 -9.49 -20.75 3.32
C LYS A 184 -10.20 -19.41 3.39
N GLU A 185 -9.43 -18.33 3.32
CA GLU A 185 -10.01 -17.00 3.33
CA GLU A 185 -10.04 -17.01 3.34
C GLU A 185 -10.94 -16.80 2.13
N TRP A 186 -10.44 -17.13 0.95
CA TRP A 186 -11.30 -16.98 -0.21
C TRP A 186 -12.50 -17.92 -0.11
N GLN A 187 -12.27 -19.12 0.40
CA GLN A 187 -13.37 -20.04 0.56
C GLN A 187 -14.42 -19.46 1.48
N ASP A 188 -13.99 -18.92 2.60
CA ASP A 188 -14.88 -18.27 3.55
C ASP A 188 -15.66 -17.13 2.90
N MET A 189 -15.00 -16.42 1.99
CA MET A 189 -15.59 -15.27 1.33
C MET A 189 -16.45 -15.67 0.15
N GLY A 190 -16.62 -16.96 -0.07
CA GLY A 190 -17.50 -17.43 -1.12
C GLY A 190 -16.91 -17.45 -2.51
N VAL A 191 -15.60 -17.28 -2.62
CA VAL A 191 -14.93 -17.33 -3.90
C VAL A 191 -15.05 -18.74 -4.44
N LEU A 192 -15.30 -18.87 -5.74
CA LEU A 192 -15.64 -20.17 -6.31
C LEU A 192 -14.41 -20.95 -6.74
N ASN A 193 -13.41 -20.25 -7.27
CA ASN A 193 -12.39 -20.94 -8.04
C ASN A 193 -11.17 -20.10 -8.21
N PHE A 194 -10.09 -20.77 -8.61
CA PHE A 194 -8.84 -20.12 -8.99
C PHE A 194 -8.59 -20.28 -10.48
N GLU A 195 -8.16 -19.20 -11.13
CA GLU A 195 -7.49 -19.31 -12.40
C GLU A 195 -6.48 -18.17 -12.47
N MET A 196 -5.97 -17.82 -13.65
CA MET A 196 -4.78 -16.96 -13.71
C MET A 196 -4.88 -15.79 -14.66
N GLU A 197 -6.04 -15.60 -15.30
CA GLU A 197 -6.13 -14.61 -16.36
C GLU A 197 -7.30 -13.65 -16.23
N SER A 198 -8.34 -14.04 -15.51
CA SER A 198 -9.56 -13.24 -15.50
C SER A 198 -9.36 -11.86 -14.89
N ALA A 199 -8.58 -11.72 -13.84
CA ALA A 199 -8.40 -10.39 -13.26
C ALA A 199 -7.82 -9.44 -14.27
N THR A 200 -6.79 -9.88 -14.98
CA THR A 200 -6.19 -9.04 -15.98
C THR A 200 -7.18 -8.75 -17.09
N LEU A 201 -7.80 -9.79 -17.61
CA LEU A 201 -8.69 -9.64 -18.75
C LEU A 201 -9.86 -8.74 -18.41
N LEU A 202 -10.49 -9.02 -17.28
CA LEU A 202 -11.70 -8.28 -16.96
C LEU A 202 -11.38 -6.84 -16.62
N THR A 203 -10.32 -6.61 -15.87
CA THR A 203 -9.97 -5.23 -15.54
C THR A 203 -9.56 -4.46 -16.77
N MET A 204 -8.69 -5.05 -17.56
CA MET A 204 -8.25 -4.42 -18.78
CA MET A 204 -8.26 -4.37 -18.76
C MET A 204 -9.45 -4.03 -19.66
N CYS A 205 -10.36 -4.97 -19.83
CA CYS A 205 -11.46 -4.71 -20.74
C CYS A 205 -12.48 -3.76 -20.17
N ALA A 206 -12.82 -3.93 -18.90
CA ALA A 206 -13.84 -3.08 -18.26
C ALA A 206 -13.39 -1.64 -18.19
N SER A 207 -12.08 -1.40 -18.21
CA SER A 207 -11.55 -0.04 -18.14
C SER A 207 -11.14 0.48 -19.51
N SER A 208 -11.35 -0.30 -20.57
CA SER A 208 -10.87 0.08 -21.89
C SER A 208 -11.96 0.03 -22.95
N GLY A 209 -13.21 -0.07 -22.52
CA GLY A 209 -14.32 -0.09 -23.48
C GLY A 209 -14.39 -1.35 -24.31
N LEU A 210 -13.89 -2.45 -23.76
CA LEU A 210 -13.98 -3.75 -24.40
C LEU A 210 -14.91 -4.61 -23.56
N LYS A 211 -15.65 -5.50 -24.20
CA LYS A 211 -16.54 -6.39 -23.49
CA LYS A 211 -16.56 -6.40 -23.51
C LYS A 211 -15.88 -7.73 -23.30
N ALA A 212 -15.85 -8.20 -22.06
CA ALA A 212 -15.22 -9.47 -21.74
C ALA A 212 -15.99 -10.25 -20.72
N GLY A 213 -15.77 -11.54 -20.74
CA GLY A 213 -16.29 -12.41 -19.72
C GLY A 213 -15.49 -13.67 -19.73
N CYS A 214 -15.66 -14.46 -18.68
CA CYS A 214 -14.90 -15.69 -18.49
C CYS A 214 -15.83 -16.79 -18.09
N VAL A 215 -15.65 -17.92 -18.75
CA VAL A 215 -16.29 -19.15 -18.31
C VAL A 215 -15.19 -20.18 -18.12
N ALA A 216 -15.37 -21.07 -17.16
CA ALA A 216 -14.34 -22.02 -16.85
C ALA A 216 -14.95 -23.36 -16.52
N GLY A 217 -14.28 -24.42 -16.96
CA GLY A 217 -14.66 -25.76 -16.56
C GLY A 217 -13.85 -26.20 -15.38
N VAL A 218 -14.52 -26.73 -14.37
CA VAL A 218 -13.85 -27.14 -13.15
C VAL A 218 -13.22 -28.50 -13.36
N ILE A 219 -11.90 -28.59 -13.22
CA ILE A 219 -11.26 -29.89 -13.43
C ILE A 219 -10.65 -30.45 -12.17
N ILE A 220 -10.66 -29.66 -11.11
CA ILE A 220 -10.21 -30.15 -9.83
C ILE A 220 -10.95 -29.37 -8.79
N ASN A 221 -11.20 -30.03 -7.66
CA ASN A 221 -11.69 -29.35 -6.50
C ASN A 221 -10.58 -29.31 -5.45
N ARG A 222 -10.15 -28.12 -5.11
CA ARG A 222 -9.03 -27.94 -4.20
C ARG A 222 -9.32 -28.31 -2.76
N THR A 223 -10.58 -28.58 -2.44
CA THR A 223 -10.85 -29.15 -1.12
C THR A 223 -10.48 -30.63 -1.11
N GLN A 224 -10.31 -31.20 -2.31
CA GLN A 224 -10.01 -32.62 -2.46
C GLN A 224 -8.52 -32.88 -2.60
N LYS A 225 -7.82 -32.10 -3.42
CA LYS A 225 -6.40 -32.34 -3.64
C LYS A 225 -5.84 -31.12 -4.35
N GLU A 226 -4.52 -31.09 -4.52
CA GLU A 226 -3.87 -29.91 -5.11
C GLU A 226 -3.71 -29.95 -6.61
N ILE A 227 -3.37 -31.10 -7.18
CA ILE A 227 -3.07 -31.09 -8.60
C ILE A 227 -3.91 -32.06 -9.39
N PRO A 228 -4.35 -31.64 -10.59
CA PRO A 228 -5.15 -32.56 -11.40
C PRO A 228 -4.26 -33.65 -12.00
N GLU A 235 -16.52 -34.76 -21.51
CA GLU A 235 -15.29 -34.28 -20.88
C GLU A 235 -15.33 -32.78 -20.70
N THR A 236 -14.81 -32.33 -19.57
CA THR A 236 -14.99 -30.95 -19.12
C THR A 236 -14.54 -29.93 -20.15
N GLU A 237 -13.30 -30.07 -20.62
CA GLU A 237 -12.75 -29.12 -21.57
C GLU A 237 -13.57 -29.05 -22.87
N ALA A 238 -13.98 -30.21 -23.37
CA ALA A 238 -14.78 -30.25 -24.59
C ALA A 238 -16.14 -29.55 -24.39
N ARG A 239 -16.72 -29.74 -23.22
CA ARG A 239 -17.99 -29.11 -22.93
C ARG A 239 -17.85 -27.60 -22.80
N SER A 240 -16.77 -27.17 -22.15
CA SER A 240 -16.52 -25.75 -21.95
CA SER A 240 -16.57 -25.74 -21.95
C SER A 240 -16.41 -25.00 -23.27
N ILE A 241 -15.76 -25.61 -24.25
CA ILE A 241 -15.57 -24.89 -25.50
C ILE A 241 -16.85 -24.85 -26.34
N LYS A 242 -17.68 -25.88 -26.22
CA LYS A 242 -18.98 -25.79 -26.86
C LYS A 242 -19.77 -24.65 -26.21
N VAL A 243 -19.65 -24.52 -24.90
CA VAL A 243 -20.36 -23.45 -24.22
C VAL A 243 -19.88 -22.08 -24.67
N VAL A 244 -18.58 -21.89 -24.81
CA VAL A 244 -18.09 -20.57 -25.15
C VAL A 244 -18.46 -20.20 -26.58
N VAL A 245 -18.52 -21.19 -27.48
CA VAL A 245 -18.94 -20.92 -28.84
C VAL A 245 -20.42 -20.53 -28.86
N GLU A 246 -21.24 -21.20 -28.06
CA GLU A 246 -22.64 -20.81 -27.96
CA GLU A 246 -22.63 -20.79 -28.00
C GLU A 246 -22.78 -19.43 -27.32
N ALA A 247 -21.90 -19.12 -26.37
CA ALA A 247 -21.91 -17.78 -25.79
C ALA A 247 -21.59 -16.75 -26.87
N ALA A 248 -20.64 -17.08 -27.74
CA ALA A 248 -20.28 -16.19 -28.83
C ALA A 248 -21.47 -16.02 -29.74
N ARG A 249 -22.19 -17.10 -30.00
CA ARG A 249 -23.36 -17.02 -30.87
C ARG A 249 -24.35 -16.03 -30.27
N LYS A 250 -24.51 -16.07 -28.95
CA LYS A 250 -25.46 -15.18 -28.29
C LYS A 250 -25.00 -13.73 -28.34
N MET A 251 -23.69 -13.51 -28.41
CA MET A 251 -23.17 -12.15 -28.42
C MET A 251 -23.23 -11.54 -29.82
N LEU A 252 -23.35 -12.37 -30.85
CA LEU A 252 -23.37 -11.87 -32.21
C LEU A 252 -24.61 -11.02 -32.43
N LYS A 253 -24.41 -9.86 -33.07
CA LYS A 253 -25.48 -8.89 -33.31
C LYS A 253 -25.84 -8.81 -34.78
N THR B 2 9.16 -39.47 -9.70
CA THR B 2 8.54 -40.35 -10.68
C THR B 2 7.40 -39.64 -11.39
N LYS B 3 6.88 -38.60 -10.75
CA LYS B 3 5.73 -37.90 -11.28
C LYS B 3 6.08 -37.12 -12.53
N THR B 4 5.06 -36.83 -13.31
CA THR B 4 5.19 -35.97 -14.47
C THR B 4 4.61 -34.64 -14.05
N VAL B 5 5.39 -33.57 -14.13
CA VAL B 5 4.90 -32.27 -13.70
C VAL B 5 3.75 -31.82 -14.59
N PHE B 6 2.82 -31.10 -13.99
CA PHE B 6 1.53 -30.86 -14.59
C PHE B 6 1.56 -30.09 -15.89
N HIS B 7 2.33 -29.02 -15.93
CA HIS B 7 2.37 -28.20 -17.13
C HIS B 7 3.44 -28.61 -18.10
N LEU B 8 4.65 -28.86 -17.60
CA LEU B 8 5.77 -29.12 -18.49
CA LEU B 8 5.79 -29.13 -18.48
C LEU B 8 5.77 -30.53 -19.07
N GLY B 9 5.05 -31.44 -18.44
CA GLY B 9 4.88 -32.77 -18.99
C GLY B 9 6.14 -33.61 -19.04
N VAL B 10 7.07 -33.30 -18.14
CA VAL B 10 8.30 -34.07 -18.07
C VAL B 10 8.48 -34.67 -16.68
N THR B 11 9.31 -35.71 -16.60
CA THR B 11 9.65 -36.32 -15.31
C THR B 11 11.06 -35.94 -14.92
N GLU B 12 11.44 -36.25 -13.69
CA GLU B 12 12.81 -36.00 -13.28
C GLU B 12 13.77 -36.84 -14.13
N ALA B 13 13.42 -38.09 -14.37
CA ALA B 13 14.29 -38.94 -15.17
C ALA B 13 14.52 -38.36 -16.56
N ASP B 14 13.52 -37.69 -17.12
CA ASP B 14 13.66 -37.05 -18.44
C ASP B 14 14.78 -36.05 -18.51
N LEU B 15 15.10 -35.45 -17.38
CA LEU B 15 16.09 -34.37 -17.35
C LEU B 15 17.50 -34.90 -17.24
N ASN B 16 17.64 -36.19 -17.03
CA ASN B 16 18.95 -36.86 -16.97
CA ASN B 16 18.97 -36.80 -17.05
C ASN B 16 19.93 -36.17 -16.03
N GLY B 17 19.42 -35.76 -14.89
CA GLY B 17 20.27 -35.21 -13.85
C GLY B 17 20.54 -33.72 -13.97
N ALA B 18 19.87 -33.04 -14.89
CA ALA B 18 20.15 -31.62 -15.10
C ALA B 18 19.85 -30.82 -13.85
N THR B 19 20.77 -29.94 -13.48
CA THR B 19 20.49 -29.03 -12.37
C THR B 19 20.47 -27.59 -12.84
N LEU B 20 20.65 -27.39 -14.13
CA LEU B 20 20.65 -26.06 -14.70
C LEU B 20 19.71 -26.03 -15.89
N ALA B 21 18.94 -24.96 -15.97
CA ALA B 21 18.05 -24.75 -17.09
C ALA B 21 18.32 -23.42 -17.72
N ILE B 22 18.25 -23.39 -19.05
CA ILE B 22 18.23 -22.14 -19.77
C ILE B 22 16.78 -21.92 -20.16
N ILE B 23 16.28 -20.73 -19.88
CA ILE B 23 14.86 -20.48 -19.99
C ILE B 23 14.55 -19.27 -20.86
N PRO B 24 14.51 -19.48 -22.18
CA PRO B 24 14.11 -18.40 -23.08
C PRO B 24 12.61 -18.21 -22.98
N GLY B 25 12.13 -17.16 -23.61
CA GLY B 25 10.71 -16.87 -23.60
C GLY B 25 9.94 -17.60 -24.68
N ASP B 26 10.51 -17.61 -25.87
CA ASP B 26 9.86 -18.14 -27.05
C ASP B 26 10.12 -19.64 -27.18
N PRO B 27 9.06 -20.45 -27.22
CA PRO B 27 9.24 -21.90 -27.44
C PRO B 27 10.08 -22.24 -28.66
N ALA B 28 9.98 -21.43 -29.71
CA ALA B 28 10.77 -21.66 -30.91
C ALA B 28 12.29 -21.54 -30.69
N ARG B 29 12.68 -20.83 -29.64
CA ARG B 29 14.09 -20.60 -29.37
CA ARG B 29 14.10 -20.62 -29.39
C ARG B 29 14.72 -21.77 -28.61
N VAL B 30 13.87 -22.65 -28.09
CA VAL B 30 14.36 -23.75 -27.27
C VAL B 30 15.29 -24.68 -28.03
N GLN B 31 14.84 -25.13 -29.20
CA GLN B 31 15.68 -25.98 -30.01
C GLN B 31 16.95 -25.25 -30.41
N LYS B 32 16.83 -23.96 -30.69
CA LYS B 32 17.96 -23.17 -31.15
C LYS B 32 19.04 -23.13 -30.09
N ILE B 33 18.64 -22.98 -28.83
CA ILE B 33 19.60 -23.00 -27.75
C ILE B 33 20.14 -24.41 -27.57
N ALA B 34 19.25 -25.40 -27.59
CA ALA B 34 19.65 -26.77 -27.31
C ALA B 34 20.70 -27.26 -28.31
N GLU B 35 20.58 -26.84 -29.56
CA GLU B 35 21.49 -27.36 -30.57
C GLU B 35 22.89 -26.73 -30.47
N LEU B 36 23.05 -25.72 -29.62
CA LEU B 36 24.39 -25.19 -29.35
C LEU B 36 25.11 -26.11 -28.40
N MET B 37 24.38 -27.07 -27.84
CA MET B 37 24.99 -28.01 -26.92
C MET B 37 25.01 -29.41 -27.54
N ASP B 38 25.48 -30.39 -26.79
CA ASP B 38 25.58 -31.75 -27.33
C ASP B 38 24.33 -32.55 -27.09
N ASN B 39 24.05 -33.45 -28.02
CA ASN B 39 22.94 -34.39 -27.87
C ASN B 39 21.60 -33.77 -27.49
N PRO B 40 21.19 -32.69 -28.18
CA PRO B 40 19.89 -32.10 -27.86
C PRO B 40 18.79 -33.10 -28.14
N VAL B 41 17.86 -33.20 -27.20
CA VAL B 41 16.72 -34.08 -27.36
C VAL B 41 15.46 -33.35 -26.93
N PHE B 42 14.48 -33.37 -27.80
CA PHE B 42 13.15 -32.85 -27.49
C PHE B 42 12.51 -33.71 -26.40
N LEU B 43 12.01 -33.06 -25.36
CA LEU B 43 11.33 -33.79 -24.27
C LEU B 43 9.82 -33.66 -24.36
N ALA B 44 9.34 -32.44 -24.52
CA ALA B 44 7.91 -32.20 -24.46
C ALA B 44 7.59 -30.83 -24.96
N SER B 45 6.38 -30.67 -25.45
CA SER B 45 5.87 -29.35 -25.73
C SER B 45 4.40 -29.35 -25.35
N HIS B 46 4.05 -28.46 -24.41
CA HIS B 46 2.69 -28.26 -24.00
CA HIS B 46 2.69 -28.27 -24.01
C HIS B 46 2.54 -26.78 -23.79
N ARG B 47 1.46 -26.21 -24.29
CA ARG B 47 1.24 -24.79 -24.13
CA ARG B 47 1.25 -24.78 -24.13
C ARG B 47 2.49 -24.02 -24.57
N GLU B 48 2.91 -23.03 -23.79
CA GLU B 48 4.08 -22.25 -24.17
C GLU B 48 5.39 -22.88 -23.75
N TYR B 49 5.32 -24.12 -23.27
CA TYR B 49 6.46 -24.78 -22.69
C TYR B 49 7.01 -25.86 -23.59
N THR B 50 8.09 -25.53 -24.25
CA THR B 50 8.81 -26.50 -25.04
C THR B 50 10.07 -26.79 -24.26
N VAL B 51 10.34 -28.07 -24.08
CA VAL B 51 11.40 -28.52 -23.22
C VAL B 51 12.33 -29.45 -23.97
N TYR B 52 13.61 -29.13 -23.94
CA TYR B 52 14.65 -30.00 -24.48
C TYR B 52 15.66 -30.27 -23.39
N ARG B 53 16.40 -31.35 -23.58
CA ARG B 53 17.57 -31.62 -22.77
CA ARG B 53 17.58 -31.59 -22.76
C ARG B 53 18.78 -31.59 -23.70
N ALA B 54 19.94 -31.25 -23.18
CA ALA B 54 21.15 -31.35 -23.96
C ALA B 54 22.27 -31.55 -22.98
N GLU B 55 23.48 -31.63 -23.51
CA GLU B 55 24.62 -31.87 -22.67
C GLU B 55 25.66 -30.83 -22.94
N LEU B 56 26.21 -30.31 -21.86
CA LEU B 56 27.18 -29.24 -21.96
C LEU B 56 28.36 -29.67 -21.14
N ASP B 57 29.51 -29.87 -21.80
CA ASP B 57 30.69 -30.38 -21.12
C ASP B 57 30.35 -31.64 -20.33
N GLY B 58 29.49 -32.46 -20.90
CA GLY B 58 29.16 -33.76 -20.32
C GLY B 58 28.08 -33.69 -19.26
N GLN B 59 27.58 -32.49 -18.99
CA GLN B 59 26.54 -32.35 -17.99
C GLN B 59 25.20 -32.03 -18.59
N SER B 60 24.15 -32.62 -18.05
CA SER B 60 22.80 -32.40 -18.54
CA SER B 60 22.81 -32.39 -18.57
C SER B 60 22.33 -30.98 -18.28
N VAL B 61 21.72 -30.37 -19.28
CA VAL B 61 21.16 -29.03 -19.20
C VAL B 61 19.75 -29.12 -19.80
N VAL B 62 18.82 -28.42 -19.17
CA VAL B 62 17.46 -28.34 -19.71
C VAL B 62 17.31 -26.98 -20.38
N VAL B 63 16.60 -26.97 -21.50
CA VAL B 63 16.18 -25.72 -22.10
C VAL B 63 14.67 -25.75 -22.09
N CYS B 64 14.06 -24.72 -21.53
CA CYS B 64 12.62 -24.74 -21.40
C CYS B 64 12.11 -23.34 -21.60
N SER B 65 11.16 -23.18 -22.52
CA SER B 65 10.62 -21.86 -22.73
C SER B 65 9.65 -21.49 -21.60
N THR B 66 9.44 -20.20 -21.42
CA THR B 66 8.62 -19.71 -20.33
C THR B 66 7.32 -19.11 -20.76
N GLY B 67 7.20 -18.77 -22.04
CA GLY B 67 6.12 -17.89 -22.47
C GLY B 67 6.43 -16.47 -22.01
N ILE B 68 5.51 -15.56 -22.32
CA ILE B 68 5.68 -14.17 -21.94
C ILE B 68 5.07 -13.98 -20.56
N GLY B 69 5.84 -13.39 -19.65
CA GLY B 69 5.31 -12.95 -18.40
C GLY B 69 5.70 -13.79 -17.22
N GLY B 70 5.69 -13.14 -16.06
CA GLY B 70 6.01 -13.83 -14.84
C GLY B 70 5.15 -15.03 -14.51
N PRO B 71 3.83 -14.94 -14.75
CA PRO B 71 3.02 -16.09 -14.35
C PRO B 71 3.43 -17.36 -15.05
N SER B 72 3.58 -17.34 -16.35
CA SER B 72 3.95 -18.57 -17.03
C SER B 72 5.39 -18.95 -16.71
N THR B 73 6.26 -17.96 -16.50
CA THR B 73 7.62 -18.23 -16.09
C THR B 73 7.65 -18.94 -14.75
N SER B 74 6.85 -18.47 -13.81
CA SER B 74 6.83 -19.06 -12.47
C SER B 74 6.49 -20.54 -12.47
N ILE B 75 5.61 -20.95 -13.37
CA ILE B 75 5.22 -22.35 -13.47
C ILE B 75 6.41 -23.17 -13.94
N ALA B 76 7.09 -22.69 -14.98
CA ALA B 76 8.18 -23.46 -15.54
C ALA B 76 9.29 -23.60 -14.51
N VAL B 77 9.58 -22.51 -13.81
CA VAL B 77 10.69 -22.55 -12.88
C VAL B 77 10.32 -23.49 -11.75
N GLU B 78 9.11 -23.38 -11.25
CA GLU B 78 8.68 -24.26 -10.16
C GLU B 78 8.74 -25.72 -10.54
N GLU B 79 8.19 -26.06 -11.69
CA GLU B 79 8.11 -27.46 -12.07
C GLU B 79 9.49 -28.00 -12.38
N LEU B 80 10.36 -27.19 -12.97
CA LEU B 80 11.74 -27.61 -13.13
C LEU B 80 12.43 -27.79 -11.80
N ALA B 81 12.14 -26.91 -10.87
CA ALA B 81 12.77 -27.04 -9.56
C ALA B 81 12.30 -28.31 -8.85
N GLN B 82 11.03 -28.67 -9.04
CA GLN B 82 10.52 -29.91 -8.47
C GLN B 82 11.32 -31.07 -8.99
N LEU B 83 11.86 -30.92 -10.19
CA LEU B 83 12.55 -32.00 -10.86
C LEU B 83 14.06 -31.88 -10.74
N GLY B 84 14.50 -31.00 -9.84
CA GLY B 84 15.90 -30.97 -9.45
C GLY B 84 16.69 -29.81 -10.03
N VAL B 85 16.07 -28.98 -10.85
CA VAL B 85 16.81 -27.86 -11.40
C VAL B 85 16.99 -26.78 -10.33
N ARG B 86 18.21 -26.27 -10.22
CA ARG B 86 18.52 -25.30 -9.17
C ARG B 86 19.04 -23.98 -9.71
N THR B 87 19.45 -23.98 -10.98
CA THR B 87 20.00 -22.79 -11.59
C THR B 87 19.25 -22.49 -12.86
N PHE B 88 18.86 -21.24 -13.02
CA PHE B 88 18.02 -20.81 -14.13
C PHE B 88 18.64 -19.64 -14.81
N LEU B 89 18.98 -19.82 -16.08
CA LEU B 89 19.57 -18.73 -16.86
C LEU B 89 18.56 -18.24 -17.85
N ARG B 90 18.09 -17.02 -17.63
CA ARG B 90 17.14 -16.39 -18.52
C ARG B 90 17.86 -15.67 -19.64
N VAL B 91 17.41 -15.93 -20.87
CA VAL B 91 17.83 -15.16 -22.03
C VAL B 91 16.56 -14.70 -22.72
N GLY B 92 16.61 -13.55 -23.39
N GLY B 92 16.56 -13.47 -23.24
CA GLY B 92 15.49 -13.12 -24.20
CA GLY B 92 15.36 -12.94 -23.83
C GLY B 92 15.77 -11.87 -24.98
C GLY B 92 15.61 -11.59 -24.45
N THR B 93 14.71 -11.16 -25.32
CA THR B 93 14.84 -9.86 -25.97
C THR B 93 14.38 -8.75 -25.06
N THR B 94 14.86 -7.55 -25.34
CA THR B 94 14.52 -6.44 -24.52
C THR B 94 14.51 -5.14 -25.30
N GLY B 95 13.74 -4.18 -24.80
CA GLY B 95 13.81 -2.82 -25.34
C GLY B 95 14.64 -2.00 -24.39
N ALA B 96 15.71 -1.40 -24.89
CA ALA B 96 16.50 -0.48 -24.08
C ALA B 96 15.80 0.86 -23.95
N ILE B 97 16.03 1.55 -22.84
CA ILE B 97 15.45 2.87 -22.68
C ILE B 97 16.50 3.94 -22.41
N GLN B 98 17.78 3.58 -22.53
CA GLN B 98 18.86 4.55 -22.32
C GLN B 98 19.54 4.84 -23.63
N PRO B 99 19.84 6.12 -23.91
CA PRO B 99 20.47 6.47 -25.18
C PRO B 99 21.84 5.82 -25.42
N HIS B 100 22.52 5.40 -24.36
CA HIS B 100 23.86 4.86 -24.51
C HIS B 100 23.86 3.36 -24.77
N VAL B 101 22.69 2.73 -24.67
CA VAL B 101 22.57 1.32 -24.94
C VAL B 101 22.13 1.16 -26.38
N ASN B 102 22.88 0.41 -27.16
CA ASN B 102 22.55 0.28 -28.57
C ASN B 102 21.86 -1.04 -28.90
N VAL B 103 21.06 -1.05 -29.96
CA VAL B 103 20.54 -2.31 -30.48
C VAL B 103 21.73 -3.24 -30.73
N GLY B 104 21.64 -4.48 -30.24
CA GLY B 104 22.74 -5.41 -30.41
C GLY B 104 23.62 -5.54 -29.18
N ASP B 105 23.52 -4.55 -28.30
CA ASP B 105 24.22 -4.64 -27.03
C ASP B 105 23.54 -5.70 -26.18
N MET B 106 24.22 -6.12 -25.12
N MET B 106 24.19 -6.07 -25.09
CA MET B 106 23.66 -7.04 -24.15
CA MET B 106 23.59 -7.01 -24.17
C MET B 106 23.42 -6.31 -22.84
C MET B 106 23.51 -6.43 -22.77
N ILE B 107 22.44 -6.78 -22.08
CA ILE B 107 22.22 -6.31 -20.74
C ILE B 107 22.23 -7.53 -19.84
N VAL B 108 22.98 -7.43 -18.75
CA VAL B 108 22.86 -8.41 -17.68
C VAL B 108 22.23 -7.68 -16.51
N THR B 109 21.09 -8.19 -16.08
CA THR B 109 20.31 -7.53 -15.07
C THR B 109 20.93 -7.68 -13.70
N THR B 110 21.18 -6.56 -13.02
CA THR B 110 21.69 -6.64 -11.66
C THR B 110 20.57 -6.54 -10.64
N GLY B 111 19.40 -6.11 -11.11
CA GLY B 111 18.24 -6.03 -10.25
C GLY B 111 17.09 -5.58 -11.09
N SER B 112 15.88 -5.99 -10.72
CA SER B 112 14.71 -5.63 -11.52
C SER B 112 13.73 -4.79 -10.75
N VAL B 113 13.21 -3.78 -11.44
CA VAL B 113 12.05 -3.05 -10.93
C VAL B 113 10.86 -3.97 -11.06
N ARG B 114 10.22 -4.24 -9.93
CA ARG B 114 9.15 -5.22 -9.87
C ARG B 114 7.83 -4.61 -10.30
N LEU B 115 7.62 -4.50 -11.60
CA LEU B 115 6.38 -3.95 -12.15
C LEU B 115 5.45 -5.09 -12.54
N ASP B 116 5.58 -6.17 -11.76
CA ASP B 116 4.87 -7.42 -11.99
C ASP B 116 4.04 -7.77 -10.76
N GLY B 117 3.22 -8.80 -10.89
CA GLY B 117 2.48 -9.31 -9.77
C GLY B 117 3.04 -10.59 -9.20
N ALA B 118 3.63 -11.42 -10.04
CA ALA B 118 3.99 -12.75 -9.57
C ALA B 118 5.11 -12.71 -8.55
N SER B 119 6.01 -11.74 -8.67
CA SER B 119 7.08 -11.65 -7.69
C SER B 119 6.52 -11.57 -6.27
N LEU B 120 5.39 -10.89 -6.12
CA LEU B 120 4.75 -10.73 -4.82
C LEU B 120 4.20 -12.03 -4.28
N HIS B 121 4.10 -13.05 -5.13
CA HIS B 121 3.64 -14.35 -4.67
C HIS B 121 4.76 -15.14 -4.06
N PHE B 122 5.97 -14.59 -4.08
CA PHE B 122 7.13 -15.20 -3.48
C PHE B 122 7.75 -14.39 -2.38
N ALA B 123 7.72 -13.07 -2.51
CA ALA B 123 8.31 -12.20 -1.51
C ALA B 123 7.60 -10.87 -1.59
N PRO B 124 7.48 -10.19 -0.44
CA PRO B 124 6.84 -8.88 -0.43
C PRO B 124 7.70 -7.91 -1.24
N MET B 125 7.12 -6.79 -1.60
CA MET B 125 7.72 -5.88 -2.56
C MET B 125 9.08 -5.35 -2.11
N GLU B 126 9.29 -5.30 -0.80
N GLU B 126 9.31 -5.28 -0.81
CA GLU B 126 10.54 -4.84 -0.23
CA GLU B 126 10.56 -4.76 -0.33
C GLU B 126 11.73 -5.69 -0.65
C GLU B 126 11.74 -5.69 -0.62
N PHE B 127 11.46 -6.96 -0.95
CA PHE B 127 12.51 -7.89 -1.28
C PHE B 127 13.09 -7.54 -2.63
N PRO B 128 14.42 -7.61 -2.79
CA PRO B 128 15.02 -7.21 -4.06
C PRO B 128 14.95 -8.28 -5.12
N ALA B 129 14.55 -7.88 -6.31
CA ALA B 129 14.53 -8.81 -7.42
C ALA B 129 15.95 -8.84 -7.95
N VAL B 130 16.79 -9.66 -7.34
CA VAL B 130 18.23 -9.68 -7.54
CA VAL B 130 18.19 -9.65 -7.71
C VAL B 130 18.69 -11.01 -8.12
N PRO B 131 19.65 -11.01 -9.06
CA PRO B 131 20.16 -12.27 -9.54
C PRO B 131 21.14 -12.87 -8.55
N ASP B 132 21.34 -14.17 -8.70
CA ASP B 132 22.46 -14.82 -8.08
C ASP B 132 23.74 -14.19 -8.63
N PHE B 133 24.65 -13.87 -7.74
CA PHE B 133 25.87 -13.18 -8.14
C PHE B 133 26.76 -13.99 -9.08
N ASP B 134 26.85 -15.29 -8.86
CA ASP B 134 27.61 -16.14 -9.78
C ASP B 134 27.00 -16.15 -11.15
N VAL B 135 25.68 -16.23 -11.23
CA VAL B 135 25.06 -16.22 -12.54
C VAL B 135 25.28 -14.90 -13.23
N ALA B 136 25.07 -13.78 -12.55
CA ALA B 136 25.30 -12.49 -13.19
C ALA B 136 26.74 -12.36 -13.66
N THR B 137 27.67 -12.85 -12.84
CA THR B 137 29.08 -12.78 -13.17
C THR B 137 29.40 -13.62 -14.38
N ALA B 138 28.86 -14.83 -14.43
CA ALA B 138 29.05 -15.71 -15.57
C ALA B 138 28.44 -15.08 -16.82
N MET B 139 27.25 -14.50 -16.70
CA MET B 139 26.65 -13.86 -17.85
CA MET B 139 26.59 -13.81 -17.81
C MET B 139 27.44 -12.67 -18.35
N LYS B 140 27.97 -11.86 -17.44
CA LYS B 140 28.79 -10.74 -17.84
CA LYS B 140 28.78 -10.75 -17.86
C LYS B 140 30.00 -11.24 -18.62
N ALA B 141 30.68 -12.23 -18.07
CA ALA B 141 31.89 -12.76 -18.66
C ALA B 141 31.56 -13.33 -20.03
N ALA B 142 30.50 -14.14 -20.10
CA ALA B 142 30.14 -14.76 -21.37
C ALA B 142 29.77 -13.68 -22.41
N ALA B 143 29.04 -12.66 -21.96
CA ALA B 143 28.64 -11.60 -22.88
C ALA B 143 29.86 -10.84 -23.40
N GLN B 144 30.78 -10.50 -22.50
CA GLN B 144 32.01 -9.82 -22.91
C GLN B 144 32.82 -10.67 -23.89
N GLU B 145 32.95 -11.96 -23.58
CA GLU B 145 33.72 -12.85 -24.43
C GLU B 145 33.13 -13.02 -25.84
N SER B 146 31.83 -12.78 -25.98
CA SER B 146 31.20 -12.88 -27.29
C SER B 146 31.52 -11.67 -28.17
N GLY B 147 32.15 -10.66 -27.58
CA GLY B 147 32.47 -9.45 -28.30
C GLY B 147 31.39 -8.40 -28.14
N ALA B 148 30.33 -8.74 -27.43
CA ALA B 148 29.23 -7.81 -27.26
C ALA B 148 29.63 -6.65 -26.37
N THR B 149 28.93 -5.54 -26.54
CA THR B 149 29.00 -4.46 -25.57
C THR B 149 27.97 -4.78 -24.51
N VAL B 150 28.42 -4.91 -23.27
CA VAL B 150 27.58 -5.38 -22.17
C VAL B 150 27.32 -4.31 -21.15
N HIS B 151 26.05 -4.22 -20.71
CA HIS B 151 25.67 -3.29 -19.67
C HIS B 151 25.14 -4.05 -18.49
N MET B 152 25.65 -3.73 -17.31
CA MET B 152 25.15 -4.28 -16.08
C MET B 152 24.23 -3.23 -15.50
N GLY B 153 23.00 -3.60 -15.18
CA GLY B 153 22.20 -2.62 -14.50
C GLY B 153 20.78 -3.07 -14.30
N VAL B 154 19.94 -2.11 -13.95
CA VAL B 154 18.60 -2.37 -13.51
C VAL B 154 17.67 -2.49 -14.70
N THR B 155 16.76 -3.46 -14.60
CA THR B 155 15.80 -3.75 -15.65
C THR B 155 14.42 -3.54 -15.10
N ALA B 156 13.58 -2.82 -15.83
CA ALA B 156 12.20 -2.66 -15.42
C ALA B 156 11.41 -3.84 -15.99
N SER B 157 10.75 -4.59 -15.10
CA SER B 157 10.15 -5.83 -15.51
C SER B 157 8.65 -5.70 -15.31
N SER B 158 7.95 -5.62 -16.43
CA SER B 158 6.56 -5.21 -16.45
C SER B 158 5.63 -6.36 -16.82
N ASP B 159 4.50 -6.41 -16.13
CA ASP B 159 3.45 -7.36 -16.45
C ASP B 159 2.71 -7.02 -17.73
N THR B 160 2.99 -5.87 -18.34
CA THR B 160 2.40 -5.59 -19.63
C THR B 160 3.47 -5.10 -20.60
N PHE B 161 3.20 -5.32 -21.87
CA PHE B 161 4.04 -4.80 -22.90
C PHE B 161 3.69 -3.35 -23.19
N TYR B 162 2.43 -3.00 -22.97
CA TYR B 162 1.91 -1.74 -23.45
C TYR B 162 1.86 -0.66 -22.35
N PRO B 163 0.82 -0.61 -21.51
CA PRO B 163 0.83 0.55 -20.60
C PRO B 163 1.96 0.53 -19.56
N GLY B 164 2.35 -0.65 -19.11
CA GLY B 164 3.43 -0.77 -18.15
C GLY B 164 4.79 -0.40 -18.70
N GLN B 165 4.91 -0.27 -20.02
CA GLN B 165 6.13 0.22 -20.63
C GLN B 165 5.84 1.57 -21.26
N GLU B 166 4.77 2.18 -20.77
CA GLU B 166 4.34 3.51 -21.19
C GLU B 166 4.27 3.65 -22.71
N ARG B 167 3.68 2.65 -23.35
CA ARG B 167 3.36 2.75 -24.77
C ARG B 167 1.98 3.38 -24.94
N TYR B 168 1.88 4.38 -25.81
CA TYR B 168 0.62 5.05 -26.07
C TYR B 168 0.01 4.69 -27.41
N ASP B 169 0.76 4.01 -28.26
CA ASP B 169 0.21 3.65 -29.57
C ASP B 169 -0.62 2.39 -29.43
N THR B 170 -1.74 2.55 -28.74
CA THR B 170 -2.53 1.41 -28.36
C THR B 170 -3.99 1.66 -28.66
N PHE B 171 -4.81 0.67 -28.40
CA PHE B 171 -6.22 0.76 -28.70
C PHE B 171 -6.83 1.95 -27.99
N THR B 172 -6.50 2.17 -26.72
CA THR B 172 -7.13 3.26 -25.98
C THR B 172 -6.26 4.51 -26.02
N GLY B 173 -4.96 4.34 -26.22
CA GLY B 173 -4.03 5.45 -26.17
C GLY B 173 -3.87 5.98 -24.76
N ARG B 174 -4.38 5.23 -23.79
CA ARG B 174 -4.39 5.65 -22.40
CA ARG B 174 -4.36 5.65 -22.41
C ARG B 174 -3.34 4.87 -21.61
N VAL B 175 -2.76 5.54 -20.63
CA VAL B 175 -1.92 4.86 -19.68
C VAL B 175 -2.35 5.30 -18.29
N VAL B 176 -2.57 4.32 -17.41
CA VAL B 176 -3.08 4.59 -16.08
C VAL B 176 -2.09 5.48 -15.31
N ARG B 177 -2.60 6.24 -14.36
CA ARG B 177 -1.83 7.22 -13.61
C ARG B 177 -0.46 6.71 -13.15
N ARG B 178 -0.44 5.53 -12.56
CA ARG B 178 0.78 4.92 -12.07
C ARG B 178 1.87 4.90 -13.14
N PHE B 179 1.50 4.72 -14.39
CA PHE B 179 2.52 4.54 -15.43
C PHE B 179 2.72 5.77 -16.32
N GLN B 180 1.90 6.79 -16.14
CA GLN B 180 2.12 8.04 -16.87
CA GLN B 180 2.16 8.00 -16.90
C GLN B 180 3.43 8.64 -16.38
N GLY B 181 4.31 9.01 -17.31
CA GLY B 181 5.59 9.58 -16.97
C GLY B 181 6.59 8.56 -16.46
N SER B 182 6.23 7.29 -16.46
CA SER B 182 7.09 6.32 -15.83
C SER B 182 8.33 6.03 -16.65
N MET B 183 8.25 6.05 -17.97
CA MET B 183 9.47 5.77 -18.72
CA MET B 183 9.44 5.83 -18.80
C MET B 183 10.54 6.79 -18.39
N LYS B 184 10.18 8.08 -18.36
CA LYS B 184 11.14 9.11 -18.00
C LYS B 184 11.68 8.89 -16.59
N GLU B 185 10.81 8.50 -15.68
CA GLU B 185 11.26 8.26 -14.33
CA GLU B 185 11.22 8.20 -14.31
C GLU B 185 12.30 7.14 -14.28
N TRP B 186 12.03 6.01 -14.94
CA TRP B 186 13.00 4.93 -14.93
C TRP B 186 14.27 5.34 -15.65
N GLN B 187 14.11 6.06 -16.75
CA GLN B 187 15.29 6.56 -17.48
C GLN B 187 16.17 7.38 -16.55
N ASP B 188 15.54 8.30 -15.83
CA ASP B 188 16.30 9.19 -14.96
C ASP B 188 16.93 8.43 -13.80
N MET B 189 16.32 7.30 -13.44
CA MET B 189 16.84 6.47 -12.37
C MET B 189 17.89 5.49 -12.85
N GLY B 190 18.19 5.52 -14.15
CA GLY B 190 19.27 4.72 -14.67
C GLY B 190 18.87 3.35 -15.15
N VAL B 191 17.58 3.07 -15.15
CA VAL B 191 17.08 1.80 -15.61
C VAL B 191 17.45 1.58 -17.08
N LEU B 192 17.93 0.39 -17.42
CA LEU B 192 18.45 0.15 -18.76
C LEU B 192 17.40 -0.24 -19.78
N ASN B 193 16.40 -0.98 -19.35
CA ASN B 193 15.62 -1.73 -20.31
C ASN B 193 14.34 -2.22 -19.70
N PHE B 194 13.40 -2.59 -20.57
CA PHE B 194 12.18 -3.24 -20.16
C PHE B 194 12.14 -4.66 -20.69
N GLU B 195 11.65 -5.54 -19.85
CA GLU B 195 11.22 -6.84 -20.32
C GLU B 195 10.10 -7.26 -19.38
N MET B 196 9.70 -8.53 -19.41
CA MET B 196 8.44 -8.90 -18.76
C MET B 196 8.52 -10.12 -17.84
N GLU B 197 9.73 -10.58 -17.51
CA GLU B 197 9.85 -11.80 -16.72
C GLU B 197 10.85 -11.75 -15.58
N SER B 198 11.82 -10.86 -15.66
CA SER B 198 12.93 -10.91 -14.74
C SER B 198 12.51 -10.68 -13.29
N ALA B 199 11.57 -9.78 -13.03
CA ALA B 199 11.20 -9.49 -11.64
C ALA B 199 10.64 -10.76 -11.02
N THR B 200 9.78 -11.45 -11.74
CA THR B 200 9.21 -12.66 -11.19
C THR B 200 10.31 -13.69 -11.01
N LEU B 201 11.09 -13.91 -12.07
CA LEU B 201 12.11 -14.95 -12.02
C LEU B 201 13.10 -14.69 -10.88
N LEU B 202 13.61 -13.47 -10.82
CA LEU B 202 14.68 -13.21 -9.87
C LEU B 202 14.15 -13.23 -8.45
N THR B 203 12.96 -12.69 -8.25
CA THR B 203 12.40 -12.67 -6.91
C THR B 203 12.10 -14.08 -6.44
N MET B 204 11.44 -14.83 -7.30
CA MET B 204 11.11 -16.19 -7.01
CA MET B 204 11.11 -16.20 -6.97
C MET B 204 12.37 -16.98 -6.65
N CYS B 205 13.40 -16.87 -7.49
CA CYS B 205 14.58 -17.67 -7.25
C CYS B 205 15.37 -17.21 -6.04
N ALA B 206 15.55 -15.91 -5.89
CA ALA B 206 16.37 -15.38 -4.79
C ALA B 206 15.76 -15.67 -3.45
N SER B 207 14.45 -15.89 -3.44
CA SER B 207 13.74 -16.17 -2.21
C SER B 207 13.46 -17.64 -2.01
N SER B 208 13.90 -18.49 -2.95
CA SER B 208 13.59 -19.91 -2.90
C SER B 208 14.82 -20.80 -2.95
N GLY B 209 16.01 -20.25 -2.81
CA GLY B 209 17.17 -21.11 -2.84
C GLY B 209 17.55 -21.57 -4.24
N LEU B 210 17.15 -20.80 -5.25
CA LEU B 210 17.47 -21.11 -6.63
C LEU B 210 18.37 -20.02 -7.16
N LYS B 211 19.29 -20.36 -8.05
CA LYS B 211 20.16 -19.35 -8.62
CA LYS B 211 20.19 -19.38 -8.64
C LYS B 211 19.60 -18.95 -9.98
N ALA B 212 19.48 -17.65 -10.17
CA ALA B 212 18.96 -17.14 -11.43
C ALA B 212 19.68 -15.89 -11.88
N GLY B 213 19.66 -15.67 -13.18
CA GLY B 213 20.16 -14.44 -13.74
C GLY B 213 19.48 -14.25 -15.07
N CYS B 214 19.58 -13.02 -15.57
CA CYS B 214 18.96 -12.67 -16.85
CA CYS B 214 18.94 -12.65 -16.81
C CYS B 214 19.95 -11.95 -17.71
N VAL B 215 20.04 -12.40 -18.96
CA VAL B 215 20.81 -11.68 -19.95
C VAL B 215 19.85 -11.41 -21.11
N ALA B 216 20.03 -10.28 -21.78
CA ALA B 216 19.09 -9.94 -22.83
C ALA B 216 19.80 -9.24 -23.97
N GLY B 217 19.34 -9.52 -25.18
CA GLY B 217 19.82 -8.82 -26.35
C GLY B 217 18.89 -7.65 -26.62
N VAL B 218 19.48 -6.49 -26.86
CA VAL B 218 18.71 -5.28 -27.10
C VAL B 218 18.25 -5.27 -28.56
N ILE B 219 16.94 -5.28 -28.76
CA ILE B 219 16.38 -5.38 -30.10
C ILE B 219 15.70 -4.09 -30.54
N ILE B 220 15.38 -3.24 -29.57
CA ILE B 220 14.94 -1.89 -29.86
C ILE B 220 15.45 -0.97 -28.79
N ASN B 221 15.57 0.31 -29.11
CA ASN B 221 15.86 1.33 -28.13
C ASN B 221 14.75 2.36 -28.22
N ARG B 222 14.00 2.52 -27.12
CA ARG B 222 12.83 3.40 -27.10
C ARG B 222 13.20 4.87 -27.37
N THR B 223 14.48 5.20 -27.26
CA THR B 223 14.92 6.58 -27.44
C THR B 223 15.49 6.83 -28.82
N GLN B 224 15.59 5.77 -29.63
CA GLN B 224 16.13 5.89 -30.97
C GLN B 224 15.02 5.70 -32.01
N LYS B 225 14.80 6.74 -32.81
CA LYS B 225 13.78 6.69 -33.83
C LYS B 225 14.36 6.26 -35.17
N GLU B 226 15.36 5.39 -35.11
CA GLU B 226 15.88 4.71 -36.29
C GLU B 226 15.41 3.26 -36.25
N ILE B 227 15.16 2.68 -37.41
CA ILE B 227 14.76 1.29 -37.49
C ILE B 227 15.96 0.37 -37.39
N PRO B 228 15.94 -0.56 -36.42
CA PRO B 228 17.02 -1.53 -36.21
C PRO B 228 17.28 -2.34 -37.48
N ASP B 229 18.53 -2.45 -37.88
CA ASP B 229 18.88 -3.19 -39.09
C ASP B 229 18.67 -4.69 -38.91
N HIS B 230 18.19 -5.32 -39.98
CA HIS B 230 17.86 -6.73 -40.00
C HIS B 230 19.03 -7.62 -39.60
N ALA B 231 20.20 -7.34 -40.16
CA ALA B 231 21.39 -8.15 -39.92
C ALA B 231 21.79 -8.09 -38.45
N THR B 232 21.75 -6.88 -37.88
CA THR B 232 22.09 -6.68 -36.48
C THR B 232 21.17 -7.50 -35.58
N LEU B 233 19.89 -7.54 -35.92
CA LEU B 233 18.93 -8.29 -35.13
C LEU B 233 19.18 -9.79 -35.20
N LYS B 234 19.41 -10.31 -36.39
CA LYS B 234 19.73 -11.71 -36.57
C LYS B 234 21.00 -12.06 -35.79
N GLU B 235 22.00 -11.21 -35.92
CA GLU B 235 23.25 -11.38 -35.19
C GLU B 235 23.03 -11.33 -33.67
N THR B 236 22.13 -10.46 -33.23
CA THR B 236 21.81 -10.36 -31.81
C THR B 236 21.11 -11.60 -31.29
N GLU B 237 20.18 -12.12 -32.07
CA GLU B 237 19.50 -13.38 -31.72
C GLU B 237 20.53 -14.46 -31.45
N ALA B 238 21.44 -14.63 -32.40
CA ALA B 238 22.43 -15.68 -32.33
C ALA B 238 23.40 -15.43 -31.18
N ARG B 239 23.81 -14.18 -31.00
CA ARG B 239 24.79 -13.88 -29.99
C ARG B 239 24.21 -14.12 -28.61
N SER B 240 22.94 -13.77 -28.41
CA SER B 240 22.34 -13.92 -27.09
CA SER B 240 22.34 -13.91 -27.09
C SER B 240 22.33 -15.36 -26.65
N ILE B 241 22.04 -16.27 -27.57
CA ILE B 241 21.96 -17.66 -27.15
C ILE B 241 23.33 -18.29 -27.04
N LYS B 242 24.29 -17.85 -27.85
CA LYS B 242 25.67 -18.26 -27.66
C LYS B 242 26.14 -17.86 -26.27
N VAL B 243 25.85 -16.62 -25.91
CA VAL B 243 26.21 -16.09 -24.62
C VAL B 243 25.58 -16.88 -23.47
N VAL B 244 24.29 -17.18 -23.55
CA VAL B 244 23.67 -17.83 -22.40
C VAL B 244 24.21 -19.25 -22.26
N VAL B 245 24.51 -19.91 -23.37
CA VAL B 245 25.08 -21.24 -23.27
C VAL B 245 26.48 -21.18 -22.65
N GLU B 246 27.26 -20.19 -23.03
CA GLU B 246 28.58 -20.00 -22.44
CA GLU B 246 28.58 -20.03 -22.43
C GLU B 246 28.47 -19.64 -20.96
N ALA B 247 27.45 -18.87 -20.61
CA ALA B 247 27.23 -18.54 -19.20
C ALA B 247 26.88 -19.84 -18.46
N ALA B 248 26.10 -20.72 -19.09
CA ALA B 248 25.79 -22.00 -18.47
C ALA B 248 27.05 -22.82 -18.27
N ARG B 249 27.93 -22.79 -19.26
CA ARG B 249 29.17 -23.53 -19.15
C ARG B 249 29.96 -23.05 -17.94
N LYS B 250 29.99 -21.74 -17.74
CA LYS B 250 30.73 -21.15 -16.64
C LYS B 250 30.11 -21.55 -15.29
N MET B 251 28.79 -21.69 -15.26
CA MET B 251 28.10 -22.06 -14.04
C MET B 251 28.29 -23.51 -13.66
N LEU B 252 28.50 -24.36 -14.66
CA LEU B 252 28.63 -25.77 -14.40
C LEU B 252 30.02 -26.01 -13.87
N LYS B 253 31.00 -25.37 -14.51
CA LYS B 253 32.38 -25.38 -14.05
C LYS B 253 33.22 -24.37 -14.83
N LYS C 3 29.67 25.51 -2.85
CA LYS C 3 30.96 25.24 -2.22
C LYS C 3 30.80 24.56 -0.86
N THR C 4 29.71 24.88 -0.17
CA THR C 4 29.44 24.30 1.12
C THR C 4 28.31 23.28 1.07
N VAL C 5 28.27 22.40 2.06
CA VAL C 5 27.14 21.50 2.24
C VAL C 5 26.50 21.79 3.59
N PHE C 6 25.30 21.27 3.80
CA PHE C 6 24.55 21.65 4.99
C PHE C 6 25.04 20.99 6.29
N HIS C 7 25.52 19.75 6.21
CA HIS C 7 25.79 18.95 7.42
C HIS C 7 27.23 18.48 7.59
N LEU C 8 27.87 18.11 6.49
CA LEU C 8 29.18 17.46 6.61
C LEU C 8 30.32 18.39 6.97
N GLY C 9 30.16 19.70 6.75
CA GLY C 9 31.15 20.64 7.21
C GLY C 9 32.45 20.60 6.45
N VAL C 10 32.41 20.05 5.24
CA VAL C 10 33.57 20.00 4.38
C VAL C 10 33.24 20.60 3.03
N THR C 11 34.29 20.95 2.30
CA THR C 11 34.14 21.58 1.01
C THR C 11 34.71 20.66 -0.04
N GLU C 12 34.45 20.96 -1.31
CA GLU C 12 35.06 20.21 -2.38
C GLU C 12 36.58 20.23 -2.25
N ALA C 13 37.14 21.40 -1.97
CA ALA C 13 38.59 21.50 -1.83
C ALA C 13 39.15 20.58 -0.75
N ASP C 14 38.41 20.42 0.35
CA ASP C 14 38.83 19.55 1.44
C ASP C 14 39.01 18.12 0.94
N LEU C 15 38.27 17.75 -0.09
CA LEU C 15 38.27 16.38 -0.55
C LEU C 15 39.43 16.09 -1.51
N ASN C 16 40.10 17.15 -1.96
CA ASN C 16 41.26 17.00 -2.82
C ASN C 16 41.03 16.11 -4.04
N GLY C 17 39.87 16.27 -4.67
CA GLY C 17 39.56 15.53 -5.88
C GLY C 17 39.03 14.14 -5.66
N ALA C 18 38.80 13.76 -4.41
CA ALA C 18 38.29 12.42 -4.14
C ALA C 18 36.95 12.20 -4.83
N THR C 19 36.82 11.06 -5.51
CA THR C 19 35.55 10.72 -6.10
C THR C 19 35.01 9.42 -5.52
N LEU C 20 35.73 8.86 -4.54
CA LEU C 20 35.32 7.65 -3.88
C LEU C 20 35.29 7.90 -2.41
N ALA C 21 34.24 7.41 -1.76
CA ALA C 21 34.10 7.52 -0.31
C ALA C 21 33.92 6.16 0.29
N ILE C 22 34.58 5.95 1.43
CA ILE C 22 34.29 4.81 2.27
C ILE C 22 33.43 5.37 3.38
N ILE C 23 32.29 4.73 3.62
CA ILE C 23 31.27 5.28 4.49
C ILE C 23 30.86 4.28 5.57
N PRO C 24 31.63 4.24 6.65
CA PRO C 24 31.28 3.36 7.75
C PRO C 24 30.15 4.01 8.52
N GLY C 25 29.58 3.28 9.46
CA GLY C 25 28.48 3.81 10.25
C GLY C 25 28.95 4.55 11.48
N ASP C 26 29.95 3.98 12.15
CA ASP C 26 30.45 4.51 13.40
C ASP C 26 31.47 5.61 13.14
N PRO C 27 31.23 6.83 13.64
CA PRO C 27 32.24 7.89 13.50
C PRO C 27 33.65 7.47 13.94
N ALA C 28 33.74 6.64 14.98
CA ALA C 28 35.04 6.19 15.49
C ALA C 28 35.76 5.31 14.49
N ARG C 29 35.06 4.79 13.50
CA ARG C 29 35.70 3.90 12.56
C ARG C 29 36.41 4.68 11.47
N VAL C 30 36.10 5.96 11.35
CA VAL C 30 36.56 6.74 10.22
C VAL C 30 38.07 6.86 10.27
N GLN C 31 38.59 7.25 11.42
CA GLN C 31 40.02 7.38 11.55
C GLN C 31 40.71 6.04 11.33
N LYS C 32 40.12 4.96 11.83
CA LYS C 32 40.71 3.64 11.69
C LYS C 32 40.86 3.27 10.23
N ILE C 33 39.85 3.59 9.43
CA ILE C 33 39.89 3.31 8.01
C ILE C 33 40.91 4.23 7.31
N ALA C 34 40.87 5.52 7.65
CA ALA C 34 41.79 6.48 7.06
C ALA C 34 43.24 6.09 7.29
N GLU C 35 43.52 5.53 8.47
CA GLU C 35 44.90 5.23 8.80
CA GLU C 35 44.86 5.11 8.91
C GLU C 35 45.42 3.98 8.07
N LEU C 36 44.52 3.26 7.40
CA LEU C 36 44.95 2.16 6.54
C LEU C 36 45.48 2.66 5.21
N MET C 37 45.30 3.96 4.97
CA MET C 37 45.73 4.58 3.74
C MET C 37 46.83 5.59 4.02
N ASP C 38 47.26 6.30 2.99
CA ASP C 38 48.40 7.21 3.14
C ASP C 38 47.93 8.62 3.49
N ASN C 39 48.75 9.32 4.25
CA ASN C 39 48.49 10.71 4.60
C ASN C 39 47.07 10.97 5.07
N PRO C 40 46.60 10.21 6.08
CA PRO C 40 45.25 10.48 6.58
C PRO C 40 45.18 11.85 7.22
N VAL C 41 44.13 12.59 6.92
CA VAL C 41 43.94 13.93 7.43
C VAL C 41 42.51 14.03 7.92
N PHE C 42 42.36 14.46 9.17
CA PHE C 42 41.06 14.77 9.74
C PHE C 42 40.52 16.03 9.09
N LEU C 43 39.28 15.99 8.61
CA LEU C 43 38.69 17.15 7.97
C LEU C 43 37.68 17.84 8.87
N ALA C 44 36.76 17.04 9.41
CA ALA C 44 35.66 17.63 10.16
C ALA C 44 34.95 16.56 10.96
N SER C 45 34.33 17.00 12.04
CA SER C 45 33.41 16.16 12.75
C SER C 45 32.25 17.01 13.23
N HIS C 46 31.06 16.69 12.76
CA HIS C 46 29.85 17.39 13.18
CA HIS C 46 29.85 17.38 13.18
C HIS C 46 28.79 16.32 13.27
N ARG C 47 28.04 16.30 14.37
CA ARG C 47 27.01 15.29 14.53
C ARG C 47 27.61 13.90 14.34
N GLU C 48 26.91 13.04 13.60
CA GLU C 48 27.41 11.68 13.37
C GLU C 48 28.36 11.62 12.20
N TYR C 49 28.79 12.76 11.69
CA TYR C 49 29.59 12.79 10.48
C TYR C 49 31.02 13.18 10.79
N THR C 50 31.88 12.18 10.90
CA THR C 50 33.31 12.42 11.02
C THR C 50 33.89 12.13 9.65
N VAL C 51 34.70 13.06 9.17
CA VAL C 51 35.19 13.03 7.81
C VAL C 51 36.71 13.12 7.82
N TYR C 52 37.34 12.15 7.16
CA TYR C 52 38.78 12.19 6.92
C TYR C 52 39.01 12.10 5.45
N ARG C 53 40.20 12.49 5.04
CA ARG C 53 40.65 12.21 3.70
C ARG C 53 41.93 11.40 3.82
N ALA C 54 42.22 10.59 2.82
CA ALA C 54 43.51 9.92 2.78
C ALA C 54 43.84 9.64 1.34
N GLU C 55 44.99 9.03 1.11
CA GLU C 55 45.39 8.71 -0.24
C GLU C 55 45.64 7.25 -0.39
N LEU C 56 45.13 6.72 -1.49
CA LEU C 56 45.23 5.31 -1.81
C LEU C 56 45.81 5.23 -3.20
N ASP C 57 47.00 4.66 -3.30
CA ASP C 57 47.72 4.61 -4.57
C ASP C 57 47.75 5.98 -5.22
N GLY C 58 47.94 7.01 -4.42
CA GLY C 58 48.11 8.35 -4.95
C GLY C 58 46.81 9.08 -5.23
N GLN C 59 45.68 8.41 -4.98
CA GLN C 59 44.39 9.04 -5.22
C GLN C 59 43.68 9.37 -3.92
N SER C 60 43.03 10.52 -3.90
CA SER C 60 42.32 10.96 -2.70
CA SER C 60 42.32 10.96 -2.70
C SER C 60 41.08 10.11 -2.48
N VAL C 61 40.91 9.67 -1.24
CA VAL C 61 39.74 8.92 -0.82
C VAL C 61 39.19 9.63 0.40
N VAL C 62 37.87 9.80 0.44
CA VAL C 62 37.26 10.37 1.63
CA VAL C 62 37.24 10.35 1.62
C VAL C 62 36.64 9.25 2.46
N VAL C 63 36.73 9.39 3.76
CA VAL C 63 36.09 8.43 4.65
C VAL C 63 35.13 9.28 5.47
N CYS C 64 33.87 8.88 5.50
CA CYS C 64 32.86 9.69 6.17
C CYS C 64 31.87 8.77 6.84
N SER C 65 31.64 8.94 8.14
CA SER C 65 30.67 8.11 8.79
C SER C 65 29.25 8.54 8.44
N THR C 66 28.31 7.62 8.60
CA THR C 66 26.94 7.87 8.20
C THR C 66 26.01 8.06 9.37
N GLY C 67 26.45 7.65 10.57
CA GLY C 67 25.51 7.40 11.65
C GLY C 67 24.67 6.18 11.35
N ILE C 68 23.77 5.87 12.26
CA ILE C 68 22.87 4.74 12.08
C ILE C 68 21.63 5.15 11.33
N GLY C 69 21.31 4.39 10.29
CA GLY C 69 20.04 4.57 9.64
C GLY C 69 20.13 5.24 8.28
N GLY C 70 19.17 4.90 7.44
CA GLY C 70 19.06 5.53 6.15
C GLY C 70 18.98 7.05 6.12
N PRO C 71 18.25 7.67 7.07
CA PRO C 71 18.15 9.12 6.95
C PRO C 71 19.49 9.82 7.07
N SER C 72 20.27 9.50 8.09
CA SER C 72 21.56 10.17 8.23
C SER C 72 22.51 9.74 7.13
N THR C 73 22.39 8.50 6.67
CA THR C 73 23.18 8.04 5.55
C THR C 73 22.87 8.85 4.30
N SER C 74 21.59 9.09 4.07
CA SER C 74 21.17 9.77 2.85
C SER C 74 21.72 11.20 2.78
N ILE C 75 21.85 11.84 3.93
CA ILE C 75 22.43 13.17 3.98
C ILE C 75 23.90 13.11 3.60
N ALA C 76 24.62 12.17 4.17
CA ALA C 76 26.04 12.06 3.89
C ALA C 76 26.28 11.73 2.42
N VAL C 77 25.51 10.81 1.86
CA VAL C 77 25.73 10.46 0.48
C VAL C 77 25.41 11.65 -0.40
N GLU C 78 24.30 12.31 -0.13
CA GLU C 78 23.93 13.44 -0.96
C GLU C 78 25.00 14.51 -0.93
N GLU C 79 25.45 14.87 0.27
CA GLU C 79 26.40 15.95 0.40
C GLU C 79 27.77 15.59 -0.17
N LEU C 80 28.20 14.35 0.02
CA LEU C 80 29.40 13.88 -0.65
C LEU C 80 29.25 13.93 -2.16
N ALA C 81 28.08 13.55 -2.67
CA ALA C 81 27.88 13.60 -4.12
C ALA C 81 27.95 15.05 -4.60
N GLN C 82 27.41 15.97 -3.82
CA GLN C 82 27.47 17.38 -4.21
C GLN C 82 28.92 17.82 -4.31
N LEU C 83 29.78 17.17 -3.54
CA LEU C 83 31.19 17.53 -3.49
C LEU C 83 32.02 16.68 -4.41
N GLY C 84 31.36 15.90 -5.29
CA GLY C 84 32.03 15.22 -6.37
C GLY C 84 32.25 13.72 -6.16
N VAL C 85 31.81 13.19 -5.03
CA VAL C 85 31.96 11.75 -4.80
C VAL C 85 30.93 10.99 -5.64
N ARG C 86 31.39 9.93 -6.31
CA ARG C 86 30.52 9.17 -7.20
C ARG C 86 30.42 7.70 -6.80
N THR C 87 31.37 7.27 -5.99
CA THR C 87 31.45 5.87 -5.60
C THR C 87 31.48 5.78 -4.10
N PHE C 88 30.61 4.92 -3.56
CA PHE C 88 30.42 4.80 -2.12
C PHE C 88 30.57 3.38 -1.68
N LEU C 89 31.56 3.12 -0.85
CA LEU C 89 31.80 1.81 -0.33
C LEU C 89 31.40 1.77 1.13
N ARG C 90 30.33 1.05 1.43
CA ARG C 90 29.82 0.97 2.76
C ARG C 90 30.46 -0.23 3.44
N VAL C 91 30.94 0.00 4.65
CA VAL C 91 31.31 -1.09 5.51
C VAL C 91 30.52 -0.88 6.79
N GLY C 92 30.09 -1.95 7.40
CA GLY C 92 29.32 -1.82 8.62
C GLY C 92 29.16 -3.13 9.33
N THR C 93 28.86 -3.04 10.61
CA THR C 93 28.62 -4.27 11.33
CA THR C 93 28.49 -4.13 11.51
C THR C 93 27.24 -4.83 11.06
N THR C 94 27.14 -6.14 11.21
CA THR C 94 25.90 -6.80 10.87
C THR C 94 25.67 -7.99 11.77
N GLY C 95 24.40 -8.33 11.92
CA GLY C 95 24.01 -9.56 12.56
C GLY C 95 23.53 -10.52 11.49
N ALA C 96 24.12 -11.70 11.43
CA ALA C 96 23.67 -12.72 10.48
C ALA C 96 22.44 -13.41 11.00
N ILE C 97 21.62 -13.93 10.10
CA ILE C 97 20.44 -14.64 10.52
C ILE C 97 20.39 -16.07 10.02
N GLN C 98 21.39 -16.45 9.22
CA GLN C 98 21.43 -17.80 8.67
C GLN C 98 22.36 -18.65 9.51
N PRO C 99 21.94 -19.88 9.84
CA PRO C 99 22.84 -20.71 10.66
C PRO C 99 24.19 -21.01 10.00
N HIS C 100 24.24 -20.96 8.67
CA HIS C 100 25.47 -21.31 7.99
C HIS C 100 26.42 -20.14 7.83
N VAL C 101 25.96 -18.95 8.21
CA VAL C 101 26.80 -17.77 8.15
C VAL C 101 27.37 -17.58 9.54
N ASN C 102 28.69 -17.76 9.69
CA ASN C 102 29.32 -17.73 10.98
C ASN C 102 29.77 -16.34 11.38
N VAL C 103 29.79 -16.11 12.68
CA VAL C 103 30.44 -14.96 13.25
C VAL C 103 31.85 -14.91 12.70
N GLY C 104 32.21 -13.74 12.18
CA GLY C 104 33.52 -13.55 11.59
C GLY C 104 33.52 -13.71 10.09
N ASP C 105 32.44 -14.25 9.52
CA ASP C 105 32.34 -14.30 8.07
C ASP C 105 32.09 -12.89 7.57
N MET C 106 32.19 -12.73 6.25
CA MET C 106 31.87 -11.45 5.64
CA MET C 106 31.93 -11.47 5.59
C MET C 106 30.74 -11.61 4.66
N ILE C 107 29.98 -10.54 4.49
CA ILE C 107 28.85 -10.55 3.59
C ILE C 107 29.01 -9.39 2.63
N VAL C 108 28.82 -9.66 1.35
CA VAL C 108 28.69 -8.58 0.39
C VAL C 108 27.25 -8.64 -0.10
N THR C 109 26.56 -7.52 0.07
CA THR C 109 25.14 -7.46 -0.23
C THR C 109 24.89 -7.43 -1.72
N THR C 110 24.11 -8.36 -2.23
CA THR C 110 23.74 -8.33 -3.64
C THR C 110 22.42 -7.61 -3.85
N GLY C 111 21.66 -7.41 -2.79
CA GLY C 111 20.41 -6.71 -2.87
C GLY C 111 19.91 -6.59 -1.45
N SER C 112 19.14 -5.54 -1.19
CA SER C 112 18.61 -5.34 0.15
C SER C 112 17.12 -5.38 0.20
N VAL C 113 16.61 -6.05 1.23
CA VAL C 113 15.21 -5.95 1.54
C VAL C 113 14.99 -4.58 2.14
N ARG C 114 14.09 -3.84 1.51
CA ARG C 114 13.89 -2.45 1.85
C ARG C 114 12.94 -2.30 3.02
N LEU C 115 13.47 -2.47 4.23
CA LEU C 115 12.66 -2.36 5.43
C LEU C 115 12.86 -0.99 6.05
N ASP C 116 13.09 -0.02 5.18
CA ASP C 116 13.43 1.35 5.54
C ASP C 116 12.42 2.28 4.91
N GLY C 117 12.51 3.54 5.26
CA GLY C 117 11.67 4.53 4.64
C GLY C 117 12.41 5.42 3.68
N ALA C 118 13.71 5.66 3.89
CA ALA C 118 14.39 6.65 3.08
C ALA C 118 14.55 6.20 1.64
N SER C 119 14.69 4.90 1.42
CA SER C 119 14.81 4.40 0.05
C SER C 119 13.63 4.87 -0.80
N LEU C 120 12.44 4.92 -0.20
CA LEU C 120 11.23 5.34 -0.89
C LEU C 120 11.27 6.82 -1.28
N HIS C 121 12.18 7.57 -0.68
CA HIS C 121 12.33 8.97 -1.05
C HIS C 121 13.15 9.15 -2.31
N PHE C 122 13.69 8.03 -2.82
CA PHE C 122 14.48 8.04 -4.05
C PHE C 122 13.86 7.21 -5.15
N ALA C 123 13.18 6.14 -4.78
CA ALA C 123 12.57 5.29 -5.78
C ALA C 123 11.45 4.53 -5.11
N PRO C 124 10.38 4.23 -5.87
CA PRO C 124 9.27 3.50 -5.27
C PRO C 124 9.73 2.10 -4.91
N MET C 125 8.94 1.41 -4.11
CA MET C 125 9.37 0.17 -3.47
C MET C 125 9.75 -0.90 -4.49
N GLU C 126 9.17 -0.85 -5.67
CA GLU C 126 9.45 -1.87 -6.66
CA GLU C 126 9.43 -1.81 -6.75
C GLU C 126 10.88 -1.80 -7.20
N PHE C 127 11.54 -0.67 -7.00
CA PHE C 127 12.89 -0.50 -7.48
C PHE C 127 13.84 -1.32 -6.62
N PRO C 128 14.80 -2.02 -7.24
CA PRO C 128 15.64 -2.91 -6.44
C PRO C 128 16.76 -2.15 -5.73
N ALA C 129 16.94 -2.48 -4.46
CA ALA C 129 18.03 -1.91 -3.68
C ALA C 129 19.24 -2.77 -3.98
N VAL C 130 19.90 -2.44 -5.08
CA VAL C 130 21.01 -3.28 -5.50
CA VAL C 130 20.94 -3.25 -5.70
C VAL C 130 22.27 -2.48 -5.70
N PRO C 131 23.40 -3.14 -5.45
CA PRO C 131 24.67 -2.44 -5.55
C PRO C 131 25.08 -2.33 -6.99
N ASP C 132 25.97 -1.38 -7.22
CA ASP C 132 26.73 -1.33 -8.45
C ASP C 132 27.53 -2.61 -8.61
N PHE C 133 27.48 -3.17 -9.82
CA PHE C 133 28.10 -4.45 -10.02
C PHE C 133 29.61 -4.42 -9.84
N ASP C 134 30.24 -3.35 -10.30
CA ASP C 134 31.67 -3.24 -10.12
C ASP C 134 32.01 -3.16 -8.65
N VAL C 135 31.27 -2.38 -7.88
CA VAL C 135 31.58 -2.29 -6.46
C VAL C 135 31.39 -3.63 -5.79
N ALA C 136 30.28 -4.29 -6.07
CA ALA C 136 30.04 -5.59 -5.47
C ALA C 136 31.14 -6.57 -5.84
N THR C 137 31.58 -6.51 -7.10
CA THR C 137 32.63 -7.38 -7.58
C THR C 137 33.94 -7.10 -6.86
N ALA C 138 34.24 -5.81 -6.69
CA ALA C 138 35.45 -5.40 -6.00
C ALA C 138 35.41 -5.84 -4.56
N MET C 139 34.25 -5.70 -3.92
CA MET C 139 34.14 -6.10 -2.53
CA MET C 139 34.08 -6.10 -2.53
C MET C 139 34.25 -7.60 -2.38
N LYS C 140 33.63 -8.37 -3.26
CA LYS C 140 33.76 -9.81 -3.22
CA LYS C 140 33.78 -9.81 -3.18
C LYS C 140 35.24 -10.20 -3.34
N ALA C 141 35.91 -9.59 -4.31
CA ALA C 141 37.30 -9.93 -4.57
C ALA C 141 38.15 -9.57 -3.37
N ALA C 142 37.95 -8.38 -2.83
CA ALA C 142 38.75 -7.94 -1.69
C ALA C 142 38.49 -8.86 -0.50
N ALA C 143 37.22 -9.17 -0.26
CA ALA C 143 36.86 -10.00 0.87
C ALA C 143 37.44 -11.40 0.72
N GLN C 144 37.36 -11.97 -0.47
CA GLN C 144 37.89 -13.30 -0.69
C GLN C 144 39.41 -13.32 -0.62
N GLU C 145 40.03 -12.30 -1.20
CA GLU C 145 41.50 -12.24 -1.16
C GLU C 145 42.03 -12.13 0.25
N SER C 146 41.24 -11.59 1.15
CA SER C 146 41.69 -11.41 2.52
C SER C 146 41.73 -12.75 3.25
N GLY C 147 41.11 -13.76 2.67
CA GLY C 147 41.05 -15.06 3.30
C GLY C 147 39.76 -15.28 4.06
N ALA C 148 38.90 -14.28 4.05
CA ALA C 148 37.60 -14.39 4.72
C ALA C 148 36.70 -15.41 4.05
N THR C 149 35.77 -15.93 4.83
CA THR C 149 34.66 -16.69 4.27
C THR C 149 33.61 -15.67 3.90
N VAL C 150 33.27 -15.63 2.62
CA VAL C 150 32.47 -14.55 2.09
C VAL C 150 31.14 -15.06 1.57
N HIS C 151 30.05 -14.40 1.95
CA HIS C 151 28.73 -14.72 1.41
C HIS C 151 28.21 -13.57 0.59
N MET C 152 27.78 -13.89 -0.64
CA MET C 152 27.06 -12.94 -1.47
C MET C 152 25.58 -13.21 -1.26
N GLY C 153 24.81 -12.18 -0.98
CA GLY C 153 23.39 -12.42 -0.87
C GLY C 153 22.63 -11.22 -0.39
N VAL C 154 21.38 -11.50 -0.05
CA VAL C 154 20.43 -10.48 0.29
C VAL C 154 20.52 -10.09 1.75
N THR C 155 20.44 -8.79 1.97
CA THR C 155 20.53 -8.23 3.31
CA THR C 155 20.49 -8.28 3.34
C THR C 155 19.21 -7.56 3.66
N ALA C 156 18.68 -7.82 4.84
CA ALA C 156 17.49 -7.14 5.29
C ALA C 156 17.93 -5.84 5.95
N SER C 157 17.41 -4.73 5.45
CA SER C 157 17.89 -3.44 5.87
C SER C 157 16.74 -2.70 6.53
N SER C 158 16.84 -2.56 7.83
CA SER C 158 15.75 -2.14 8.70
C SER C 158 15.92 -0.76 9.28
N ASP C 159 14.83 0.01 9.30
CA ASP C 159 14.83 1.30 9.98
C ASP C 159 14.86 1.21 11.50
N THR C 160 14.72 0.01 12.04
CA THR C 160 14.93 -0.17 13.47
C THR C 160 15.89 -1.30 13.75
N PHE C 161 16.49 -1.21 14.93
CA PHE C 161 17.35 -2.26 15.40
C PHE C 161 16.52 -3.30 16.11
N TYR C 162 15.40 -2.88 16.70
CA TYR C 162 14.66 -3.73 17.61
C TYR C 162 13.47 -4.40 16.91
N PRO C 163 12.30 -3.74 16.80
CA PRO C 163 11.23 -4.56 16.22
C PRO C 163 11.40 -4.96 14.77
N GLY C 164 12.01 -4.13 13.93
CA GLY C 164 12.22 -4.47 12.54
C GLY C 164 13.21 -5.60 12.33
N GLN C 165 13.96 -5.95 13.38
CA GLN C 165 14.83 -7.11 13.33
C GLN C 165 14.28 -8.20 14.22
N GLU C 166 12.99 -8.07 14.53
CA GLU C 166 12.25 -9.02 15.36
C GLU C 166 12.97 -9.39 16.67
N ARG C 167 13.41 -8.36 17.37
CA ARG C 167 13.95 -8.54 18.71
C ARG C 167 12.83 -8.31 19.69
N TYR C 168 12.67 -9.28 20.59
CA TYR C 168 11.63 -9.21 21.62
C TYR C 168 12.14 -8.83 22.98
N ASP C 169 13.45 -8.86 23.17
CA ASP C 169 14.00 -8.55 24.47
C ASP C 169 14.12 -7.05 24.64
N THR C 170 12.97 -6.40 24.76
CA THR C 170 12.87 -4.98 24.65
C THR C 170 11.98 -4.46 25.73
N PHE C 171 11.85 -3.14 25.79
CA PHE C 171 11.01 -2.51 26.78
C PHE C 171 9.58 -3.03 26.75
N THR C 172 8.95 -3.09 25.58
CA THR C 172 7.58 -3.59 25.51
C THR C 172 7.51 -5.08 25.26
N GLY C 173 8.55 -5.65 24.66
CA GLY C 173 8.54 -7.05 24.26
C GLY C 173 7.56 -7.34 23.15
N ARG C 174 7.09 -6.30 22.49
CA ARG C 174 6.09 -6.39 21.43
CA ARG C 174 6.13 -6.46 21.42
C ARG C 174 6.76 -6.14 20.08
N VAL C 175 6.27 -6.82 19.06
CA VAL C 175 6.68 -6.51 17.71
C VAL C 175 5.40 -6.36 16.92
N VAL C 176 5.30 -5.27 16.18
CA VAL C 176 4.14 -5.01 15.35
C VAL C 176 3.89 -6.16 14.36
N ARG C 177 2.64 -6.33 13.98
CA ARG C 177 2.22 -7.43 13.13
C ARG C 177 3.14 -7.66 11.93
N ARG C 178 3.45 -6.58 11.22
CA ARG C 178 4.30 -6.66 10.04
C ARG C 178 5.58 -7.43 10.31
N PHE C 179 6.13 -7.30 11.51
CA PHE C 179 7.42 -7.90 11.81
C PHE C 179 7.35 -9.16 12.64
N GLN C 180 6.16 -9.53 13.09
CA GLN C 180 6.04 -10.78 13.81
C GLN C 180 6.28 -11.92 12.82
N GLY C 181 7.18 -12.84 13.17
CA GLY C 181 7.53 -13.95 12.29
C GLY C 181 8.41 -13.57 11.14
N SER C 182 8.83 -12.31 11.09
CA SER C 182 9.62 -11.84 9.95
C SER C 182 11.03 -12.43 9.89
N MET C 183 11.70 -12.63 11.03
CA MET C 183 13.00 -13.27 11.05
CA MET C 183 13.02 -13.21 10.92
C MET C 183 12.96 -14.59 10.29
N LYS C 184 12.01 -15.42 10.69
CA LYS C 184 11.85 -16.73 10.08
CA LYS C 184 11.86 -16.73 10.08
C LYS C 184 11.56 -16.60 8.59
N GLU C 185 10.70 -15.67 8.23
CA GLU C 185 10.40 -15.45 6.82
C GLU C 185 11.67 -15.09 6.03
N TRP C 186 12.45 -14.13 6.52
CA TRP C 186 13.66 -13.77 5.81
C TRP C 186 14.64 -14.93 5.78
N GLN C 187 14.72 -15.68 6.87
CA GLN C 187 15.59 -16.86 6.89
C GLN C 187 15.20 -17.83 5.81
N ASP C 188 13.92 -18.10 5.73
CA ASP C 188 13.42 -19.04 4.75
C ASP C 188 13.68 -18.54 3.34
N MET C 189 13.66 -17.23 3.16
CA MET C 189 13.92 -16.60 1.87
C MET C 189 15.39 -16.48 1.55
N GLY C 190 16.26 -16.94 2.45
CA GLY C 190 17.69 -16.95 2.19
C GLY C 190 18.40 -15.65 2.52
N VAL C 191 17.71 -14.74 3.18
CA VAL C 191 18.31 -13.46 3.55
C VAL C 191 19.44 -13.76 4.52
N LEU C 192 20.57 -13.09 4.35
CA LEU C 192 21.74 -13.44 5.14
C LEU C 192 21.84 -12.72 6.48
N ASN C 193 21.40 -11.48 6.53
CA ASN C 193 21.79 -10.61 7.62
C ASN C 193 20.91 -9.39 7.72
N PHE C 194 21.02 -8.70 8.85
CA PHE C 194 20.35 -7.46 9.11
C PHE C 194 21.36 -6.35 9.29
N GLU C 195 21.06 -5.20 8.69
CA GLU C 195 21.70 -3.94 9.10
C GLU C 195 20.69 -2.85 8.82
N MET C 196 21.10 -1.59 8.84
CA MET C 196 20.13 -0.51 8.90
C MET C 196 20.32 0.60 7.89
N GLU C 197 21.20 0.41 6.91
CA GLU C 197 21.52 1.50 5.99
C GLU C 197 21.55 1.10 4.52
N SER C 198 21.77 -0.17 4.22
CA SER C 198 21.99 -0.58 2.84
C SER C 198 20.82 -0.32 1.91
N ALA C 199 19.59 -0.51 2.37
CA ALA C 199 18.47 -0.28 1.48
C ALA C 199 18.45 1.17 1.02
N THR C 200 18.63 2.08 1.96
CA THR C 200 18.65 3.48 1.61
C THR C 200 19.82 3.77 0.69
N LEU C 201 21.00 3.33 1.11
CA LEU C 201 22.21 3.63 0.35
C LEU C 201 22.10 3.08 -1.05
N LEU C 202 21.72 1.82 -1.16
CA LEU C 202 21.76 1.18 -2.47
C LEU C 202 20.67 1.73 -3.38
N THR C 203 19.48 1.95 -2.84
CA THR C 203 18.42 2.50 -3.65
C THR C 203 18.75 3.92 -4.08
N MET C 204 19.21 4.74 -3.15
CA MET C 204 19.56 6.11 -3.47
CA MET C 204 19.54 6.12 -3.50
C MET C 204 20.61 6.14 -4.58
N CYS C 205 21.66 5.36 -4.41
CA CYS C 205 22.73 5.40 -5.39
C CYS C 205 22.34 4.82 -6.73
N ALA C 206 21.67 3.67 -6.72
CA ALA C 206 21.32 3.01 -7.96
C ALA C 206 20.34 3.82 -8.79
N SER C 207 19.61 4.71 -8.15
CA SER C 207 18.62 5.52 -8.84
C SER C 207 19.14 6.93 -9.09
N SER C 208 20.40 7.20 -8.71
CA SER C 208 20.97 8.54 -8.82
C SER C 208 22.29 8.60 -9.57
N GLY C 209 22.67 7.52 -10.24
CA GLY C 209 23.89 7.55 -11.02
C GLY C 209 25.14 7.49 -10.16
N LEU C 210 25.01 6.92 -8.97
CA LEU C 210 26.13 6.79 -8.06
C LEU C 210 26.40 5.30 -7.91
N LYS C 211 27.67 4.93 -7.71
CA LYS C 211 28.05 3.54 -7.55
C LYS C 211 28.18 3.24 -6.09
N ALA C 212 27.49 2.23 -5.60
CA ALA C 212 27.54 1.87 -4.20
C ALA C 212 27.57 0.36 -3.99
N GLY C 213 28.12 -0.06 -2.86
CA GLY C 213 28.07 -1.43 -2.47
C GLY C 213 28.26 -1.48 -0.99
N CYS C 214 27.95 -2.65 -0.42
CA CYS C 214 28.09 -2.85 1.01
C CYS C 214 28.79 -4.14 1.31
N VAL C 215 29.71 -4.05 2.26
CA VAL C 215 30.38 -5.23 2.76
C VAL C 215 30.30 -5.14 4.28
N ALA C 216 30.16 -6.28 4.93
CA ALA C 216 29.97 -6.28 6.36
C ALA C 216 30.65 -7.47 7.01
N GLY C 217 31.20 -7.24 8.18
CA GLY C 217 31.68 -8.34 9.02
C GLY C 217 30.57 -8.80 9.93
N VAL C 218 30.40 -10.12 10.02
CA VAL C 218 29.37 -10.68 10.87
C VAL C 218 29.84 -10.66 12.32
N ILE C 219 29.19 -9.82 13.12
CA ILE C 219 29.56 -9.64 14.52
C ILE C 219 28.79 -10.59 15.43
N ILE C 220 27.51 -10.80 15.12
CA ILE C 220 26.73 -11.78 15.84
C ILE C 220 25.94 -12.60 14.84
N ASN C 221 25.49 -13.75 15.29
CA ASN C 221 24.51 -14.49 14.53
C ASN C 221 23.28 -14.61 15.42
N ARG C 222 22.14 -14.19 14.88
CA ARG C 222 20.90 -14.12 15.65
C ARG C 222 20.39 -15.49 16.07
N THR C 223 20.87 -16.54 15.43
CA THR C 223 20.48 -17.89 15.83
C THR C 223 21.33 -18.38 16.98
N GLN C 224 22.25 -17.54 17.45
CA GLN C 224 23.23 -17.93 18.47
C GLN C 224 23.22 -17.07 19.72
N LYS C 225 23.99 -15.99 19.73
CA LYS C 225 23.99 -15.12 20.89
C LYS C 225 24.11 -13.68 20.45
N GLU C 226 23.61 -12.78 21.29
CA GLU C 226 23.64 -11.36 21.00
C GLU C 226 24.90 -10.68 21.45
N ILE C 227 25.61 -11.29 22.39
CA ILE C 227 26.77 -10.65 22.98
C ILE C 227 28.04 -11.19 22.35
N PRO C 228 28.71 -10.36 21.57
CA PRO C 228 29.89 -10.86 20.85
C PRO C 228 31.12 -11.00 21.76
N ASP C 229 32.00 -11.90 21.36
CA ASP C 229 33.28 -12.09 22.00
C ASP C 229 34.24 -11.01 21.53
N HIS C 230 34.92 -10.39 22.47
CA HIS C 230 35.66 -9.17 22.17
C HIS C 230 36.77 -9.37 21.16
N ALA C 231 37.55 -10.44 21.28
CA ALA C 231 38.69 -10.60 20.40
C ALA C 231 38.21 -10.95 19.00
N THR C 232 37.17 -11.78 18.95
CA THR C 232 36.56 -12.13 17.67
C THR C 232 36.00 -10.90 16.95
N LEU C 233 35.29 -10.05 17.68
CA LEU C 233 34.71 -8.85 17.11
C LEU C 233 35.82 -7.96 16.57
N LYS C 234 36.88 -7.80 17.37
CA LYS C 234 37.97 -6.91 17.00
C LYS C 234 38.63 -7.41 15.73
N GLU C 235 38.84 -8.71 15.64
CA GLU C 235 39.47 -9.29 14.46
CA GLU C 235 39.48 -9.27 14.45
C GLU C 235 38.59 -9.09 13.23
N THR C 236 37.31 -9.32 13.39
CA THR C 236 36.38 -9.17 12.29
C THR C 236 36.34 -7.73 11.82
N GLU C 237 36.26 -6.80 12.76
CA GLU C 237 36.18 -5.41 12.36
C GLU C 237 37.44 -4.97 11.67
N ALA C 238 38.59 -5.44 12.14
CA ALA C 238 39.84 -5.04 11.51
C ALA C 238 39.93 -5.60 10.09
N ARG C 239 39.47 -6.83 9.92
CA ARG C 239 39.53 -7.41 8.59
C ARG C 239 38.59 -6.69 7.66
N SER C 240 37.43 -6.30 8.17
CA SER C 240 36.45 -5.65 7.32
C SER C 240 36.97 -4.33 6.78
N ILE C 241 37.64 -3.54 7.61
CA ILE C 241 38.14 -2.28 7.08
C ILE C 241 39.32 -2.45 6.14
N LYS C 242 40.13 -3.48 6.38
CA LYS C 242 41.18 -3.80 5.42
CA LYS C 242 41.18 -3.77 5.43
C LYS C 242 40.56 -4.16 4.09
N VAL C 243 39.50 -4.95 4.15
CA VAL C 243 38.79 -5.36 2.95
C VAL C 243 38.19 -4.19 2.22
N VAL C 244 37.51 -3.29 2.95
CA VAL C 244 36.90 -2.19 2.23
C VAL C 244 37.93 -1.28 1.58
N VAL C 245 39.08 -1.12 2.22
CA VAL C 245 40.13 -0.33 1.61
C VAL C 245 40.67 -1.01 0.35
N GLU C 246 40.86 -2.32 0.40
CA GLU C 246 41.30 -3.01 -0.81
CA GLU C 246 41.29 -3.05 -0.79
C GLU C 246 40.23 -2.96 -1.89
N ALA C 247 38.95 -3.00 -1.50
CA ALA C 247 37.89 -2.84 -2.49
C ALA C 247 37.95 -1.46 -3.14
N ALA C 248 38.24 -0.44 -2.34
CA ALA C 248 38.43 0.89 -2.88
C ALA C 248 39.60 0.89 -3.86
N ARG C 249 40.69 0.22 -3.49
CA ARG C 249 41.85 0.15 -4.36
CA ARG C 249 41.85 0.14 -4.36
C ARG C 249 41.45 -0.42 -5.72
N LYS C 250 40.61 -1.44 -5.69
CA LYS C 250 40.13 -2.08 -6.91
C LYS C 250 39.23 -1.17 -7.71
N MET C 251 38.52 -0.26 -7.05
CA MET C 251 37.63 0.64 -7.76
C MET C 251 38.37 1.82 -8.35
N LEU C 252 39.58 2.11 -7.88
CA LEU C 252 40.29 3.27 -8.37
C LEU C 252 40.60 3.15 -9.85
N LYS C 253 40.48 4.27 -10.56
CA LYS C 253 40.78 4.31 -11.99
C LYS C 253 42.09 5.03 -12.23
N LYS D 3 20.97 -4.77 32.55
CA LYS D 3 21.47 -3.55 33.17
C LYS D 3 22.26 -2.72 32.16
N THR D 4 22.63 -3.35 31.06
CA THR D 4 23.35 -2.65 30.01
C THR D 4 22.49 -2.61 28.73
N VAL D 5 22.85 -1.73 27.82
CA VAL D 5 22.15 -1.63 26.54
C VAL D 5 23.16 -1.77 25.40
N PHE D 6 22.65 -1.91 24.18
CA PHE D 6 23.53 -2.24 23.07
C PHE D 6 24.29 -1.05 22.49
N HIS D 7 23.75 0.17 22.60
CA HIS D 7 24.37 1.30 21.93
C HIS D 7 24.75 2.46 22.82
N LEU D 8 23.92 2.77 23.80
CA LEU D 8 24.09 4.03 24.53
C LEU D 8 25.28 4.00 25.49
N GLY D 9 25.73 2.82 25.86
CA GLY D 9 26.90 2.70 26.73
C GLY D 9 26.67 3.22 28.13
N VAL D 10 25.41 3.21 28.56
CA VAL D 10 25.07 3.61 29.91
C VAL D 10 24.25 2.52 30.58
N THR D 11 24.26 2.53 31.90
CA THR D 11 23.53 1.52 32.66
C THR D 11 22.39 2.23 33.38
N GLU D 12 21.49 1.46 33.96
CA GLU D 12 20.39 2.08 34.68
CA GLU D 12 20.39 2.03 34.70
C GLU D 12 20.95 2.86 35.86
N ALA D 13 21.97 2.32 36.50
CA ALA D 13 22.58 3.02 37.63
C ALA D 13 23.10 4.39 37.21
N ASP D 14 23.64 4.49 36.01
CA ASP D 14 24.17 5.75 35.50
C ASP D 14 23.11 6.82 35.47
N LEU D 15 21.86 6.40 35.33
CA LEU D 15 20.77 7.35 35.15
C LEU D 15 20.21 7.87 36.47
N ASN D 16 20.65 7.30 37.59
CA ASN D 16 20.23 7.77 38.91
C ASN D 16 18.74 7.98 39.06
N GLY D 17 17.97 7.06 38.49
CA GLY D 17 16.53 7.06 38.67
C GLY D 17 15.77 7.94 37.69
N ALA D 18 16.48 8.54 36.72
CA ALA D 18 15.80 9.41 35.77
C ALA D 18 14.68 8.67 35.06
N THR D 19 13.54 9.34 34.96
CA THR D 19 12.44 8.79 34.18
C THR D 19 12.11 9.69 33.02
N LEU D 20 12.82 10.80 32.89
CA LEU D 20 12.59 11.73 31.81
C LEU D 20 13.89 11.97 31.07
N ALA D 21 13.82 11.99 29.74
CA ALA D 21 14.96 12.29 28.90
C ALA D 21 14.64 13.48 28.02
N ILE D 22 15.63 14.35 27.84
CA ILE D 22 15.58 15.35 26.79
C ILE D 22 16.45 14.80 25.68
N ILE D 23 15.89 14.76 24.48
CA ILE D 23 16.56 14.10 23.38
C ILE D 23 16.74 15.02 22.17
N PRO D 24 17.81 15.80 22.17
CA PRO D 24 18.12 16.62 21.01
C PRO D 24 18.70 15.72 19.92
N GLY D 25 18.85 16.28 18.72
CA GLY D 25 19.42 15.52 17.63
C GLY D 25 20.94 15.54 17.60
N ASP D 26 21.49 16.70 17.88
CA ASP D 26 22.91 16.95 17.76
C ASP D 26 23.61 16.57 19.06
N PRO D 27 24.58 15.65 18.98
CA PRO D 27 25.38 15.31 20.17
C PRO D 27 25.94 16.52 20.88
N ALA D 28 26.31 17.57 20.15
CA ALA D 28 26.95 18.73 20.76
C ALA D 28 25.95 19.51 21.59
N ARG D 29 24.66 19.26 21.41
CA ARG D 29 23.65 20.03 22.11
C ARG D 29 23.41 19.42 23.48
N VAL D 30 23.90 18.21 23.69
CA VAL D 30 23.58 17.49 24.91
C VAL D 30 24.14 18.20 26.13
N GLN D 31 25.42 18.53 26.09
CA GLN D 31 26.03 19.23 27.21
C GLN D 31 25.37 20.58 27.41
N LYS D 32 24.99 21.23 26.29
CA LYS D 32 24.41 22.57 26.36
C LYS D 32 23.08 22.51 27.11
N ILE D 33 22.33 21.45 26.88
CA ILE D 33 21.09 21.26 27.61
C ILE D 33 21.36 20.88 29.07
N ALA D 34 22.29 19.94 29.26
CA ALA D 34 22.57 19.44 30.59
C ALA D 34 23.02 20.57 31.51
N GLU D 35 23.78 21.52 30.98
CA GLU D 35 24.33 22.54 31.85
C GLU D 35 23.27 23.56 32.28
N LEU D 36 22.09 23.50 31.67
CA LEU D 36 20.98 24.35 32.13
C LEU D 36 20.35 23.76 33.38
N MET D 37 20.78 22.56 33.75
CA MET D 37 20.29 21.88 34.92
C MET D 37 21.39 21.74 35.95
N ASP D 38 21.09 21.08 37.06
CA ASP D 38 22.05 20.99 38.15
C ASP D 38 22.92 19.76 38.04
N ASN D 39 24.17 19.87 38.46
CA ASN D 39 25.09 18.75 38.48
C ASN D 39 25.12 17.90 37.21
N PRO D 40 25.29 18.55 36.05
CA PRO D 40 25.39 17.77 34.82
C PRO D 40 26.63 16.89 34.85
N VAL D 41 26.47 15.65 34.42
CA VAL D 41 27.61 14.75 34.36
C VAL D 41 27.58 14.02 33.04
N PHE D 42 28.71 14.00 32.36
CA PHE D 42 28.87 13.23 31.15
C PHE D 42 28.79 11.76 31.50
N LEU D 43 27.98 11.01 30.77
CA LEU D 43 27.93 9.57 30.99
C LEU D 43 28.64 8.78 29.91
N ALA D 44 28.40 9.12 28.65
CA ALA D 44 28.92 8.29 27.57
C ALA D 44 28.79 9.02 26.27
N SER D 45 29.64 8.66 25.33
CA SER D 45 29.46 9.09 23.97
C SER D 45 29.89 7.94 23.11
N HIS D 46 28.94 7.38 22.38
CA HIS D 46 29.21 6.30 21.44
CA HIS D 46 29.21 6.31 21.44
C HIS D 46 28.41 6.66 20.21
N ARG D 47 29.06 6.65 19.05
CA ARG D 47 28.35 6.93 17.80
C ARG D 47 27.67 8.30 17.95
N GLU D 48 26.43 8.42 17.49
CA GLU D 48 25.71 9.70 17.60
C GLU D 48 25.07 9.92 18.96
N TYR D 49 25.38 9.08 19.93
CA TYR D 49 24.69 9.09 21.21
C TYR D 49 25.61 9.63 22.28
N THR D 50 25.41 10.90 22.62
CA THR D 50 26.08 11.51 23.74
C THR D 50 25.07 11.63 24.84
N VAL D 51 25.44 11.17 26.03
CA VAL D 51 24.50 11.02 27.13
C VAL D 51 25.05 11.71 28.35
N TYR D 52 24.25 12.60 28.90
CA TYR D 52 24.55 13.24 30.18
C TYR D 52 23.41 12.98 31.11
N ARG D 53 23.68 13.12 32.40
CA ARG D 53 22.63 13.14 33.39
C ARG D 53 22.73 14.49 34.06
N ALA D 54 21.62 14.98 34.56
CA ALA D 54 21.64 16.17 35.37
C ALA D 54 20.47 16.10 36.32
N GLU D 55 20.30 17.14 37.11
CA GLU D 55 19.20 17.14 38.07
C GLU D 55 18.39 18.40 37.88
N LEU D 56 17.07 18.21 37.93
CA LEU D 56 16.13 19.29 37.71
C LEU D 56 15.17 19.24 38.87
N ASP D 57 15.20 20.29 39.69
CA ASP D 57 14.39 20.31 40.90
C ASP D 57 14.54 19.03 41.71
N GLY D 58 15.77 18.56 41.83
CA GLY D 58 16.06 17.40 42.67
C GLY D 58 15.84 16.07 41.99
N GLN D 59 15.39 16.11 40.74
CA GLN D 59 15.12 14.87 40.02
C GLN D 59 16.10 14.66 38.90
N SER D 60 16.55 13.42 38.74
CA SER D 60 17.50 13.10 37.69
C SER D 60 16.80 13.16 36.35
N VAL D 61 17.52 13.71 35.37
CA VAL D 61 17.04 13.84 34.02
C VAL D 61 18.19 13.39 33.14
N VAL D 62 17.89 12.66 32.10
CA VAL D 62 18.92 12.27 31.15
CA VAL D 62 18.92 12.29 31.15
C VAL D 62 18.82 13.18 29.92
N VAL D 63 19.95 13.50 29.33
CA VAL D 63 19.95 14.19 28.07
C VAL D 63 20.72 13.28 27.13
N CYS D 64 20.13 12.94 25.99
CA CYS D 64 20.72 11.95 25.10
C CYS D 64 20.44 12.36 23.68
N SER D 65 21.48 12.52 22.88
CA SER D 65 21.27 12.84 21.48
C SER D 65 20.79 11.63 20.72
N THR D 66 20.09 11.90 19.62
CA THR D 66 19.46 10.86 18.85
C THR D 66 20.17 10.60 17.53
N GLY D 67 21.02 11.52 17.09
CA GLY D 67 21.41 11.53 15.70
C GLY D 67 20.27 12.00 14.82
N ILE D 68 20.51 12.07 13.53
CA ILE D 68 19.49 12.44 12.58
C ILE D 68 18.71 11.21 12.16
N GLY D 69 17.39 11.31 12.22
CA GLY D 69 16.53 10.28 11.69
C GLY D 69 15.88 9.37 12.69
N GLY D 70 14.72 8.88 12.29
CA GLY D 70 14.01 7.90 13.08
C GLY D 70 14.79 6.67 13.51
N PRO D 71 15.59 6.08 12.60
CA PRO D 71 16.24 4.84 13.03
C PRO D 71 17.17 5.03 14.22
N SER D 72 18.05 6.03 14.19
CA SER D 72 18.94 6.22 15.32
C SER D 72 18.16 6.69 16.55
N THR D 73 17.11 7.46 16.32
CA THR D 73 16.26 7.92 17.41
C THR D 73 15.61 6.73 18.10
N SER D 74 15.14 5.78 17.30
CA SER D 74 14.41 4.64 17.86
C SER D 74 15.29 3.83 18.79
N ILE D 75 16.58 3.72 18.45
CA ILE D 75 17.50 3.00 19.28
C ILE D 75 17.66 3.72 20.62
N ALA D 76 17.87 5.03 20.56
CA ALA D 76 18.05 5.80 21.79
C ALA D 76 16.83 5.70 22.68
N VAL D 77 15.64 5.83 22.11
CA VAL D 77 14.43 5.82 22.90
C VAL D 77 14.26 4.44 23.53
N GLU D 78 14.41 3.41 22.71
CA GLU D 78 14.28 2.06 23.23
C GLU D 78 15.27 1.79 24.36
N GLU D 79 16.53 2.15 24.18
CA GLU D 79 17.50 1.78 25.19
C GLU D 79 17.32 2.60 26.45
N LEU D 80 16.95 3.87 26.29
CA LEU D 80 16.57 4.67 27.45
C LEU D 80 15.36 4.07 28.17
N ALA D 81 14.37 3.61 27.42
CA ALA D 81 13.20 3.01 28.05
C ALA D 81 13.59 1.74 28.79
N GLN D 82 14.51 0.97 28.23
CA GLN D 82 14.99 -0.24 28.92
C GLN D 82 15.57 0.16 30.26
N LEU D 83 16.14 1.35 30.34
CA LEU D 83 16.81 1.82 31.55
C LEU D 83 15.91 2.67 32.42
N GLY D 84 14.62 2.69 32.09
CA GLY D 84 13.62 3.24 32.98
C GLY D 84 13.04 4.58 32.57
N VAL D 85 13.53 5.14 31.46
CA VAL D 85 12.98 6.40 30.98
C VAL D 85 11.59 6.21 30.39
N ARG D 86 10.67 7.09 30.79
CA ARG D 86 9.30 6.95 30.36
C ARG D 86 8.77 8.15 29.61
N THR D 87 9.48 9.26 29.74
CA THR D 87 9.05 10.50 29.13
C THR D 87 10.20 11.06 28.33
N PHE D 88 9.90 11.44 27.08
CA PHE D 88 10.91 11.87 26.14
C PHE D 88 10.55 13.22 25.56
N LEU D 89 11.40 14.21 25.81
CA LEU D 89 11.15 15.53 25.29
C LEU D 89 12.13 15.82 24.21
N ARG D 90 11.63 15.88 23.00
CA ARG D 90 12.43 16.17 21.84
C ARG D 90 12.52 17.65 21.60
N VAL D 91 13.75 18.13 21.46
CA VAL D 91 13.94 19.46 20.95
C VAL D 91 14.80 19.30 19.70
N GLY D 92 14.58 20.14 18.71
CA GLY D 92 15.39 20.06 17.53
C GLY D 92 15.13 21.24 16.63
N THR D 93 15.99 21.40 15.66
CA THR D 93 15.83 22.51 14.73
C THR D 93 14.89 22.09 13.62
N THR D 94 14.27 23.08 12.98
CA THR D 94 13.30 22.77 11.97
C THR D 94 13.28 23.84 10.92
N GLY D 95 12.78 23.46 9.74
CA GLY D 95 12.48 24.42 8.70
C GLY D 95 10.97 24.56 8.61
N ALA D 96 10.48 25.79 8.74
CA ALA D 96 9.05 26.03 8.57
C ALA D 96 8.70 26.07 7.11
N ILE D 97 7.45 25.73 6.80
CA ILE D 97 6.99 25.79 5.42
C ILE D 97 5.80 26.72 5.25
N GLN D 98 5.31 27.28 6.35
CA GLN D 98 4.20 28.21 6.27
C GLN D 98 4.70 29.63 6.24
N PRO D 99 4.18 30.45 5.34
CA PRO D 99 4.62 31.83 5.30
C PRO D 99 4.42 32.59 6.62
N HIS D 100 3.42 32.21 7.41
CA HIS D 100 3.12 32.94 8.64
C HIS D 100 3.95 32.48 9.83
N VAL D 101 4.74 31.43 9.63
CA VAL D 101 5.63 30.96 10.68
C VAL D 101 6.99 31.56 10.44
N ASN D 102 7.42 32.46 11.31
CA ASN D 102 8.67 33.19 11.13
C ASN D 102 9.88 32.48 11.66
N VAL D 103 11.02 32.76 11.05
CA VAL D 103 12.29 32.33 11.60
C VAL D 103 12.34 32.86 13.03
N GLY D 104 12.70 32.01 13.96
CA GLY D 104 12.73 32.38 15.36
C GLY D 104 11.49 31.98 16.12
N ASP D 105 10.44 31.62 15.41
CA ASP D 105 9.26 31.12 16.08
C ASP D 105 9.55 29.73 16.62
N MET D 106 8.65 29.24 17.46
CA MET D 106 8.77 27.87 17.91
CA MET D 106 8.75 27.89 18.00
C MET D 106 7.54 27.09 17.53
N ILE D 107 7.74 25.80 17.34
CA ILE D 107 6.65 24.92 16.99
C ILE D 107 6.56 23.81 18.00
N VAL D 108 5.35 23.54 18.48
CA VAL D 108 5.12 22.34 19.26
C VAL D 108 4.26 21.44 18.40
N THR D 109 4.75 20.24 18.13
CA THR D 109 4.09 19.32 17.22
C THR D 109 2.87 18.68 17.85
N THR D 110 1.72 18.80 17.19
CA THR D 110 0.50 18.17 17.70
C THR D 110 0.26 16.85 17.00
N GLY D 111 0.97 16.63 15.91
CA GLY D 111 0.89 15.37 15.20
C GLY D 111 1.88 15.44 14.08
N SER D 112 2.42 14.30 13.67
CA SER D 112 3.37 14.28 12.56
C SER D 112 2.87 13.54 11.35
N VAL D 113 3.16 14.13 10.19
CA VAL D 113 3.01 13.39 8.95
C VAL D 113 4.14 12.38 8.91
N ARG D 114 3.77 11.12 8.75
CA ARG D 114 4.73 10.05 8.87
C ARG D 114 5.41 9.79 7.53
N LEU D 115 6.42 10.59 7.24
CA LEU D 115 7.16 10.44 5.99
C LEU D 115 8.44 9.69 6.24
N ASP D 116 8.34 8.79 7.22
CA ASP D 116 9.46 8.01 7.70
C ASP D 116 9.14 6.52 7.54
N GLY D 117 10.14 5.69 7.83
CA GLY D 117 9.94 4.27 7.84
C GLY D 117 9.86 3.66 9.22
N ALA D 118 10.54 4.27 10.20
CA ALA D 118 10.69 3.59 11.46
C ALA D 118 9.39 3.57 12.22
N SER D 119 8.56 4.59 12.03
CA SER D 119 7.28 4.61 12.72
C SER D 119 6.49 3.35 12.41
N LEU D 120 6.63 2.84 11.19
CA LEU D 120 5.92 1.65 10.77
C LEU D 120 6.41 0.38 11.46
N HIS D 121 7.57 0.47 12.09
CA HIS D 121 8.08 -0.66 12.86
C HIS D 121 7.47 -0.74 14.23
N PHE D 122 6.65 0.26 14.57
CA PHE D 122 5.91 0.28 15.83
C PHE D 122 4.42 0.24 15.65
N ALA D 123 3.91 0.84 14.60
CA ALA D 123 2.47 0.87 14.41
C ALA D 123 2.21 1.06 12.94
N PRO D 124 1.13 0.48 12.41
CA PRO D 124 0.83 0.64 10.98
C PRO D 124 0.52 2.11 10.71
N MET D 125 0.52 2.48 9.44
CA MET D 125 0.49 3.88 9.04
C MET D 125 -0.74 4.61 9.58
N GLU D 126 -1.83 3.87 9.79
CA GLU D 126 -3.09 4.43 10.27
CA GLU D 126 -3.06 4.52 10.23
C GLU D 126 -2.96 5.04 11.65
N PHE D 127 -1.98 4.57 12.40
CA PHE D 127 -1.83 5.01 13.77
C PHE D 127 -1.29 6.44 13.80
N PRO D 128 -1.82 7.29 14.69
CA PRO D 128 -1.44 8.70 14.63
C PRO D 128 -0.10 8.94 15.33
N ALA D 129 0.77 9.67 14.66
CA ALA D 129 2.04 10.08 15.25
C ALA D 129 1.74 11.30 16.13
N VAL D 130 1.26 11.03 17.33
CA VAL D 130 0.70 12.02 18.23
CA VAL D 130 0.83 12.13 18.17
C VAL D 130 1.55 12.14 19.50
N PRO D 131 1.75 13.35 20.03
CA PRO D 131 2.46 13.49 21.29
C PRO D 131 1.56 13.18 22.45
N ASP D 132 2.20 12.88 23.57
CA ASP D 132 1.49 12.88 24.83
C ASP D 132 0.95 14.26 25.10
N PHE D 133 -0.30 14.33 25.54
CA PHE D 133 -0.94 15.62 25.70
C PHE D 133 -0.31 16.45 26.81
N ASP D 134 0.15 15.81 27.87
CA ASP D 134 0.81 16.58 28.93
C ASP D 134 2.12 17.15 28.43
N VAL D 135 2.87 16.37 27.68
CA VAL D 135 4.12 16.90 27.15
C VAL D 135 3.87 18.08 26.20
N ALA D 136 2.93 17.94 25.28
CA ALA D 136 2.65 19.02 24.35
C ALA D 136 2.18 20.26 25.12
N THR D 137 1.39 20.03 26.15
CA THR D 137 0.88 21.12 26.96
C THR D 137 2.02 21.83 27.70
N ALA D 138 2.92 21.06 28.28
CA ALA D 138 4.09 21.59 28.96
C ALA D 138 4.99 22.36 28.00
N MET D 139 5.19 21.80 26.81
CA MET D 139 6.01 22.47 25.82
C MET D 139 5.42 23.77 25.37
N LYS D 140 4.10 23.78 25.13
CA LYS D 140 3.48 25.02 24.71
C LYS D 140 3.68 26.08 25.79
N ALA D 141 3.43 25.70 27.02
CA ALA D 141 3.50 26.64 28.12
C ALA D 141 4.92 27.16 28.25
N ALA D 142 5.88 26.25 28.24
CA ALA D 142 7.29 26.65 28.35
C ALA D 142 7.70 27.54 27.19
N ALA D 143 7.28 27.19 25.99
CA ALA D 143 7.59 28.00 24.84
C ALA D 143 6.98 29.38 24.97
N GLN D 144 5.73 29.45 25.37
CA GLN D 144 5.09 30.75 25.51
C GLN D 144 5.77 31.59 26.58
N GLU D 145 6.11 30.96 27.71
CA GLU D 145 6.72 31.69 28.83
C GLU D 145 8.08 32.27 28.49
N SER D 146 8.73 31.71 27.47
CA SER D 146 10.04 32.22 27.03
C SER D 146 9.87 33.48 26.17
N GLY D 147 8.63 33.83 25.85
CA GLY D 147 8.37 35.01 25.04
C GLY D 147 8.35 34.67 23.56
N ALA D 148 8.56 33.41 23.23
CA ALA D 148 8.53 33.03 21.83
C ALA D 148 7.12 33.12 21.26
N THR D 149 7.05 33.31 19.95
CA THR D 149 5.83 33.10 19.22
C THR D 149 5.74 31.62 18.93
N VAL D 150 4.68 31.00 19.39
CA VAL D 150 4.58 29.55 19.37
C VAL D 150 3.44 29.09 18.48
N HIS D 151 3.71 28.06 17.69
CA HIS D 151 2.67 27.47 16.87
C HIS D 151 2.48 26.04 17.28
N MET D 152 1.23 25.67 17.44
CA MET D 152 0.85 24.28 17.66
C MET D 152 0.38 23.75 16.33
N GLY D 153 0.87 22.61 15.89
CA GLY D 153 0.34 22.09 14.67
C GLY D 153 1.10 20.89 14.15
N VAL D 154 0.78 20.51 12.93
CA VAL D 154 1.30 19.33 12.32
C VAL D 154 2.68 19.53 11.72
N THR D 155 3.54 18.55 11.95
CA THR D 155 4.90 18.58 11.45
C THR D 155 5.08 17.46 10.44
N ALA D 156 5.67 17.75 9.30
CA ALA D 156 6.01 16.71 8.35
C ALA D 156 7.36 16.15 8.72
N SER D 157 7.41 14.85 8.96
CA SER D 157 8.61 14.24 9.48
C SER D 157 9.16 13.24 8.48
N SER D 158 10.28 13.61 7.87
CA SER D 158 10.80 12.97 6.69
C SER D 158 12.07 12.17 6.97
N ASP D 159 12.14 10.98 6.37
CA ASP D 159 13.36 10.19 6.42
C ASP D 159 14.48 10.78 5.60
N THR D 160 14.22 11.81 4.80
CA THR D 160 15.32 12.49 4.14
C THR D 160 15.27 13.98 4.39
N PHE D 161 16.43 14.59 4.26
CA PHE D 161 16.53 16.03 4.32
C PHE D 161 16.24 16.64 2.96
N TYR D 162 16.55 15.89 1.91
CA TYR D 162 16.53 16.43 0.57
C TYR D 162 15.23 16.11 -0.19
N PRO D 163 15.11 14.94 -0.84
CA PRO D 163 13.90 14.79 -1.65
C PRO D 163 12.59 14.77 -0.83
N GLY D 164 12.61 14.18 0.36
CA GLY D 164 11.42 14.09 1.18
C GLY D 164 10.99 15.43 1.72
N GLN D 165 11.85 16.43 1.61
CA GLN D 165 11.47 17.80 1.95
C GLN D 165 11.37 18.64 0.69
N GLU D 166 11.28 17.94 -0.43
CA GLU D 166 11.17 18.54 -1.76
C GLU D 166 12.23 19.60 -2.03
N ARG D 167 13.47 19.28 -1.70
CA ARG D 167 14.59 20.13 -2.08
C ARG D 167 15.08 19.66 -3.43
N TYR D 168 15.26 20.61 -4.34
CA TYR D 168 15.72 20.33 -5.69
C TYR D 168 17.17 20.72 -5.90
N ASP D 169 17.77 21.47 -5.00
CA ASP D 169 19.12 21.94 -5.25
C ASP D 169 20.08 20.89 -4.75
N THR D 170 20.11 19.80 -5.48
CA THR D 170 20.77 18.60 -5.03
C THR D 170 21.60 18.04 -6.16
N PHE D 171 22.31 16.97 -5.87
CA PHE D 171 23.14 16.33 -6.85
C PHE D 171 22.38 15.95 -8.12
N THR D 172 21.23 15.31 -7.98
CA THR D 172 20.49 14.96 -9.18
C THR D 172 19.47 16.01 -9.58
N GLY D 173 19.05 16.83 -8.63
CA GLY D 173 18.01 17.80 -8.88
C GLY D 173 16.65 17.18 -9.13
N ARG D 174 16.53 15.90 -8.80
CA ARG D 174 15.29 15.17 -9.01
CA ARG D 174 15.33 15.11 -9.02
C ARG D 174 14.62 14.86 -7.69
N VAL D 175 13.30 14.82 -7.74
CA VAL D 175 12.50 14.39 -6.60
C VAL D 175 11.53 13.35 -7.09
N VAL D 176 11.52 12.20 -6.43
CA VAL D 176 10.66 11.11 -6.82
C VAL D 176 9.20 11.57 -6.83
N ARG D 177 8.41 10.94 -7.69
CA ARG D 177 7.02 11.29 -7.87
C ARG D 177 6.23 11.56 -6.59
N ARG D 178 6.38 10.66 -5.62
CA ARG D 178 5.71 10.80 -4.34
C ARG D 178 5.89 12.17 -3.71
N PHE D 179 7.07 12.76 -3.89
CA PHE D 179 7.39 14.00 -3.20
C PHE D 179 7.32 15.23 -4.10
N GLN D 180 7.11 15.04 -5.39
CA GLN D 180 6.95 16.18 -6.28
CA GLN D 180 6.95 16.17 -6.27
C GLN D 180 5.66 16.88 -5.89
N GLY D 181 5.75 18.19 -5.66
CA GLY D 181 4.58 18.98 -5.28
C GLY D 181 4.18 18.78 -3.84
N SER D 182 4.96 18.02 -3.08
CA SER D 182 4.55 17.67 -1.73
C SER D 182 4.64 18.85 -0.79
N MET D 183 5.63 19.74 -0.97
CA MET D 183 5.68 20.87 -0.05
C MET D 183 4.42 21.71 -0.15
N LYS D 184 3.96 21.99 -1.38
CA LYS D 184 2.73 22.74 -1.56
CA LYS D 184 2.72 22.73 -1.59
C LYS D 184 1.55 21.98 -0.96
N GLU D 185 1.52 20.67 -1.14
CA GLU D 185 0.44 19.91 -0.52
C GLU D 185 0.42 20.05 0.99
N TRP D 186 1.58 19.89 1.61
CA TRP D 186 1.59 20.01 3.05
C TRP D 186 1.25 21.43 3.46
N GLN D 187 1.72 22.42 2.69
CA GLN D 187 1.38 23.81 3.00
C GLN D 187 -0.11 24.01 2.98
N ASP D 188 -0.74 23.48 1.94
CA ASP D 188 -2.18 23.64 1.80
C ASP D 188 -2.91 22.94 2.93
N MET D 189 -2.33 21.87 3.47
CA MET D 189 -2.97 21.11 4.53
C MET D 189 -2.65 21.68 5.89
N GLY D 190 -1.89 22.76 5.94
CA GLY D 190 -1.65 23.47 7.18
C GLY D 190 -0.46 22.95 7.95
N VAL D 191 0.32 22.08 7.34
CA VAL D 191 1.51 21.57 7.99
C VAL D 191 2.50 22.71 8.22
N LEU D 192 3.11 22.73 9.40
CA LEU D 192 3.92 23.87 9.80
C LEU D 192 5.37 23.79 9.35
N ASN D 193 5.92 22.57 9.31
CA ASN D 193 7.36 22.47 9.31
C ASN D 193 7.81 21.09 8.95
N PHE D 194 9.10 20.99 8.63
CA PHE D 194 9.75 19.72 8.39
C PHE D 194 10.81 19.46 9.43
N GLU D 195 10.86 18.23 9.90
CA GLU D 195 12.07 17.74 10.56
C GLU D 195 12.14 16.23 10.27
N MET D 196 12.95 15.48 11.01
CA MET D 196 13.25 14.13 10.55
C MET D 196 13.13 13.04 11.60
N GLU D 197 12.54 13.34 12.75
CA GLU D 197 12.51 12.35 13.84
C GLU D 197 11.16 12.22 14.52
N SER D 198 10.31 13.24 14.41
CA SER D 198 9.12 13.26 15.23
C SER D 198 8.15 12.12 14.91
N ALA D 199 7.99 11.77 13.64
CA ALA D 199 7.07 10.67 13.31
C ALA D 199 7.49 9.39 13.99
N THR D 200 8.78 9.09 13.91
CA THR D 200 9.27 7.90 14.56
C THR D 200 9.08 8.00 16.05
N LEU D 201 9.52 9.10 16.63
CA LEU D 201 9.47 9.27 18.07
C LEU D 201 8.05 9.20 18.58
N LEU D 202 7.18 9.98 17.99
CA LEU D 202 5.82 10.05 18.50
C LEU D 202 5.06 8.74 18.32
N THR D 203 5.24 8.09 17.17
CA THR D 203 4.54 6.84 16.95
C THR D 203 5.08 5.78 17.88
N MET D 204 6.40 5.67 17.96
CA MET D 204 7.01 4.71 18.86
CA MET D 204 6.94 4.65 18.84
C MET D 204 6.49 4.89 20.28
N CYS D 205 6.53 6.12 20.76
CA CYS D 205 6.17 6.35 22.13
C CYS D 205 4.68 6.16 22.39
N ALA D 206 3.85 6.72 21.52
CA ALA D 206 2.41 6.67 21.72
C ALA D 206 1.89 5.25 21.66
N SER D 207 2.62 4.36 21.01
CA SER D 207 2.23 2.96 20.89
C SER D 207 2.95 2.06 21.89
N SER D 208 3.79 2.65 22.74
CA SER D 208 4.60 1.85 23.66
C SER D 208 4.50 2.28 25.11
N GLY D 209 3.53 3.13 25.43
CA GLY D 209 3.33 3.53 26.81
C GLY D 209 4.39 4.50 27.28
N LEU D 210 4.95 5.26 26.35
CA LEU D 210 5.94 6.27 26.68
C LEU D 210 5.34 7.61 26.35
N LYS D 211 5.68 8.63 27.13
CA LYS D 211 5.19 9.97 26.83
C LYS D 211 6.22 10.70 26.03
N ALA D 212 5.80 11.35 24.95
CA ALA D 212 6.75 12.07 24.11
C ALA D 212 6.12 13.32 23.57
N GLY D 213 6.98 14.28 23.25
CA GLY D 213 6.54 15.48 22.58
C GLY D 213 7.71 16.08 21.87
N CYS D 214 7.42 17.00 20.97
CA CYS D 214 8.45 17.66 20.17
CA CYS D 214 8.46 17.65 20.20
C CYS D 214 8.25 19.15 20.16
N VAL D 215 9.34 19.86 20.41
CA VAL D 215 9.35 21.30 20.29
C VAL D 215 10.54 21.65 19.40
N ALA D 216 10.39 22.70 18.61
CA ALA D 216 11.44 23.03 17.67
C ALA D 216 11.54 24.52 17.47
N GLY D 217 12.76 24.99 17.30
CA GLY D 217 12.99 26.37 16.90
C GLY D 217 13.08 26.45 15.40
N VAL D 218 12.41 27.44 14.83
CA VAL D 218 12.42 27.64 13.39
C VAL D 218 13.70 28.34 12.95
N ILE D 219 14.55 27.59 12.28
CA ILE D 219 15.85 28.09 11.86
C ILE D 219 15.76 28.68 10.48
N ILE D 220 14.95 28.09 9.63
CA ILE D 220 14.71 28.63 8.30
CA ILE D 220 14.69 28.66 8.32
C ILE D 220 13.23 28.52 7.98
N ASN D 221 12.79 29.33 7.03
CA ASN D 221 11.48 29.18 6.46
C ASN D 221 11.72 28.89 4.98
N ARG D 222 11.20 27.76 4.52
CA ARG D 222 11.43 27.29 3.17
C ARG D 222 10.84 28.22 2.12
N THR D 223 9.94 29.11 2.53
CA THR D 223 9.37 30.05 1.58
C THR D 223 10.23 31.28 1.47
N GLN D 224 11.39 31.25 2.14
CA GLN D 224 12.26 32.42 2.22
C GLN D 224 13.70 32.17 1.83
N LYS D 225 14.52 31.69 2.74
CA LYS D 225 15.91 31.39 2.37
C LYS D 225 16.38 30.21 3.17
N GLU D 226 17.39 29.54 2.64
CA GLU D 226 17.91 28.34 3.28
C GLU D 226 19.09 28.64 4.16
N ILE D 227 19.68 29.83 3.99
CA ILE D 227 20.88 30.19 4.73
C ILE D 227 20.51 31.06 5.93
N PRO D 228 20.55 30.49 7.14
CA PRO D 228 20.15 31.25 8.32
C PRO D 228 21.16 32.30 8.70
N ASP D 229 20.65 33.36 9.33
CA ASP D 229 21.48 34.39 9.89
C ASP D 229 22.01 33.93 11.23
N HIS D 230 23.30 34.12 11.47
CA HIS D 230 23.94 33.48 12.61
C HIS D 230 23.42 33.92 13.97
N ALA D 231 23.18 35.21 14.15
CA ALA D 231 22.78 35.67 15.48
C ALA D 231 21.35 35.22 15.77
N THR D 232 20.53 35.22 14.73
CA THR D 232 19.15 34.80 14.87
C THR D 232 19.11 33.32 15.21
N LEU D 233 19.89 32.54 14.48
CA LEU D 233 19.96 31.10 14.72
C LEU D 233 20.39 30.83 16.14
N LYS D 234 21.42 31.53 16.59
CA LYS D 234 21.96 31.31 17.92
C LYS D 234 20.93 31.64 18.99
N GLU D 235 20.20 32.73 18.80
CA GLU D 235 19.16 33.10 19.75
CA GLU D 235 19.16 33.09 19.76
C GLU D 235 18.07 32.04 19.80
N THR D 236 17.67 31.57 18.62
CA THR D 236 16.62 30.58 18.56
C THR D 236 17.05 29.29 19.24
N GLU D 237 18.27 28.85 18.97
CA GLU D 237 18.72 27.59 19.54
C GLU D 237 18.86 27.68 21.05
N ALA D 238 19.34 28.81 21.54
CA ALA D 238 19.48 29.00 22.97
C ALA D 238 18.10 28.97 23.64
N ARG D 239 17.15 29.65 23.04
CA ARG D 239 15.80 29.70 23.60
CA ARG D 239 15.83 29.69 23.63
C ARG D 239 15.18 28.31 23.62
N SER D 240 15.43 27.53 22.56
CA SER D 240 14.79 26.23 22.47
C SER D 240 15.22 25.31 23.59
N ILE D 241 16.51 25.34 23.91
CA ILE D 241 16.96 24.45 24.97
C ILE D 241 16.50 24.93 26.35
N LYS D 242 16.41 26.25 26.53
CA LYS D 242 15.80 26.75 27.76
C LYS D 242 14.37 26.26 27.87
N VAL D 243 13.65 26.34 26.76
CA VAL D 243 12.26 25.97 26.73
C VAL D 243 12.08 24.47 27.03
N VAL D 244 12.88 23.63 26.41
CA VAL D 244 12.69 22.20 26.66
C VAL D 244 13.00 21.83 28.11
N VAL D 245 13.98 22.49 28.72
CA VAL D 245 14.27 22.22 30.12
C VAL D 245 13.10 22.67 31.01
N GLU D 246 12.51 23.81 30.70
CA GLU D 246 11.33 24.26 31.44
CA GLU D 246 11.33 24.27 31.41
C GLU D 246 10.13 23.32 31.19
N ALA D 247 10.01 22.78 29.98
CA ALA D 247 8.95 21.82 29.72
C ALA D 247 9.20 20.57 30.58
N ALA D 248 10.47 20.18 30.70
CA ALA D 248 10.80 19.06 31.58
C ALA D 248 10.43 19.37 33.00
N ARG D 249 10.70 20.59 33.45
CA ARG D 249 10.37 20.98 34.81
CA ARG D 249 10.37 20.98 34.80
C ARG D 249 8.87 20.83 35.02
N LYS D 250 8.09 21.22 34.04
CA LYS D 250 6.64 21.13 34.14
C LYS D 250 6.17 19.70 34.17
N MET D 251 6.87 18.82 33.46
CA MET D 251 6.48 17.42 33.43
C MET D 251 6.80 16.72 34.73
N LEU D 252 7.81 17.20 35.43
CA LEU D 252 8.29 16.52 36.62
C LEU D 252 7.65 17.09 37.87
N LYS D 253 6.86 18.14 37.72
CA LYS D 253 6.31 18.85 38.88
C LYS D 253 5.37 17.96 39.69
N LYS E 3 -27.07 30.49 -0.74
CA LYS E 3 -27.36 29.10 -1.10
C LYS E 3 -27.89 28.31 0.08
N THR E 4 -28.67 27.27 -0.23
CA THR E 4 -29.07 26.28 0.75
C THR E 4 -28.23 25.05 0.47
N VAL E 5 -27.45 24.61 1.45
CA VAL E 5 -26.56 23.48 1.20
C VAL E 5 -27.36 22.21 0.95
N PHE E 6 -26.82 21.37 0.08
CA PHE E 6 -27.58 20.27 -0.49
C PHE E 6 -28.13 19.27 0.52
N HIS E 7 -27.31 18.86 1.48
CA HIS E 7 -27.77 17.84 2.42
C HIS E 7 -28.39 18.41 3.68
N LEU E 8 -27.76 19.43 4.25
CA LEU E 8 -28.22 19.95 5.54
C LEU E 8 -29.44 20.84 5.44
N GLY E 9 -29.70 21.40 4.25
CA GLY E 9 -30.94 22.13 4.03
C GLY E 9 -31.01 23.43 4.79
N VAL E 10 -29.86 24.01 5.10
CA VAL E 10 -29.81 25.29 5.78
C VAL E 10 -28.98 26.29 4.97
N THR E 11 -29.17 27.57 5.30
CA THR E 11 -28.46 28.63 4.63
C THR E 11 -27.52 29.25 5.64
N GLU E 12 -26.61 30.10 5.17
CA GLU E 12 -25.67 30.74 6.07
CA GLU E 12 -25.67 30.74 6.07
C GLU E 12 -26.44 31.63 7.04
N ALA E 13 -27.46 32.30 6.54
CA ALA E 13 -28.29 33.16 7.35
C ALA E 13 -28.94 32.38 8.50
N ASP E 14 -29.32 31.13 8.24
CA ASP E 14 -29.96 30.30 9.26
C ASP E 14 -29.07 30.11 10.49
N LEU E 15 -27.75 30.18 10.29
CA LEU E 15 -26.84 29.89 11.37
C LEU E 15 -26.58 31.11 12.24
N ASN E 16 -27.10 32.26 11.83
CA ASN E 16 -27.02 33.49 12.63
C ASN E 16 -25.62 33.81 13.10
N GLY E 17 -24.66 33.59 12.21
CA GLY E 17 -23.27 33.95 12.45
C GLY E 17 -22.48 32.90 13.18
N ALA E 18 -23.06 31.73 13.44
CA ALA E 18 -22.33 30.70 14.17
C ALA E 18 -21.07 30.31 13.43
N THR E 19 -19.97 30.20 14.17
CA THR E 19 -18.75 29.69 13.57
C THR E 19 -18.30 28.44 14.29
N LEU E 20 -19.13 27.96 15.21
CA LEU E 20 -18.82 26.75 15.94
C LEU E 20 -20.02 25.82 15.86
N ALA E 21 -19.74 24.54 15.64
CA ALA E 21 -20.78 23.53 15.63
C ALA E 21 -20.45 22.44 16.60
N ILE E 22 -21.45 21.99 17.33
CA ILE E 22 -21.36 20.75 18.06
C ILE E 22 -22.01 19.70 17.18
N ILE E 23 -21.30 18.60 16.96
CA ILE E 23 -21.72 17.59 16.00
C ILE E 23 -21.82 16.21 16.61
N PRO E 24 -22.98 15.92 17.21
CA PRO E 24 -23.19 14.56 17.73
C PRO E 24 -23.50 13.66 16.57
N GLY E 25 -23.51 12.36 16.82
CA GLY E 25 -23.86 11.42 15.78
C GLY E 25 -25.35 11.23 15.60
N ASP E 26 -26.05 11.14 16.71
CA ASP E 26 -27.47 10.79 16.69
C ASP E 26 -28.32 12.03 16.49
N PRO E 27 -29.16 12.06 15.43
CA PRO E 27 -30.08 13.19 15.21
C PRO E 27 -30.91 13.54 16.46
N ALA E 28 -31.30 12.55 17.24
CA ALA E 28 -32.16 12.79 18.40
C ALA E 28 -31.41 13.51 19.52
N ARG E 29 -30.09 13.50 19.43
CA ARG E 29 -29.25 14.13 20.43
CA ARG E 29 -29.29 14.15 20.46
C ARG E 29 -29.15 15.64 20.19
N VAL E 30 -29.49 16.07 18.99
CA VAL E 30 -29.28 17.46 18.60
C VAL E 30 -30.08 18.43 19.45
N GLN E 31 -31.38 18.16 19.57
CA GLN E 31 -32.25 19.00 20.37
CA GLN E 31 -32.25 19.00 20.38
C GLN E 31 -31.79 19.04 21.83
N LYS E 32 -31.37 17.89 22.35
CA LYS E 32 -30.95 17.78 23.73
C LYS E 32 -29.75 18.66 24.01
N ILE E 33 -28.83 18.72 23.05
CA ILE E 33 -27.66 19.55 23.20
C ILE E 33 -28.07 21.00 23.05
N ALA E 34 -28.91 21.27 22.06
CA ALA E 34 -29.34 22.63 21.79
C ALA E 34 -30.03 23.21 23.01
N GLU E 35 -30.80 22.40 23.73
CA GLU E 35 -31.56 22.90 24.87
CA GLU E 35 -31.55 22.96 24.85
C GLU E 35 -30.70 23.13 26.12
N LEU E 36 -29.43 22.75 26.05
CA LEU E 36 -28.49 23.08 27.12
C LEU E 36 -28.04 24.51 26.96
N MET E 37 -28.36 25.10 25.83
CA MET E 37 -27.99 26.46 25.53
C MET E 37 -29.22 27.34 25.48
N ASP E 38 -29.05 28.59 25.07
CA ASP E 38 -30.14 29.54 25.11
C ASP E 38 -30.83 29.64 23.77
N ASN E 39 -32.13 29.89 23.80
CA ASN E 39 -32.90 30.09 22.58
C ASN E 39 -32.67 29.03 21.50
N PRO E 40 -32.79 27.73 21.86
CA PRO E 40 -32.60 26.71 20.82
C PRO E 40 -33.68 26.81 19.76
N VAL E 41 -33.24 26.75 18.51
CA VAL E 41 -34.15 26.86 17.37
C VAL E 41 -33.90 25.70 16.43
N PHE E 42 -34.95 24.98 16.11
CA PHE E 42 -34.88 23.93 15.12
C PHE E 42 -34.71 24.56 13.74
N LEU E 43 -33.70 24.13 13.00
CA LEU E 43 -33.47 24.67 11.67
C LEU E 43 -33.95 23.74 10.57
N ALA E 44 -33.57 22.48 10.64
CA ALA E 44 -33.93 21.55 9.59
C ALA E 44 -33.66 20.14 10.01
N SER E 45 -34.34 19.21 9.37
CA SER E 45 -34.01 17.80 9.51
CA SER E 45 -34.02 17.80 9.51
C SER E 45 -34.18 17.13 8.15
N HIS E 46 -33.11 16.51 7.68
CA HIS E 46 -33.09 15.77 6.43
CA HIS E 46 -33.13 15.75 6.45
C HIS E 46 -32.17 14.61 6.64
N ARG E 47 -32.61 13.41 6.28
CA ARG E 47 -31.78 12.21 6.43
CA ARG E 47 -31.77 12.23 6.41
C ARG E 47 -31.23 12.18 7.84
N GLU E 48 -29.95 11.89 8.01
CA GLU E 48 -29.38 11.81 9.37
C GLU E 48 -28.97 13.16 9.93
N TYR E 49 -29.36 14.23 9.26
CA TYR E 49 -28.90 15.56 9.64
C TYR E 49 -30.01 16.39 10.24
N THR E 50 -29.99 16.50 11.56
CA THR E 50 -30.90 17.38 12.25
C THR E 50 -30.06 18.54 12.70
N VAL E 51 -30.55 19.75 12.44
CA VAL E 51 -29.77 20.94 12.65
C VAL E 51 -30.55 21.92 13.50
N TYR E 52 -29.92 22.33 14.59
CA TYR E 52 -30.45 23.36 15.46
C TYR E 52 -29.44 24.48 15.59
N ARG E 53 -29.94 25.62 16.04
CA ARG E 53 -29.07 26.71 16.44
C ARG E 53 -29.43 27.03 17.88
N ALA E 54 -28.48 27.60 18.61
CA ALA E 54 -28.76 28.08 19.95
C ALA E 54 -27.76 29.14 20.24
N GLU E 55 -27.86 29.71 21.42
CA GLU E 55 -26.97 30.76 21.82
C GLU E 55 -26.27 30.38 23.10
N LEU E 56 -24.97 30.66 23.11
CA LEU E 56 -24.12 30.31 24.21
C LEU E 56 -23.36 31.56 24.54
N ASP E 57 -23.61 32.11 25.72
CA ASP E 57 -23.02 33.38 26.12
C ASP E 57 -23.22 34.40 25.03
N GLY E 58 -24.42 34.39 24.44
CA GLY E 58 -24.80 35.38 23.46
C GLY E 58 -24.31 35.08 22.06
N GLN E 59 -23.56 34.00 21.90
CA GLN E 59 -23.03 33.68 20.58
C GLN E 59 -23.78 32.50 19.97
N SER E 60 -24.00 32.57 18.67
CA SER E 60 -24.71 31.50 17.98
CA SER E 60 -24.70 31.50 17.97
C SER E 60 -23.83 30.26 17.86
N VAL E 61 -24.42 29.12 18.15
CA VAL E 61 -23.78 27.84 18.04
C VAL E 61 -24.73 26.96 17.26
N VAL E 62 -24.18 26.21 16.31
CA VAL E 62 -24.95 25.24 15.55
CA VAL E 62 -25.01 25.26 15.62
C VAL E 62 -24.79 23.87 16.20
N VAL E 63 -25.85 23.09 16.24
CA VAL E 63 -25.75 21.70 16.64
C VAL E 63 -26.26 20.93 15.44
N CYS E 64 -25.48 19.98 14.95
CA CYS E 64 -25.83 19.27 13.72
C CYS E 64 -25.39 17.84 13.88
N SER E 65 -26.31 16.91 13.68
CA SER E 65 -25.94 15.50 13.74
C SER E 65 -25.19 15.08 12.49
N THR E 66 -24.41 14.02 12.64
CA THR E 66 -23.53 13.58 11.56
C THR E 66 -23.99 12.26 10.96
N GLY E 67 -24.86 11.53 11.67
CA GLY E 67 -25.05 10.13 11.37
C GLY E 67 -23.83 9.32 11.77
N ILE E 68 -23.88 8.01 11.55
CA ILE E 68 -22.75 7.16 11.85
C ILE E 68 -21.77 7.12 10.69
N GLY E 69 -20.49 7.34 10.99
CA GLY E 69 -19.45 7.09 10.00
C GLY E 69 -18.88 8.35 9.42
N GLY E 70 -17.63 8.23 9.02
CA GLY E 70 -16.96 9.32 8.34
C GLY E 70 -17.64 9.90 7.12
N PRO E 71 -18.20 9.05 6.25
CA PRO E 71 -18.80 9.64 5.06
C PRO E 71 -19.91 10.63 5.38
N SER E 72 -20.87 10.25 6.22
CA SER E 72 -21.93 11.22 6.47
C SER E 72 -21.43 12.40 7.29
N THR E 73 -20.44 12.14 8.13
CA THR E 73 -19.83 13.22 8.91
C THR E 73 -19.18 14.21 8.00
N SER E 74 -18.48 13.71 6.98
CA SER E 74 -17.74 14.60 6.09
C SER E 74 -18.65 15.55 5.35
N ILE E 75 -19.86 15.11 5.03
CA ILE E 75 -20.82 15.96 4.36
C ILE E 75 -21.28 17.08 5.29
N ALA E 76 -21.60 16.74 6.52
CA ALA E 76 -22.06 17.73 7.47
C ALA E 76 -20.98 18.77 7.74
N VAL E 77 -19.75 18.32 7.93
CA VAL E 77 -18.67 19.25 8.23
C VAL E 77 -18.44 20.15 7.03
N GLU E 78 -18.40 19.57 5.83
CA GLU E 78 -18.20 20.37 4.64
C GLU E 78 -19.26 21.43 4.47
N GLU E 79 -20.52 21.03 4.57
CA GLU E 79 -21.60 21.96 4.32
C GLU E 79 -21.68 23.03 5.40
N LEU E 80 -21.43 22.66 6.65
CA LEU E 80 -21.35 23.70 7.67
C LEU E 80 -20.19 24.66 7.43
N ALA E 81 -19.06 24.13 6.98
CA ALA E 81 -17.91 24.96 6.68
C ALA E 81 -18.21 25.92 5.53
N GLN E 82 -18.97 25.47 4.53
CA GLN E 82 -19.39 26.36 3.47
C GLN E 82 -20.21 27.52 4.01
N LEU E 83 -20.87 27.29 5.14
CA LEU E 83 -21.72 28.29 5.75
C LEU E 83 -21.05 29.05 6.88
N GLY E 84 -19.73 28.93 6.97
CA GLY E 84 -18.96 29.74 7.90
C GLY E 84 -18.52 29.06 9.16
N VAL E 85 -18.91 27.81 9.38
CA VAL E 85 -18.49 27.12 10.59
C VAL E 85 -17.02 26.71 10.48
N ARG E 86 -16.26 27.01 11.52
CA ARG E 86 -14.82 26.77 11.50
C ARG E 86 -14.36 25.84 12.59
N THR E 87 -15.17 25.68 13.62
CA THR E 87 -14.82 24.86 14.76
C THR E 87 -15.88 23.81 14.96
N PHE E 88 -15.45 22.57 15.13
CA PHE E 88 -16.34 21.44 15.19
C PHE E 88 -16.02 20.63 16.42
N LEU E 89 -17.01 20.54 17.30
CA LEU E 89 -16.84 19.76 18.53
C LEU E 89 -17.67 18.49 18.45
N ARG E 90 -16.98 17.38 18.30
CA ARG E 90 -17.62 16.08 18.25
C ARG E 90 -17.85 15.57 19.65
N VAL E 91 -19.09 15.14 19.92
CA VAL E 91 -19.41 14.46 21.15
C VAL E 91 -20.08 13.16 20.76
N GLY E 92 -19.77 12.07 21.45
N GLY E 92 -19.91 12.17 21.61
CA GLY E 92 -20.25 10.77 21.00
CA GLY E 92 -20.66 10.95 21.50
C GLY E 92 -19.97 9.62 21.93
C GLY E 92 -20.38 10.01 22.64
N THR E 93 -20.78 8.57 21.86
N THR E 93 -20.75 8.76 22.41
CA THR E 93 -20.58 7.43 22.75
CA THR E 93 -20.41 7.62 23.26
C THR E 93 -19.38 6.64 22.32
C THR E 93 -19.59 6.62 22.47
N THR E 94 -18.83 5.83 23.22
CA THR E 94 -17.75 5.03 22.75
C THR E 94 -17.61 3.78 23.58
N GLY E 95 -16.97 2.78 22.99
CA GLY E 95 -16.61 1.59 23.73
C GLY E 95 -15.14 1.69 24.07
N ALA E 96 -14.81 1.58 25.34
CA ALA E 96 -13.42 1.59 25.74
C ALA E 96 -12.82 0.20 25.60
N ILE E 97 -11.51 0.16 25.37
CA ILE E 97 -10.85 -1.13 25.21
C ILE E 97 -9.72 -1.35 26.18
N GLN E 98 -9.57 -0.44 27.13
CA GLN E 98 -8.55 -0.54 28.16
C GLN E 98 -9.20 -0.81 29.49
N PRO E 99 -8.63 -1.72 30.27
CA PRO E 99 -9.24 -2.11 31.55
C PRO E 99 -9.29 -0.97 32.56
N HIS E 100 -8.42 0.02 32.45
CA HIS E 100 -8.36 1.10 33.43
C HIS E 100 -9.35 2.22 33.14
N VAL E 101 -10.01 2.12 31.99
CA VAL E 101 -11.00 3.09 31.58
C VAL E 101 -12.38 2.57 31.99
N ASN E 102 -13.10 3.35 32.77
CA ASN E 102 -14.37 2.88 33.27
C ASN E 102 -15.56 3.48 32.54
N VAL E 103 -16.64 2.72 32.46
CA VAL E 103 -17.90 3.27 31.99
C VAL E 103 -18.18 4.53 32.79
N GLY E 104 -18.52 5.63 32.12
CA GLY E 104 -18.70 6.88 32.83
C GLY E 104 -17.52 7.83 32.72
N ASP E 105 -16.34 7.29 32.43
CA ASP E 105 -15.19 8.14 32.22
C ASP E 105 -15.38 8.85 30.90
N MET E 106 -14.57 9.86 30.66
N MET E 106 -14.58 9.89 30.69
CA MET E 106 -14.60 10.53 29.38
CA MET E 106 -14.57 10.62 29.43
C MET E 106 -13.26 10.47 28.68
C MET E 106 -13.27 10.35 28.70
N ILE E 107 -13.31 10.40 27.37
CA ILE E 107 -12.09 10.32 26.58
C ILE E 107 -12.05 11.53 25.70
N VAL E 108 -10.90 12.21 25.69
CA VAL E 108 -10.68 13.26 24.72
C VAL E 108 -9.60 12.73 23.78
N THR E 109 -9.94 12.66 22.49
CA THR E 109 -9.05 12.04 21.53
C THR E 109 -7.87 12.95 21.23
N THR E 110 -6.67 12.42 21.39
CA THR E 110 -5.48 13.18 21.03
C THR E 110 -5.03 12.83 19.62
N GLY E 111 -5.53 11.72 19.10
CA GLY E 111 -5.16 11.29 17.77
C GLY E 111 -6.00 10.07 17.47
N SER E 112 -6.32 9.85 16.21
CA SER E 112 -7.11 8.70 15.84
C SER E 112 -6.38 7.75 14.93
N VAL E 113 -6.56 6.47 15.20
CA VAL E 113 -6.15 5.46 14.25
C VAL E 113 -7.12 5.49 13.10
N ARG E 114 -6.58 5.70 11.90
CA ARG E 114 -7.43 5.89 10.75
C ARG E 114 -7.84 4.57 10.14
N LEU E 115 -8.85 3.94 10.74
CA LEU E 115 -9.39 2.69 10.21
C LEU E 115 -10.61 2.99 9.35
N ASP E 116 -10.56 4.13 8.68
CA ASP E 116 -11.66 4.64 7.88
C ASP E 116 -11.19 4.88 6.47
N GLY E 117 -12.13 5.19 5.59
CA GLY E 117 -11.78 5.51 4.22
C GLY E 117 -11.85 6.99 3.94
N ALA E 118 -12.74 7.71 4.60
CA ALA E 118 -12.98 9.08 4.22
C ALA E 118 -11.80 10.00 4.55
N SER E 119 -11.05 9.68 5.59
CA SER E 119 -9.91 10.51 5.93
C SER E 119 -8.94 10.60 4.74
N LEU E 120 -8.80 9.51 3.99
CA LEU E 120 -7.93 9.44 2.81
C LEU E 120 -8.41 10.34 1.69
N HIS E 121 -9.65 10.81 1.77
CA HIS E 121 -10.14 11.72 0.76
C HIS E 121 -9.76 13.15 1.04
N PHE E 122 -9.09 13.38 2.17
CA PHE E 122 -8.58 14.68 2.57
C PHE E 122 -7.08 14.72 2.70
N ALA E 123 -6.48 13.61 3.14
CA ALA E 123 -5.04 13.58 3.32
C ALA E 123 -4.60 12.14 3.24
N PRO E 124 -3.38 11.92 2.75
CA PRO E 124 -2.89 10.55 2.67
C PRO E 124 -2.70 9.99 4.07
N MET E 125 -2.52 8.68 4.14
CA MET E 125 -2.59 7.97 5.40
C MET E 125 -1.53 8.46 6.37
N GLU E 126 -0.41 8.94 5.84
CA GLU E 126 0.66 9.39 6.72
CA GLU E 126 0.68 9.45 6.66
C GLU E 126 0.29 10.62 7.54
N PHE E 127 -0.72 11.37 7.12
CA PHE E 127 -1.12 12.56 7.81
C PHE E 127 -1.81 12.17 9.12
N PRO E 128 -1.52 12.88 10.22
CA PRO E 128 -2.09 12.47 11.49
C PRO E 128 -3.53 12.95 11.68
N ALA E 129 -4.38 12.05 12.15
CA ALA E 129 -5.75 12.38 12.45
C ALA E 129 -5.72 12.98 13.85
N VAL E 130 -5.39 14.26 13.92
CA VAL E 130 -5.22 14.88 15.22
CA VAL E 130 -5.07 14.97 15.14
C VAL E 130 -6.09 16.08 15.39
N PRO E 131 -6.51 16.33 16.65
CA PRO E 131 -7.42 17.43 16.90
C PRO E 131 -6.66 18.72 16.91
N ASP E 132 -7.40 19.80 16.71
CA ASP E 132 -6.89 21.12 17.02
C ASP E 132 -6.54 21.19 18.50
N PHE E 133 -5.40 21.78 18.81
CA PHE E 133 -4.92 21.77 20.17
C PHE E 133 -5.80 22.56 21.11
N ASP E 134 -6.33 23.68 20.63
CA ASP E 134 -7.23 24.46 21.47
C ASP E 134 -8.51 23.70 21.77
N VAL E 135 -9.07 23.03 20.79
CA VAL E 135 -10.29 22.28 21.03
C VAL E 135 -10.00 21.14 22.00
N ALA E 136 -8.91 20.39 21.77
CA ALA E 136 -8.58 19.32 22.71
C ALA E 136 -8.37 19.85 24.12
N THR E 137 -7.71 21.00 24.23
CA THR E 137 -7.47 21.62 25.52
C THR E 137 -8.79 22.01 26.17
N ALA E 138 -9.69 22.61 25.39
CA ALA E 138 -10.98 22.99 25.92
C ALA E 138 -11.79 21.77 26.35
N MET E 139 -11.74 20.71 25.57
CA MET E 139 -12.48 19.52 25.92
CA MET E 139 -12.44 19.47 25.85
C MET E 139 -11.92 18.85 27.14
N LYS E 140 -10.61 18.81 27.28
CA LYS E 140 -10.03 18.25 28.50
CA LYS E 140 -10.01 18.27 28.49
C LYS E 140 -10.47 19.06 29.71
N ALA E 141 -10.46 20.38 29.58
CA ALA E 141 -10.79 21.25 30.68
C ALA E 141 -12.25 21.07 31.05
N ALA E 142 -13.13 21.11 30.06
CA ALA E 142 -14.55 20.89 30.32
C ALA E 142 -14.80 19.54 30.95
N ALA E 143 -14.17 18.50 30.40
CA ALA E 143 -14.37 17.17 30.91
C ALA E 143 -13.88 17.07 32.34
N GLN E 144 -12.70 17.59 32.63
CA GLN E 144 -12.20 17.48 33.99
C GLN E 144 -13.01 18.33 34.96
N GLU E 145 -13.37 19.53 34.55
CA GLU E 145 -14.19 20.37 35.42
C GLU E 145 -15.54 19.75 35.76
N SER E 146 -16.00 18.81 34.93
CA SER E 146 -17.27 18.19 35.23
C SER E 146 -17.14 17.21 36.38
N GLY E 147 -15.90 16.88 36.73
CA GLY E 147 -15.67 15.93 37.81
C GLY E 147 -15.44 14.52 37.31
N ALA E 148 -15.57 14.30 36.00
CA ALA E 148 -15.37 12.98 35.44
C ALA E 148 -13.89 12.65 35.44
N THR E 149 -13.60 11.36 35.42
CA THR E 149 -12.24 10.93 35.15
C THR E 149 -12.02 11.00 33.64
N VAL E 150 -10.97 11.69 33.23
CA VAL E 150 -10.75 11.97 31.82
C VAL E 150 -9.48 11.35 31.32
N HIS E 151 -9.56 10.70 30.16
CA HIS E 151 -8.42 10.10 29.52
C HIS E 151 -8.13 10.80 28.23
N MET E 152 -6.88 11.22 28.08
CA MET E 152 -6.40 11.82 26.85
C MET E 152 -5.67 10.71 26.12
N GLY E 153 -6.04 10.44 24.89
CA GLY E 153 -5.29 9.43 24.18
C GLY E 153 -5.87 9.08 22.84
N VAL E 154 -5.34 7.99 22.31
CA VAL E 154 -5.62 7.58 20.96
C VAL E 154 -6.90 6.79 20.86
N THR E 155 -7.67 7.11 19.84
CA THR E 155 -8.93 6.46 19.55
C THR E 155 -8.83 5.72 18.24
N ALA E 156 -9.29 4.48 18.20
CA ALA E 156 -9.34 3.75 16.95
C ALA E 156 -10.65 4.05 16.26
N SER E 157 -10.58 4.59 15.05
CA SER E 157 -11.76 5.12 14.38
C SER E 157 -12.06 4.28 13.17
N SER E 158 -13.12 3.50 13.28
CA SER E 158 -13.37 2.41 12.33
C SER E 158 -14.56 2.67 11.44
N ASP E 159 -14.43 2.29 10.17
CA ASP E 159 -15.55 2.39 9.25
C ASP E 159 -16.59 1.33 9.47
N THR E 160 -16.33 0.37 10.35
CA THR E 160 -17.36 -0.57 10.75
C THR E 160 -17.49 -0.69 12.25
N PHE E 161 -18.68 -1.12 12.66
CA PHE E 161 -18.94 -1.38 14.05
C PHE E 161 -18.52 -2.79 14.38
N TYR E 162 -18.56 -3.65 13.37
CA TYR E 162 -18.41 -5.06 13.64
C TYR E 162 -16.99 -5.57 13.35
N PRO E 163 -16.63 -5.89 12.10
CA PRO E 163 -15.31 -6.51 11.95
C PRO E 163 -14.15 -5.57 12.28
N GLY E 164 -14.28 -4.28 11.98
CA GLY E 164 -13.21 -3.33 12.24
C GLY E 164 -13.01 -3.06 13.71
N GLN E 165 -13.93 -3.52 14.55
CA GLN E 165 -13.76 -3.43 15.99
C GLN E 165 -13.58 -4.82 16.54
N GLU E 166 -13.23 -5.73 15.63
CA GLU E 166 -13.02 -7.14 15.95
C GLU E 166 -14.14 -7.76 16.77
N ARG E 167 -15.38 -7.52 16.34
CA ARG E 167 -16.51 -8.23 16.90
C ARG E 167 -16.72 -9.50 16.12
N TYR E 168 -16.90 -10.60 16.84
CA TYR E 168 -17.13 -11.90 16.21
C TYR E 168 -18.56 -12.37 16.35
N ASP E 169 -19.36 -11.72 17.18
CA ASP E 169 -20.74 -12.16 17.37
C ASP E 169 -21.58 -11.59 16.26
N THR E 170 -21.35 -12.10 15.07
CA THR E 170 -21.93 -11.52 13.89
C THR E 170 -22.50 -12.60 13.04
N PHE E 171 -23.13 -12.17 11.95
CA PHE E 171 -23.75 -13.11 11.04
C PHE E 171 -22.75 -14.13 10.52
N THR E 172 -21.58 -13.70 10.06
CA THR E 172 -20.61 -14.68 9.56
C THR E 172 -19.67 -15.15 10.66
N GLY E 173 -19.52 -14.37 11.71
CA GLY E 173 -18.55 -14.71 12.75
C GLY E 173 -17.12 -14.62 12.25
N ARG E 174 -16.94 -14.00 11.08
CA ARG E 174 -15.63 -13.90 10.46
CA ARG E 174 -15.65 -13.91 10.38
C ARG E 174 -15.11 -12.50 10.55
N VAL E 175 -13.81 -12.38 10.66
CA VAL E 175 -13.17 -11.08 10.62
C VAL E 175 -12.00 -11.21 9.68
N VAL E 176 -11.95 -10.32 8.70
CA VAL E 176 -10.91 -10.33 7.70
C VAL E 176 -9.55 -10.24 8.37
N ARG E 177 -8.55 -10.80 7.69
CA ARG E 177 -7.19 -10.90 8.19
C ARG E 177 -6.67 -9.63 8.84
N ARG E 178 -6.84 -8.50 8.16
CA ARG E 178 -6.40 -7.21 8.65
C ARG E 178 -6.85 -6.96 10.07
N PHE E 179 -8.06 -7.41 10.41
CA PHE E 179 -8.64 -7.10 11.71
C PHE E 179 -8.57 -8.23 12.71
N GLN E 180 -8.15 -9.42 12.28
CA GLN E 180 -7.90 -10.53 13.20
CA GLN E 180 -7.96 -10.46 13.26
C GLN E 180 -6.79 -10.11 14.17
N GLY E 181 -7.06 -10.19 15.48
CA GLY E 181 -6.07 -9.86 16.50
C GLY E 181 -5.88 -8.37 16.67
N SER E 182 -6.67 -7.56 15.96
CA SER E 182 -6.47 -6.12 15.98
C SER E 182 -6.83 -5.47 17.30
N MET E 183 -7.88 -5.95 17.96
CA MET E 183 -8.25 -5.42 19.27
CA MET E 183 -8.22 -5.33 19.24
C MET E 183 -7.06 -5.45 20.22
N LYS E 184 -6.46 -6.64 20.34
CA LYS E 184 -5.34 -6.82 21.25
C LYS E 184 -4.18 -5.92 20.82
N GLU E 185 -3.97 -5.80 19.52
CA GLU E 185 -2.93 -4.92 19.03
C GLU E 185 -3.16 -3.46 19.46
N TRP E 186 -4.36 -2.94 19.26
CA TRP E 186 -4.62 -1.57 19.66
C TRP E 186 -4.54 -1.44 21.18
N GLN E 187 -5.02 -2.45 21.89
CA GLN E 187 -4.92 -2.42 23.34
C GLN E 187 -3.48 -2.32 23.78
N ASP E 188 -2.64 -3.15 23.17
CA ASP E 188 -1.24 -3.15 23.55
C ASP E 188 -0.55 -1.85 23.18
N MET E 189 -1.07 -1.16 22.17
CA MET E 189 -0.54 0.12 21.74
C MET E 189 -1.13 1.27 22.53
N GLY E 190 -2.00 0.98 23.48
CA GLY E 190 -2.50 2.00 24.39
C GLY E 190 -3.72 2.72 23.86
N VAL E 191 -4.32 2.21 22.79
CA VAL E 191 -5.50 2.84 22.25
C VAL E 191 -6.63 2.74 23.24
N LEU E 192 -7.40 3.81 23.40
CA LEU E 192 -8.38 3.86 24.48
C LEU E 192 -9.72 3.28 24.14
N ASN E 193 -10.13 3.41 22.88
CA ASN E 193 -11.53 3.23 22.56
C ASN E 193 -11.72 3.15 21.08
N PHE E 194 -12.88 2.65 20.67
CA PHE E 194 -13.30 2.63 19.29
C PHE E 194 -14.47 3.55 19.10
N GLU E 195 -14.48 4.30 18.01
CA GLU E 195 -15.70 4.90 17.53
C GLU E 195 -15.58 4.94 16.02
N MET E 196 -16.45 5.69 15.34
CA MET E 196 -16.53 5.52 13.90
C MET E 196 -16.48 6.78 13.08
N GLU E 197 -16.08 7.89 13.68
CA GLU E 197 -16.11 9.16 12.96
C GLU E 197 -14.86 10.04 13.12
N SER E 198 -14.10 9.83 14.19
CA SER E 198 -13.04 10.76 14.54
C SER E 198 -11.92 10.83 13.51
N ALA E 199 -11.54 9.70 12.93
CA ALA E 199 -10.45 9.74 11.97
C ALA E 199 -10.83 10.64 10.81
N THR E 200 -12.05 10.47 10.31
CA THR E 200 -12.49 11.31 9.21
C THR E 200 -12.56 12.75 9.65
N LEU E 201 -13.20 13.00 10.78
CA LEU E 201 -13.42 14.37 11.21
C LEU E 201 -12.09 15.06 11.43
N LEU E 202 -11.20 14.41 12.18
CA LEU E 202 -9.98 15.07 12.56
C LEU E 202 -9.06 15.27 11.37
N THR E 203 -8.98 14.26 10.50
CA THR E 203 -8.12 14.41 9.35
C THR E 203 -8.65 15.49 8.43
N MET E 204 -9.95 15.43 8.14
CA MET E 204 -10.58 16.43 7.31
CA MET E 204 -10.56 16.43 7.29
C MET E 204 -10.31 17.83 7.84
N CYS E 205 -10.57 18.04 9.12
CA CYS E 205 -10.44 19.38 9.66
C CYS E 205 -9.00 19.84 9.74
N ALA E 206 -8.12 18.97 10.22
CA ALA E 206 -6.73 19.34 10.39
C ALA E 206 -6.01 19.64 9.09
N SER E 207 -6.55 19.13 7.98
CA SER E 207 -5.97 19.37 6.66
C SER E 207 -6.73 20.43 5.88
N SER E 208 -7.76 21.01 6.49
CA SER E 208 -8.61 21.96 5.79
C SER E 208 -8.74 23.29 6.50
N GLY E 209 -7.94 23.52 7.53
CA GLY E 209 -8.00 24.79 8.22
C GLY E 209 -9.23 24.92 9.08
N LEU E 210 -9.73 23.80 9.56
CA LEU E 210 -10.87 23.80 10.46
C LEU E 210 -10.38 23.25 11.79
N LYS E 211 -10.98 23.70 12.88
CA LYS E 211 -10.59 23.24 14.22
CA LYS E 211 -10.58 23.22 14.19
C LYS E 211 -11.57 22.19 14.67
N ALA E 212 -11.07 21.04 15.10
CA ALA E 212 -11.95 19.98 15.54
C ALA E 212 -11.37 19.24 16.72
N GLY E 213 -12.24 18.60 17.48
CA GLY E 213 -11.82 17.69 18.50
C GLY E 213 -12.99 16.79 18.82
N CYS E 214 -12.70 15.76 19.60
CA CYS E 214 -13.67 14.76 19.97
C CYS E 214 -13.60 14.48 21.44
N VAL E 215 -14.76 14.40 22.05
CA VAL E 215 -14.88 13.99 23.42
C VAL E 215 -15.97 12.94 23.47
N ALA E 216 -15.81 11.96 24.35
CA ALA E 216 -16.75 10.86 24.36
C ALA E 216 -16.95 10.37 25.76
N GLY E 217 -18.20 10.03 26.09
CA GLY E 217 -18.49 9.33 27.32
C GLY E 217 -18.38 7.83 27.12
N VAL E 218 -17.71 7.16 28.04
CA VAL E 218 -17.57 5.71 27.97
C VAL E 218 -18.81 5.03 28.52
N ILE E 219 -19.49 4.26 27.66
CA ILE E 219 -20.67 3.53 28.11
C ILE E 219 -20.57 2.02 27.97
N ILE E 220 -19.44 1.54 27.47
CA ILE E 220 -19.20 0.12 27.32
C ILE E 220 -17.71 -0.06 27.45
N ASN E 221 -17.29 -1.14 28.10
CA ASN E 221 -15.88 -1.46 28.08
C ASN E 221 -15.73 -2.89 27.60
N ARG E 222 -15.00 -3.07 26.50
CA ARG E 222 -14.91 -4.36 25.83
C ARG E 222 -14.22 -5.39 26.71
N THR E 223 -13.50 -4.93 27.73
CA THR E 223 -12.70 -5.82 28.58
C THR E 223 -13.39 -6.18 29.88
N GLN E 224 -14.54 -5.57 30.14
CA GLN E 224 -15.28 -5.80 31.38
C GLN E 224 -16.56 -6.57 31.08
N LYS E 225 -16.75 -7.72 31.73
CA LYS E 225 -17.94 -8.55 31.49
C LYS E 225 -19.06 -8.24 32.49
N GLU E 226 -19.10 -7.00 32.96
CA GLU E 226 -20.23 -6.55 33.77
C GLU E 226 -21.04 -5.57 32.95
N ILE E 227 -22.35 -5.56 33.17
CA ILE E 227 -23.24 -4.65 32.46
C ILE E 227 -23.33 -3.35 33.24
N PRO E 228 -23.08 -2.21 32.57
CA PRO E 228 -23.26 -0.93 33.24
C PRO E 228 -24.75 -0.71 33.54
N ASP E 229 -25.05 -0.16 34.72
CA ASP E 229 -26.45 0.06 35.09
C ASP E 229 -27.02 1.34 34.46
N HIS E 230 -28.34 1.45 34.49
CA HIS E 230 -29.07 2.51 33.80
C HIS E 230 -28.68 3.91 34.25
N ALA E 231 -28.56 4.10 35.56
CA ALA E 231 -28.25 5.40 36.14
C ALA E 231 -26.92 5.93 35.63
N THR E 232 -25.91 5.06 35.65
CA THR E 232 -24.58 5.40 35.17
C THR E 232 -24.62 5.84 33.72
N LEU E 233 -25.28 5.04 32.88
CA LEU E 233 -25.37 5.32 31.46
C LEU E 233 -26.11 6.62 31.20
N LYS E 234 -27.20 6.84 31.92
CA LYS E 234 -27.97 8.07 31.79
C LYS E 234 -27.11 9.26 32.19
N GLU E 235 -26.40 9.12 33.30
CA GLU E 235 -25.55 10.20 33.80
C GLU E 235 -24.44 10.49 32.81
N THR E 236 -23.93 9.43 32.18
CA THR E 236 -22.81 9.57 31.27
C THR E 236 -23.25 10.30 30.02
N GLU E 237 -24.41 9.93 29.49
CA GLU E 237 -24.98 10.59 28.34
C GLU E 237 -25.18 12.07 28.61
N ALA E 238 -25.79 12.39 29.74
CA ALA E 238 -26.01 13.79 30.10
C ALA E 238 -24.71 14.54 30.34
N ARG E 239 -23.77 13.90 31.03
CA ARG E 239 -22.49 14.56 31.29
C ARG E 239 -21.74 14.84 29.99
N SER E 240 -21.82 13.92 29.03
CA SER E 240 -21.06 14.12 27.80
CA SER E 240 -21.05 14.12 27.81
C SER E 240 -21.51 15.38 27.07
N ILE E 241 -22.82 15.60 27.01
CA ILE E 241 -23.27 16.78 26.28
C ILE E 241 -23.11 18.06 27.10
N LYS E 242 -23.21 17.97 28.41
CA LYS E 242 -22.91 19.12 29.26
CA LYS E 242 -22.91 19.12 29.24
C LYS E 242 -21.45 19.49 29.02
N VAL E 243 -20.58 18.48 28.99
CA VAL E 243 -19.17 18.73 28.78
C VAL E 243 -18.90 19.37 27.42
N VAL E 244 -19.54 18.87 26.36
CA VAL E 244 -19.23 19.44 25.07
C VAL E 244 -19.71 20.88 24.96
N VAL E 245 -20.83 21.19 25.61
CA VAL E 245 -21.30 22.57 25.59
C VAL E 245 -20.35 23.48 26.37
N GLU E 246 -19.84 23.00 27.49
CA GLU E 246 -18.85 23.77 28.22
C GLU E 246 -17.57 23.90 27.41
N ALA E 247 -17.22 22.86 26.65
CA ALA E 247 -16.05 22.97 25.80
C ALA E 247 -16.29 24.06 24.75
N ALA E 248 -17.51 24.10 24.22
CA ALA E 248 -17.87 25.14 23.26
C ALA E 248 -17.73 26.52 23.91
N ARG E 249 -18.17 26.63 25.14
CA ARG E 249 -18.07 27.89 25.88
CA ARG E 249 -18.08 27.89 25.87
C ARG E 249 -16.62 28.33 25.92
N LYS E 250 -15.73 27.38 26.20
CA LYS E 250 -14.32 27.69 26.29
C LYS E 250 -13.73 28.08 24.96
N MET E 251 -14.30 27.59 23.87
CA MET E 251 -13.81 27.94 22.54
C MET E 251 -14.30 29.30 22.06
N LEU E 252 -15.37 29.82 22.64
CA LEU E 252 -15.93 31.08 22.15
C LEU E 252 -14.94 32.23 22.37
N LYS E 253 -14.83 33.09 21.36
CA LYS E 253 -13.94 34.24 21.38
C LYS E 253 -14.73 35.52 21.54
N LYS F 3 -32.05 -10.26 21.96
CA LYS F 3 -32.21 -10.63 20.55
C LYS F 3 -32.75 -9.46 19.74
N THR F 4 -32.56 -8.25 20.26
CA THR F 4 -32.78 -7.04 19.48
C THR F 4 -31.40 -6.53 19.08
N VAL F 5 -31.18 -6.36 17.79
CA VAL F 5 -29.89 -5.91 17.30
C VAL F 5 -29.57 -4.51 17.86
N PHE F 6 -28.27 -4.20 17.93
CA PHE F 6 -27.77 -3.03 18.65
C PHE F 6 -28.31 -1.70 18.13
N HIS F 7 -28.41 -1.57 16.80
CA HIS F 7 -28.78 -0.29 16.22
C HIS F 7 -30.19 -0.23 15.65
N LEU F 8 -30.62 -1.27 14.96
CA LEU F 8 -31.87 -1.17 14.21
C LEU F 8 -33.11 -1.24 15.10
N GLY F 9 -32.95 -1.72 16.33
CA GLY F 9 -34.06 -1.76 17.26
C GLY F 9 -35.17 -2.72 16.87
N VAL F 10 -34.84 -3.76 16.13
CA VAL F 10 -35.82 -4.77 15.77
C VAL F 10 -35.34 -6.16 16.13
N THR F 11 -36.30 -7.07 16.25
CA THR F 11 -36.01 -8.47 16.54
C THR F 11 -36.24 -9.28 15.29
N GLU F 12 -35.81 -10.54 15.29
CA GLU F 12 -36.10 -11.41 14.17
C GLU F 12 -37.61 -11.58 14.02
N ALA F 13 -38.31 -11.70 15.14
CA ALA F 13 -39.74 -11.86 15.12
C ALA F 13 -40.42 -10.67 14.44
N ASP F 14 -39.87 -9.47 14.62
CA ASP F 14 -40.43 -8.27 13.99
C ASP F 14 -40.44 -8.36 12.47
N LEU F 15 -39.52 -9.14 11.91
CA LEU F 15 -39.38 -9.20 10.46
C LEU F 15 -40.32 -10.20 9.81
N ASN F 16 -41.03 -10.98 10.63
CA ASN F 16 -42.00 -11.94 10.12
C ASN F 16 -41.45 -12.81 9.00
N GLY F 17 -40.22 -13.29 9.18
CA GLY F 17 -39.62 -14.23 8.26
C GLY F 17 -38.99 -13.63 7.01
N ALA F 18 -38.93 -12.30 6.92
CA ALA F 18 -38.37 -11.67 5.75
C ALA F 18 -36.93 -12.10 5.52
N THR F 19 -36.59 -12.44 4.28
CA THR F 19 -35.20 -12.75 3.98
C THR F 19 -34.67 -11.77 2.93
N LEU F 20 -35.47 -10.78 2.61
CA LEU F 20 -35.07 -9.76 1.65
C LEU F 20 -35.31 -8.39 2.23
N ALA F 21 -34.34 -7.50 2.03
CA ALA F 21 -34.51 -6.12 2.44
C ALA F 21 -34.25 -5.20 1.26
N ILE F 22 -35.03 -4.14 1.22
CA ILE F 22 -34.75 -3.00 0.37
C ILE F 22 -34.13 -1.95 1.28
N ILE F 23 -32.99 -1.43 0.85
CA ILE F 23 -32.19 -0.57 1.71
C ILE F 23 -31.90 0.75 1.03
N PRO F 24 -32.84 1.70 1.11
CA PRO F 24 -32.55 3.05 0.61
C PRO F 24 -31.65 3.74 1.61
N GLY F 25 -31.18 4.93 1.26
CA GLY F 25 -30.30 5.66 2.16
C GLY F 25 -31.06 6.55 3.11
N ASP F 26 -32.08 7.18 2.58
CA ASP F 26 -32.81 8.20 3.30
C ASP F 26 -33.94 7.56 4.10
N PRO F 27 -33.94 7.76 5.43
CA PRO F 27 -35.02 7.21 6.26
C PRO F 27 -36.41 7.59 5.76
N ALA F 28 -36.56 8.76 5.17
CA ALA F 28 -37.86 9.18 4.67
C ALA F 28 -38.35 8.36 3.49
N ARG F 29 -37.45 7.67 2.80
CA ARG F 29 -37.85 6.89 1.65
C ARG F 29 -38.42 5.55 2.09
N VAL F 30 -38.17 5.17 3.34
CA VAL F 30 -38.54 3.83 3.78
C VAL F 30 -40.04 3.62 3.71
N GLN F 31 -40.81 4.53 4.29
CA GLN F 31 -42.26 4.37 4.24
C GLN F 31 -42.73 4.41 2.79
N LYS F 32 -42.07 5.22 1.97
CA LYS F 32 -42.44 5.39 0.57
CA LYS F 32 -42.48 5.37 0.59
C LYS F 32 -42.29 4.09 -0.20
N ILE F 33 -41.23 3.35 0.11
CA ILE F 33 -41.02 2.07 -0.54
C ILE F 33 -42.01 1.05 0.04
N ALA F 34 -42.15 1.07 1.36
CA ALA F 34 -42.99 0.09 2.03
C ALA F 34 -44.43 0.18 1.53
N GLU F 35 -44.91 1.38 1.28
CA GLU F 35 -46.30 1.56 0.86
C GLU F 35 -46.57 1.09 -0.58
N LEU F 36 -45.53 0.81 -1.34
CA LEU F 36 -45.70 0.17 -2.64
C LEU F 36 -45.98 -1.31 -2.50
N MET F 37 -45.84 -1.82 -1.29
CA MET F 37 -46.13 -3.22 -1.03
C MET F 37 -47.34 -3.36 -0.13
N ASP F 38 -47.65 -4.58 0.29
CA ASP F 38 -48.87 -4.80 1.07
C ASP F 38 -48.61 -4.75 2.55
N ASN F 39 -49.59 -4.27 3.31
CA ASN F 39 -49.52 -4.28 4.76
C ASN F 39 -48.21 -3.71 5.32
N PRO F 40 -47.81 -2.51 4.88
CA PRO F 40 -46.60 -1.93 5.44
C PRO F 40 -46.79 -1.60 6.91
N VAL F 41 -45.82 -1.95 7.74
CA VAL F 41 -45.88 -1.62 9.15
C VAL F 41 -44.57 -1.04 9.60
N PHE F 42 -44.64 0.07 10.30
CA PHE F 42 -43.48 0.67 10.91
C PHE F 42 -42.97 -0.25 12.00
N LEU F 43 -41.67 -0.50 12.02
CA LEU F 43 -41.07 -1.32 13.06
C LEU F 43 -40.29 -0.49 14.07
N ALA F 44 -39.44 0.40 13.58
CA ALA F 44 -38.52 1.10 14.45
C ALA F 44 -37.87 2.26 13.72
N SER F 45 -37.47 3.27 14.48
CA SER F 45 -36.67 4.34 13.92
C SER F 45 -35.68 4.74 14.98
N HIS F 46 -34.40 4.57 14.66
CA HIS F 46 -33.33 4.99 15.54
C HIS F 46 -32.23 5.52 14.67
N ARG F 47 -31.71 6.69 15.01
CA ARG F 47 -30.66 7.30 14.22
CA ARG F 47 -30.66 7.31 14.21
C ARG F 47 -31.09 7.34 12.74
N GLU F 48 -30.21 6.96 11.82
CA GLU F 48 -30.56 7.00 10.40
C GLU F 48 -31.31 5.78 9.93
N TYR F 49 -31.73 4.94 10.87
CA TYR F 49 -32.30 3.65 10.54
C TYR F 49 -33.78 3.62 10.82
N THR F 50 -34.56 3.75 9.75
CA THR F 50 -35.99 3.58 9.86
C THR F 50 -36.31 2.25 9.22
N VAL F 51 -37.11 1.44 9.91
CA VAL F 51 -37.33 0.07 9.48
C VAL F 51 -38.82 -0.19 9.38
N TYR F 52 -39.26 -0.65 8.22
CA TYR F 52 -40.63 -1.10 8.05
C TYR F 52 -40.58 -2.52 7.58
N ARG F 53 -41.69 -3.22 7.79
CA ARG F 53 -41.90 -4.49 7.12
CA ARG F 53 -41.93 -4.50 7.15
C ARG F 53 -43.11 -4.32 6.20
N ALA F 54 -43.14 -5.11 5.14
CA ALA F 54 -44.30 -5.13 4.26
C ALA F 54 -44.36 -6.50 3.66
N GLU F 55 -45.34 -6.73 2.80
CA GLU F 55 -45.49 -8.02 2.17
C GLU F 55 -45.56 -7.84 0.66
N LEU F 56 -44.82 -8.70 -0.02
CA LEU F 56 -44.73 -8.62 -1.46
C LEU F 56 -45.06 -10.00 -1.99
N ASP F 57 -46.16 -10.10 -2.73
CA ASP F 57 -46.66 -11.39 -3.19
C ASP F 57 -46.72 -12.39 -2.07
N GLY F 58 -47.16 -11.94 -0.90
CA GLY F 58 -47.35 -12.82 0.24
C GLY F 58 -46.10 -13.05 1.06
N GLN F 59 -44.99 -12.48 0.63
CA GLN F 59 -43.75 -12.71 1.37
C GLN F 59 -43.33 -11.47 2.11
N SER F 60 -42.86 -11.65 3.35
CA SER F 60 -42.37 -10.52 4.12
C SER F 60 -41.10 -9.95 3.52
N VAL F 61 -41.08 -8.63 3.41
CA VAL F 61 -39.92 -7.87 2.94
C VAL F 61 -39.67 -6.79 3.97
N VAL F 62 -38.41 -6.53 4.25
CA VAL F 62 -38.03 -5.44 5.15
CA VAL F 62 -38.11 -5.41 5.12
C VAL F 62 -37.56 -4.25 4.32
N VAL F 63 -37.86 -3.04 4.76
CA VAL F 63 -37.31 -1.85 4.14
C VAL F 63 -36.58 -1.16 5.25
N CYS F 64 -35.31 -0.86 5.05
CA CYS F 64 -34.51 -0.29 6.12
C CYS F 64 -33.56 0.73 5.54
N SER F 65 -33.58 1.95 6.05
CA SER F 65 -32.64 2.93 5.56
C SER F 65 -31.23 2.66 6.06
N THR F 66 -30.26 3.18 5.35
CA THR F 66 -28.86 2.90 5.65
C THR F 66 -28.14 4.11 6.17
N GLY F 67 -28.70 5.30 5.95
CA GLY F 67 -27.93 6.52 6.08
C GLY F 67 -26.99 6.64 4.90
N ILE F 68 -26.24 7.73 4.87
CA ILE F 68 -25.24 7.92 3.84
C ILE F 68 -23.95 7.26 4.22
N GLY F 69 -23.40 6.47 3.31
CA GLY F 69 -22.07 5.95 3.49
C GLY F 69 -21.96 4.50 3.89
N GLY F 70 -20.82 3.93 3.55
CA GLY F 70 -20.53 2.55 3.89
C GLY F 70 -20.66 2.19 5.35
N PRO F 71 -20.15 3.03 6.25
CA PRO F 71 -20.16 2.61 7.65
C PRO F 71 -21.56 2.38 8.18
N SER F 72 -22.47 3.32 7.97
CA SER F 72 -23.80 3.12 8.48
C SER F 72 -24.55 2.03 7.73
N THR F 73 -24.26 1.89 6.44
CA THR F 73 -24.82 0.82 5.64
C THR F 73 -24.39 -0.52 6.18
N SER F 74 -23.11 -0.64 6.55
CA SER F 74 -22.59 -1.90 7.02
C SER F 74 -23.26 -2.38 8.30
N ILE F 75 -23.62 -1.45 9.17
CA ILE F 75 -24.32 -1.80 10.38
C ILE F 75 -25.70 -2.35 10.04
N ALA F 76 -26.42 -1.65 9.17
CA ALA F 76 -27.76 -2.09 8.82
C ALA F 76 -27.74 -3.45 8.17
N VAL F 77 -26.82 -3.67 7.24
CA VAL F 77 -26.76 -4.95 6.55
C VAL F 77 -26.43 -6.06 7.54
N GLU F 78 -25.44 -5.81 8.38
CA GLU F 78 -25.05 -6.82 9.36
C GLU F 78 -26.22 -7.19 10.26
N GLU F 79 -26.90 -6.19 10.79
CA GLU F 79 -27.91 -6.47 11.78
C GLU F 79 -29.12 -7.10 11.13
N LEU F 80 -29.46 -6.69 9.93
CA LEU F 80 -30.51 -7.39 9.19
C LEU F 80 -30.11 -8.84 8.93
N ALA F 81 -28.85 -9.06 8.60
CA ALA F 81 -28.40 -10.42 8.33
C ALA F 81 -28.47 -11.27 9.58
N GLN F 82 -28.17 -10.67 10.73
CA GLN F 82 -28.31 -11.36 12.00
C GLN F 82 -29.74 -11.82 12.19
N LEU F 83 -30.68 -11.10 11.59
CA LEU F 83 -32.09 -11.40 11.78
C LEU F 83 -32.69 -12.18 10.61
N GLY F 84 -31.84 -12.71 9.74
CA GLY F 84 -32.28 -13.63 8.72
C GLY F 84 -32.33 -13.07 7.32
N VAL F 85 -32.05 -11.78 7.15
CA VAL F 85 -32.10 -11.23 5.80
C VAL F 85 -30.88 -11.69 5.03
N ARG F 86 -31.10 -12.15 3.80
CA ARG F 86 -30.02 -12.69 2.97
C ARG F 86 -29.82 -11.93 1.66
N THR F 87 -30.82 -11.15 1.27
CA THR F 87 -30.78 -10.45 -0.01
C THR F 87 -31.08 -8.98 0.26
N PHE F 88 -30.26 -8.11 -0.32
CA PHE F 88 -30.28 -6.69 -0.04
C PHE F 88 -30.32 -5.95 -1.36
N LEU F 89 -31.40 -5.18 -1.55
CA LEU F 89 -31.54 -4.40 -2.76
C LEU F 89 -31.40 -2.93 -2.42
N ARG F 90 -30.28 -2.37 -2.86
CA ARG F 90 -30.00 -0.95 -2.69
C ARG F 90 -30.63 -0.15 -3.81
N VAL F 91 -31.35 0.90 -3.41
CA VAL F 91 -31.80 1.92 -4.33
C VAL F 91 -31.31 3.27 -3.81
N GLY F 92 -30.93 4.16 -4.71
N GLY F 92 -30.96 4.17 -4.71
CA GLY F 92 -30.49 5.48 -4.32
CA GLY F 92 -30.57 5.51 -4.32
C GLY F 92 -30.32 6.38 -5.52
C GLY F 92 -30.48 6.46 -5.49
N THR F 93 -29.82 7.57 -5.27
CA THR F 93 -29.59 8.54 -6.32
C THR F 93 -28.12 8.59 -6.61
N THR F 94 -27.78 9.13 -7.77
CA THR F 94 -26.41 9.09 -8.20
C THR F 94 -26.13 10.24 -9.15
N GLY F 95 -24.85 10.62 -9.23
CA GLY F 95 -24.41 11.54 -10.27
C GLY F 95 -23.72 10.73 -11.35
N ALA F 96 -24.16 10.88 -12.59
CA ALA F 96 -23.51 10.21 -13.69
C ALA F 96 -22.26 10.96 -14.07
N ILE F 97 -21.25 10.25 -14.53
CA ILE F 97 -20.07 10.95 -15.02
C ILE F 97 -19.84 10.73 -16.50
N GLN F 98 -20.74 10.03 -17.14
CA GLN F 98 -20.65 9.83 -18.58
C GLN F 98 -21.63 10.74 -19.25
N PRO F 99 -21.22 11.37 -20.36
CA PRO F 99 -22.08 12.35 -21.01
C PRO F 99 -23.34 11.73 -21.56
N HIS F 100 -23.30 10.45 -21.88
CA HIS F 100 -24.43 9.83 -22.55
C HIS F 100 -25.47 9.32 -21.56
N VAL F 101 -25.13 9.34 -20.27
CA VAL F 101 -26.07 8.91 -19.25
C VAL F 101 -26.85 10.14 -18.79
N ASN F 102 -28.17 10.10 -18.92
CA ASN F 102 -28.98 11.28 -18.67
C ASN F 102 -29.67 11.27 -17.33
N VAL F 103 -29.99 12.46 -16.83
CA VAL F 103 -30.82 12.59 -15.65
CA VAL F 103 -30.81 12.57 -15.64
C VAL F 103 -32.12 11.84 -15.89
N GLY F 104 -32.52 11.03 -14.93
CA GLY F 104 -33.71 10.21 -15.08
C GLY F 104 -33.38 8.80 -15.50
N ASP F 105 -32.19 8.58 -16.06
CA ASP F 105 -31.77 7.22 -16.40
C ASP F 105 -31.54 6.45 -15.13
N MET F 106 -31.47 5.14 -15.26
CA MET F 106 -31.12 4.34 -14.11
CA MET F 106 -31.18 4.27 -14.14
C MET F 106 -29.87 3.55 -14.40
N ILE F 107 -29.12 3.29 -13.34
CA ILE F 107 -27.89 2.54 -13.45
C ILE F 107 -27.99 1.35 -12.53
N VAL F 108 -27.65 0.18 -13.07
CA VAL F 108 -27.53 -1.00 -12.23
C VAL F 108 -26.04 -1.30 -12.18
N THR F 109 -25.48 -1.28 -10.98
CA THR F 109 -24.06 -1.43 -10.81
C THR F 109 -23.63 -2.86 -11.06
N THR F 110 -22.67 -3.04 -11.95
CA THR F 110 -22.13 -4.37 -12.19
C THR F 110 -20.86 -4.60 -11.40
N GLY F 111 -20.29 -3.52 -10.89
CA GLY F 111 -19.12 -3.61 -10.04
C GLY F 111 -18.82 -2.21 -9.56
N SER F 112 -18.24 -2.11 -8.37
CA SER F 112 -17.92 -0.79 -7.83
C SER F 112 -16.45 -0.57 -7.69
N VAL F 113 -16.03 0.63 -8.06
CA VAL F 113 -14.71 1.10 -7.68
C VAL F 113 -14.74 1.39 -6.20
N ARG F 114 -13.85 0.74 -5.47
CA ARG F 114 -13.88 0.78 -4.02
C ARG F 114 -13.13 2.00 -3.49
N LEU F 115 -13.80 3.14 -3.50
CA LEU F 115 -13.21 4.37 -2.99
C LEU F 115 -13.73 4.62 -1.59
N ASP F 116 -13.94 3.52 -0.89
CA ASP F 116 -14.46 3.53 0.45
C ASP F 116 -13.49 2.84 1.38
N GLY F 117 -13.79 2.88 2.67
CA GLY F 117 -12.98 2.17 3.63
C GLY F 117 -13.66 0.93 4.19
N ALA F 118 -14.98 0.92 4.25
CA ALA F 118 -15.62 -0.17 4.97
C ALA F 118 -15.52 -1.47 4.21
N SER F 119 -15.44 -1.41 2.88
CA SER F 119 -15.32 -2.63 2.11
C SER F 119 -14.08 -3.40 2.55
N LEU F 120 -13.01 -2.68 2.93
CA LEU F 120 -11.79 -3.31 3.36
C LEU F 120 -11.92 -4.00 4.70
N HIS F 121 -13.00 -3.74 5.42
CA HIS F 121 -13.22 -4.42 6.67
C HIS F 121 -13.87 -5.76 6.46
N PHE F 122 -14.17 -6.08 5.20
CA PHE F 122 -14.75 -7.36 4.84
C PHE F 122 -13.89 -8.17 3.88
N ALA F 123 -13.19 -7.49 2.99
CA ALA F 123 -12.32 -8.18 2.06
C ALA F 123 -11.24 -7.22 1.63
N PRO F 124 -10.05 -7.76 1.32
CA PRO F 124 -8.97 -6.89 0.90
C PRO F 124 -9.31 -6.27 -0.43
N MET F 125 -8.56 -5.24 -0.82
CA MET F 125 -8.95 -4.41 -1.95
C MET F 125 -9.04 -5.18 -3.25
N GLU F 126 -8.29 -6.27 -3.36
CA GLU F 126 -8.25 -7.10 -4.55
CA GLU F 126 -8.28 -7.02 -4.61
C GLU F 126 -9.60 -7.72 -4.85
N PHE F 127 -10.41 -7.88 -3.81
CA PHE F 127 -11.70 -8.52 -3.95
C PHE F 127 -12.67 -7.60 -4.70
N PRO F 128 -13.46 -8.18 -5.61
CA PRO F 128 -14.31 -7.32 -6.45
C PRO F 128 -15.60 -6.94 -5.74
N ALA F 129 -15.93 -5.66 -5.78
CA ALA F 129 -17.17 -5.18 -5.23
C ALA F 129 -18.21 -5.43 -6.29
N VAL F 130 -18.75 -6.64 -6.27
CA VAL F 130 -19.58 -7.16 -7.33
CA VAL F 130 -19.66 -7.02 -7.33
C VAL F 130 -20.97 -7.52 -6.78
N PRO F 131 -22.05 -7.24 -7.53
CA PRO F 131 -23.36 -7.64 -7.05
C PRO F 131 -23.58 -9.10 -7.31
N ASP F 132 -24.55 -9.65 -6.59
CA ASP F 132 -25.11 -10.94 -6.96
C ASP F 132 -25.71 -10.86 -8.35
N PHE F 133 -25.42 -11.86 -9.18
CA PHE F 133 -25.84 -11.79 -10.56
C PHE F 133 -27.35 -11.82 -10.72
N ASP F 134 -28.03 -12.58 -9.87
CA ASP F 134 -29.49 -12.62 -9.92
C ASP F 134 -30.07 -11.27 -9.56
N VAL F 135 -29.52 -10.63 -8.54
CA VAL F 135 -30.05 -9.33 -8.18
C VAL F 135 -29.81 -8.32 -9.30
N ALA F 136 -28.60 -8.32 -9.85
CA ALA F 136 -28.31 -7.37 -10.93
C ALA F 136 -29.25 -7.61 -12.11
N THR F 137 -29.48 -8.88 -12.40
CA THR F 137 -30.36 -9.27 -13.50
C THR F 137 -31.79 -8.80 -13.26
N ALA F 138 -32.28 -9.02 -12.04
CA ALA F 138 -33.62 -8.60 -11.66
C ALA F 138 -33.75 -7.09 -11.73
N MET F 139 -32.71 -6.39 -11.27
CA MET F 139 -32.76 -4.94 -11.32
CA MET F 139 -32.68 -4.93 -11.30
C MET F 139 -32.77 -4.41 -12.73
N LYS F 140 -31.96 -5.01 -13.60
CA LYS F 140 -31.98 -4.60 -14.99
C LYS F 140 -33.36 -4.81 -15.59
N ALA F 141 -33.96 -5.97 -15.34
CA ALA F 141 -35.24 -6.29 -15.93
C ALA F 141 -36.30 -5.34 -15.39
N ALA F 142 -36.28 -5.15 -14.09
CA ALA F 142 -37.26 -4.27 -13.46
C ALA F 142 -37.11 -2.85 -14.00
N ALA F 143 -35.87 -2.39 -14.15
CA ALA F 143 -35.65 -1.03 -14.60
C ALA F 143 -36.12 -0.87 -16.05
N GLN F 144 -35.82 -1.86 -16.88
CA GLN F 144 -36.25 -1.83 -18.27
C GLN F 144 -37.76 -1.84 -18.36
N GLU F 145 -38.40 -2.69 -17.57
CA GLU F 145 -39.85 -2.85 -17.64
C GLU F 145 -40.59 -1.59 -17.20
N SER F 146 -39.93 -0.76 -16.40
CA SER F 146 -40.53 0.51 -15.99
C SER F 146 -40.49 1.50 -17.14
N GLY F 147 -39.75 1.18 -18.20
CA GLY F 147 -39.62 2.07 -19.34
C GLY F 147 -38.45 3.02 -19.14
N ALA F 148 -37.65 2.77 -18.10
CA ALA F 148 -36.49 3.60 -17.87
C ALA F 148 -35.38 3.27 -18.87
N THR F 149 -34.56 4.25 -19.17
CA THR F 149 -33.31 3.98 -19.87
C THR F 149 -32.33 3.51 -18.83
N VAL F 150 -31.81 2.30 -19.02
CA VAL F 150 -31.00 1.63 -18.02
CA VAL F 150 -31.00 1.67 -18.00
C VAL F 150 -29.59 1.39 -18.50
N HIS F 151 -28.62 1.60 -17.63
CA HIS F 151 -27.22 1.35 -17.95
C HIS F 151 -26.68 0.35 -16.96
N MET F 152 -25.98 -0.64 -17.49
CA MET F 152 -25.24 -1.56 -16.65
C MET F 152 -23.80 -1.16 -16.69
N GLY F 153 -23.16 -1.08 -15.55
CA GLY F 153 -21.74 -0.79 -15.60
C GLY F 153 -21.19 -0.48 -14.25
N VAL F 154 -19.97 0.03 -14.28
CA VAL F 154 -19.18 0.23 -13.08
C VAL F 154 -19.54 1.56 -12.42
N THR F 155 -19.61 1.51 -11.10
CA THR F 155 -19.93 2.66 -10.28
C THR F 155 -18.76 3.00 -9.39
N ALA F 156 -18.37 4.27 -9.34
CA ALA F 156 -17.32 4.70 -8.42
C ALA F 156 -17.98 5.01 -7.09
N SER F 157 -17.58 4.32 -6.03
CA SER F 157 -18.31 4.38 -4.78
C SER F 157 -17.39 4.99 -3.73
N SER F 158 -17.72 6.21 -3.35
CA SER F 158 -16.83 7.07 -2.59
C SER F 158 -17.28 7.30 -1.16
N ASP F 159 -16.32 7.28 -0.25
CA ASP F 159 -16.58 7.61 1.14
C ASP F 159 -16.85 9.09 1.37
N THR F 160 -16.70 9.90 0.33
CA THR F 160 -17.11 11.30 0.47
C THR F 160 -17.98 11.71 -0.69
N PHE F 161 -18.81 12.71 -0.43
CA PHE F 161 -19.60 13.30 -1.47
C PHE F 161 -18.78 14.32 -2.23
N TYR F 162 -17.82 14.93 -1.54
CA TYR F 162 -17.15 16.10 -2.11
C TYR F 162 -15.79 15.75 -2.76
N PRO F 163 -14.70 15.65 -1.99
CA PRO F 163 -13.44 15.47 -2.73
C PRO F 163 -13.33 14.11 -3.45
N GLY F 164 -13.87 13.04 -2.87
CA GLY F 164 -13.82 11.75 -3.51
C GLY F 164 -14.67 11.66 -4.75
N GLN F 165 -15.54 12.64 -4.97
CA GLN F 165 -16.28 12.74 -6.22
C GLN F 165 -15.75 13.92 -7.02
N GLU F 166 -14.54 14.35 -6.65
CA GLU F 166 -13.83 15.45 -7.27
C GLU F 166 -14.68 16.68 -7.50
N ARG F 167 -15.42 17.06 -6.45
CA ARG F 167 -16.11 18.34 -6.43
C ARG F 167 -15.18 19.41 -5.91
N TYR F 168 -15.21 20.57 -6.55
CA TYR F 168 -14.35 21.69 -6.18
C TYR F 168 -15.09 22.88 -5.62
N ASP F 169 -16.42 22.88 -5.74
CA ASP F 169 -17.18 24.00 -5.22
C ASP F 169 -17.42 23.73 -3.75
N THR F 170 -16.36 23.86 -2.98
CA THR F 170 -16.35 23.40 -1.61
C THR F 170 -15.65 24.43 -0.77
N PHE F 171 -15.64 24.21 0.54
CA PHE F 171 -14.97 25.14 1.43
C PHE F 171 -13.48 25.34 1.09
N THR F 172 -12.74 24.26 0.90
CA THR F 172 -11.32 24.41 0.59
C THR F 172 -11.08 24.64 -0.89
N GLY F 173 -11.98 24.12 -1.71
CA GLY F 173 -11.83 24.24 -3.15
C GLY F 173 -10.66 23.43 -3.64
N ARG F 174 -10.24 22.45 -2.87
CA ARG F 174 -9.15 21.61 -3.34
C ARG F 174 -9.44 20.15 -3.10
N VAL F 175 -8.71 19.31 -3.81
CA VAL F 175 -8.92 17.88 -3.76
C VAL F 175 -7.56 17.27 -3.61
N VAL F 176 -7.45 16.30 -2.71
CA VAL F 176 -6.21 15.62 -2.45
C VAL F 176 -5.69 14.94 -3.70
N ARG F 177 -4.38 14.81 -3.74
CA ARG F 177 -3.66 14.22 -4.87
C ARG F 177 -4.36 13.00 -5.45
N ARG F 178 -4.70 12.03 -4.60
CA ARG F 178 -5.35 10.81 -5.02
C ARG F 178 -6.57 11.08 -5.91
N PHE F 179 -7.31 12.13 -5.61
CA PHE F 179 -8.56 12.37 -6.30
C PHE F 179 -8.52 13.46 -7.37
N GLN F 180 -7.41 14.17 -7.47
CA GLN F 180 -7.24 15.14 -8.54
CA GLN F 180 -7.26 15.15 -8.54
C GLN F 180 -7.24 14.43 -9.86
N GLY F 181 -8.08 14.88 -10.78
CA GLY F 181 -8.17 14.24 -12.08
C GLY F 181 -8.87 12.89 -12.05
N SER F 182 -9.41 12.49 -10.90
CA SER F 182 -10.00 11.17 -10.82
C SER F 182 -11.30 11.06 -11.59
N MET F 183 -12.10 12.11 -11.63
CA MET F 183 -13.35 11.99 -12.36
C MET F 183 -13.08 11.66 -13.83
N LYS F 184 -12.14 12.39 -14.43
CA LYS F 184 -11.74 12.15 -15.81
CA LYS F 184 -11.75 12.13 -15.81
C LYS F 184 -11.19 10.73 -15.99
N GLU F 185 -10.38 10.27 -15.03
CA GLU F 185 -9.87 8.93 -15.11
CA GLU F 185 -9.86 8.91 -15.04
C GLU F 185 -10.99 7.88 -15.08
N TRP F 186 -11.94 8.04 -14.17
CA TRP F 186 -13.04 7.09 -14.12
C TRP F 186 -13.86 7.19 -15.39
N GLN F 187 -14.05 8.41 -15.89
CA GLN F 187 -14.80 8.58 -17.12
C GLN F 187 -14.11 7.84 -18.25
N ASP F 188 -12.80 8.03 -18.34
CA ASP F 188 -12.02 7.38 -19.39
C ASP F 188 -12.11 5.86 -19.26
N MET F 189 -12.23 5.36 -18.03
CA MET F 189 -12.32 3.93 -17.78
C MET F 189 -13.73 3.40 -17.93
N GLY F 190 -14.65 4.25 -18.34
CA GLY F 190 -16.00 3.81 -18.60
C GLY F 190 -16.90 3.72 -17.39
N VAL F 191 -16.46 4.24 -16.25
CA VAL F 191 -17.27 4.25 -15.05
C VAL F 191 -18.48 5.14 -15.29
N LEU F 192 -19.64 4.70 -14.83
CA LEU F 192 -20.87 5.39 -15.14
C LEU F 192 -21.23 6.52 -14.20
N ASN F 193 -20.91 6.36 -12.92
CA ASN F 193 -21.55 7.18 -11.92
C ASN F 193 -20.83 7.14 -10.61
N PHE F 194 -21.17 8.08 -9.75
CA PHE F 194 -20.68 8.13 -8.38
C PHE F 194 -21.83 7.91 -7.41
N GLU F 195 -21.60 7.12 -6.37
CA GLU F 195 -22.44 7.17 -5.19
C GLU F 195 -21.55 6.78 -4.02
N MET F 196 -22.12 6.36 -2.89
CA MET F 196 -21.29 6.30 -1.68
C MET F 196 -21.42 5.02 -0.88
N GLU F 197 -22.23 4.08 -1.34
CA GLU F 197 -22.56 2.93 -0.53
C GLU F 197 -22.30 1.60 -1.20
N SER F 198 -22.27 1.56 -2.52
CA SER F 198 -22.23 0.29 -3.22
C SER F 198 -20.96 -0.48 -2.98
N ALA F 199 -19.81 0.17 -2.91
CA ALA F 199 -18.58 -0.58 -2.69
C ALA F 199 -18.66 -1.33 -1.38
N THR F 200 -19.13 -0.67 -0.34
CA THR F 200 -19.24 -1.31 0.95
C THR F 200 -20.25 -2.42 0.88
N LEU F 201 -21.43 -2.09 0.37
CA LEU F 201 -22.53 -3.05 0.34
C LEU F 201 -22.15 -4.28 -0.46
N LEU F 202 -21.65 -4.06 -1.66
CA LEU F 202 -21.41 -5.19 -2.55
C LEU F 202 -20.24 -6.05 -2.04
N THR F 203 -19.20 -5.42 -1.54
CA THR F 203 -18.08 -6.18 -1.04
C THR F 203 -18.48 -6.96 0.19
N MET F 204 -19.14 -6.30 1.13
CA MET F 204 -19.58 -6.96 2.34
CA MET F 204 -19.56 -6.98 2.35
C MET F 204 -20.44 -8.17 1.99
N CYS F 205 -21.41 -7.97 1.12
CA CYS F 205 -22.34 -9.05 0.84
C CYS F 205 -21.71 -10.17 0.04
N ALA F 206 -20.93 -9.80 -0.97
CA ALA F 206 -20.31 -10.82 -1.83
C ALA F 206 -19.30 -11.67 -1.10
N SER F 207 -18.76 -11.14 0.00
CA SER F 207 -17.78 -11.87 0.77
C SER F 207 -18.41 -12.51 2.00
N SER F 208 -19.72 -12.40 2.15
CA SER F 208 -20.39 -12.87 3.37
C SER F 208 -21.59 -13.74 3.11
N GLY F 209 -21.77 -14.20 1.87
CA GLY F 209 -22.86 -15.11 1.57
C GLY F 209 -24.21 -14.43 1.53
N LEU F 210 -24.20 -13.14 1.24
CA LEU F 210 -25.42 -12.34 1.11
C LEU F 210 -25.54 -11.92 -0.34
N LYS F 211 -26.77 -11.78 -0.82
CA LYS F 211 -26.95 -11.36 -2.19
C LYS F 211 -27.27 -9.88 -2.15
N ALA F 212 -26.61 -9.10 -2.99
CA ALA F 212 -26.86 -7.68 -3.02
C ALA F 212 -26.77 -7.14 -4.43
N GLY F 213 -27.46 -6.04 -4.65
CA GLY F 213 -27.30 -5.30 -5.88
C GLY F 213 -27.69 -3.88 -5.62
N CYS F 214 -27.35 -3.01 -6.57
CA CYS F 214 -27.59 -1.59 -6.45
CA CYS F 214 -27.57 -1.59 -6.43
C CYS F 214 -28.18 -1.06 -7.72
N VAL F 215 -29.26 -0.32 -7.57
CA VAL F 215 -29.84 0.41 -8.68
C VAL F 215 -29.95 1.87 -8.28
N ALA F 216 -29.73 2.78 -9.21
CA ALA F 216 -29.71 4.18 -8.85
C ALA F 216 -30.30 5.03 -9.94
N GLY F 217 -31.03 6.06 -9.52
CA GLY F 217 -31.59 7.02 -10.45
C GLY F 217 -30.61 8.17 -10.59
N VAL F 218 -30.32 8.53 -11.84
CA VAL F 218 -29.40 9.62 -12.10
C VAL F 218 -30.10 10.95 -11.90
N ILE F 219 -29.59 11.75 -10.98
CA ILE F 219 -30.23 13.04 -10.75
C ILE F 219 -29.38 14.22 -11.16
N ILE F 220 -28.14 13.93 -11.52
CA ILE F 220 -27.24 14.97 -11.99
C ILE F 220 -26.23 14.31 -12.92
N ASN F 221 -25.83 15.04 -13.95
CA ASN F 221 -24.73 14.60 -14.77
C ASN F 221 -23.55 15.51 -14.47
N ARG F 222 -22.48 14.92 -13.94
CA ARG F 222 -21.32 15.66 -13.50
C ARG F 222 -20.50 16.24 -14.65
N THR F 223 -20.82 15.87 -15.88
CA THR F 223 -20.21 16.62 -16.99
C THR F 223 -20.89 17.96 -17.17
N GLN F 224 -22.05 18.14 -16.53
CA GLN F 224 -22.83 19.36 -16.65
C GLN F 224 -22.62 20.31 -15.50
N LYS F 225 -22.57 19.80 -14.27
CA LYS F 225 -22.41 20.64 -13.08
CA LYS F 225 -22.42 20.64 -13.08
C LYS F 225 -22.11 19.77 -11.87
N GLU F 226 -21.82 20.40 -10.75
CA GLU F 226 -21.50 19.65 -9.53
C GLU F 226 -22.67 19.42 -8.62
N ILE F 227 -23.54 20.41 -8.51
CA ILE F 227 -24.53 20.45 -7.44
C ILE F 227 -25.89 20.07 -7.98
N PRO F 228 -26.51 19.03 -7.41
CA PRO F 228 -27.86 18.69 -7.83
C PRO F 228 -28.90 19.53 -7.10
N GLU F 235 -41.17 10.68 -11.91
CA GLU F 235 -40.01 11.40 -11.42
C GLU F 235 -38.96 10.39 -10.99
N THR F 236 -37.69 10.78 -11.09
CA THR F 236 -36.56 9.87 -10.88
C THR F 236 -36.67 9.02 -9.61
N GLU F 237 -36.95 9.64 -8.47
CA GLU F 237 -37.02 8.90 -7.22
C GLU F 237 -38.27 8.02 -7.10
N ALA F 238 -39.39 8.50 -7.64
CA ALA F 238 -40.62 7.73 -7.65
C ALA F 238 -40.44 6.45 -8.46
N ARG F 239 -39.95 6.61 -9.67
CA ARG F 239 -39.74 5.46 -10.55
C ARG F 239 -38.68 4.51 -10.00
N SER F 240 -37.65 5.07 -9.37
CA SER F 240 -36.57 4.25 -8.84
CA SER F 240 -36.58 4.25 -8.83
C SER F 240 -37.08 3.29 -7.78
N ILE F 241 -37.96 3.77 -6.90
CA ILE F 241 -38.47 2.87 -5.88
C ILE F 241 -39.49 1.87 -6.43
N LYS F 242 -40.23 2.25 -7.48
CA LYS F 242 -41.09 1.28 -8.15
CA LYS F 242 -41.09 1.29 -8.16
C LYS F 242 -40.20 0.17 -8.70
N VAL F 243 -39.12 0.56 -9.35
CA VAL F 243 -38.18 -0.39 -9.92
C VAL F 243 -37.58 -1.31 -8.87
N VAL F 244 -37.16 -0.77 -7.73
CA VAL F 244 -36.53 -1.65 -6.75
C VAL F 244 -37.52 -2.64 -6.14
N VAL F 245 -38.76 -2.22 -5.96
CA VAL F 245 -39.78 -3.14 -5.47
C VAL F 245 -40.05 -4.23 -6.51
N GLU F 246 -40.07 -3.86 -7.79
CA GLU F 246 -40.27 -4.86 -8.84
C GLU F 246 -39.07 -5.79 -8.92
N ALA F 247 -37.87 -5.27 -8.66
CA ALA F 247 -36.70 -6.15 -8.65
C ALA F 247 -36.80 -7.11 -7.48
N ALA F 248 -37.32 -6.64 -6.36
CA ALA F 248 -37.52 -7.50 -5.20
C ALA F 248 -38.51 -8.60 -5.53
N ARG F 249 -39.58 -8.24 -6.23
CA ARG F 249 -40.57 -9.21 -6.64
CA ARG F 249 -40.57 -9.21 -6.63
C ARG F 249 -39.91 -10.32 -7.45
N LYS F 250 -39.04 -9.92 -8.37
CA LYS F 250 -38.38 -10.90 -9.21
C LYS F 250 -37.44 -11.79 -8.41
N MET F 251 -36.88 -11.26 -7.31
CA MET F 251 -35.97 -12.05 -6.47
C MET F 251 -36.71 -13.07 -5.62
N LEU F 252 -37.95 -12.78 -5.31
CA LEU F 252 -38.81 -13.68 -4.55
CA LEU F 252 -38.74 -13.71 -4.53
C LEU F 252 -39.25 -14.82 -5.45
N LYS F 253 -39.27 -16.04 -4.90
CA LYS F 253 -39.80 -17.21 -5.62
C LYS F 253 -39.85 -18.45 -4.72
O5' THM G . -3.02 -24.23 -15.23
C5' THM G . -3.45 -24.05 -16.50
C4' THM G . -4.44 -23.02 -16.78
O4' THM G . -5.59 -23.25 -16.00
C3' THM G . -3.96 -21.67 -16.39
O3' THM G . -4.53 -20.76 -17.22
C2' THM G . -4.41 -21.52 -15.01
C1' THM G . -5.62 -22.38 -14.86
N1 THM G . -5.75 -23.18 -13.65
C2 THM G . -5.53 -22.60 -12.42
O2 THM G . -5.19 -21.46 -12.33
N3 THM G . -5.65 -23.34 -11.32
C4 THM G . -6.01 -24.63 -11.35
O4 THM G . -6.11 -25.27 -10.21
C5 THM G . -6.26 -25.26 -12.58
C5M THM G . -6.67 -26.73 -12.62
C6 THM G . -6.12 -24.47 -13.74
C1 EOH H . 2.11 -8.22 -1.97
C2 EOH H . 2.55 -8.22 -0.51
O EOH H . 0.79 -7.80 -2.28
C1 EOH I . -4.46 -0.76 -2.82
C2 EOH I . -4.56 -2.27 -2.77
O EOH I . -5.63 -0.11 -2.37
CL CL J . -7.41 -23.24 -22.46
NA NA K . 2.48 -16.87 -21.15
CL CL L . -10.78 -33.15 -7.59
MG MG M . 3.28 -16.79 8.37
O5' THM N . 8.35 -8.37 -27.34
C5' THM N . 9.03 -9.55 -27.24
C4' THM N . 9.49 -10.02 -25.94
O4' THM N . 10.47 -9.15 -25.41
C3' THM N . 8.38 -10.01 -24.95
O3' THM N . 8.62 -10.92 -24.00
C2' THM N . 8.45 -8.69 -24.34
C1' THM N . 9.88 -8.32 -24.39
N1 THM N . 10.04 -6.93 -24.75
C2 THM N . 9.60 -5.97 -23.88
O2 THM N . 9.11 -6.30 -22.84
N3 THM N . 9.70 -4.68 -24.20
C4 THM N . 10.23 -4.28 -25.37
O4 THM N . 10.32 -2.99 -25.64
C5 THM N . 10.70 -5.25 -26.29
C5M THM N . 11.31 -4.80 -27.62
C6 THM N . 10.58 -6.61 -25.93
C1 EOH O . 4.81 -1.76 -2.79
C2 EOH O . 4.33 -1.41 -1.39
O EOH O . 3.90 -1.39 -3.81
C1 EOH P . -0.86 -0.36 -8.90
C2 EOH P . -1.58 0.94 -8.60
O EOH P . 0.23 -0.69 -8.08
CL CL Q . 13.34 -15.60 -26.08
MG MG R . -2.98 11.56 -15.17
O5' THM S . 24.13 -1.90 15.88
C5' THM S . 25.04 -1.06 15.29
C4' THM S . 25.08 -0.99 13.85
O4' THM S . 25.10 -2.26 13.26
C3' THM S . 23.85 -0.32 13.33
O3' THM S . 24.13 0.24 12.15
C2' THM S . 22.92 -1.42 13.14
C1' THM S . 23.77 -2.58 12.75
N1 THM S . 23.38 -3.86 13.29
C2 THM S . 22.13 -4.34 12.98
O2 THM S . 21.37 -3.69 12.32
N3 THM S . 21.74 -5.52 13.47
C4 THM S . 22.55 -6.28 14.23
O4 THM S . 22.09 -7.44 14.66
C5 THM S . 23.85 -5.83 14.54
C5M THM S . 24.80 -6.67 15.41
C6 THM S . 24.22 -4.58 14.02
C1 EDO T . 4.02 -1.25 6.07
O1 EDO T . 5.27 -0.77 5.61
C2 EDO T . 3.93 -1.02 7.57
O2 EDO T . 2.67 -1.46 8.08
CL CL U . 30.66 0.84 11.14
NA NA V . 21.79 8.82 12.68
MG MG W . 27.92 -24.29 10.72
MG MG X . 28.93 -22.00 12.42
O5' THM Y . 19.42 19.83 9.39
C5' THM Y . 19.63 19.60 10.73
C4' THM Y . 18.61 18.92 11.52
O4' THM Y . 17.39 19.61 11.48
C3' THM Y . 18.29 17.59 10.94
O3' THM Y . 17.87 16.78 11.92
C2' THM Y . 17.20 17.83 10.00
C1' THM Y . 16.44 18.94 10.60
N1 THM Y . 16.00 19.91 9.63
C2 THM Y . 15.12 19.48 8.67
O2 THM Y . 14.71 18.34 8.63
N3 THM Y . 14.71 20.34 7.75
C4 THM Y . 15.12 21.62 7.74
O4 THM Y . 14.67 22.44 6.79
C5 THM Y . 16.00 22.09 8.71
C5M THM Y . 16.49 23.54 8.72
C6 THM Y . 16.44 21.17 9.69
C1 EOH Z . 6.65 5.27 -1.27
C2 EOH Z . 6.06 5.32 -2.66
O EOH Z . 5.74 5.44 -0.20
CL CL AA . 19.21 19.31 17.94
MG MG BA . 4.47 37.41 8.03
MG MG CA . 7.23 36.76 8.72
O5' THM DA . -22.91 2.43 18.34
C5' THM DA . -23.25 3.74 18.43
C4' THM DA . -22.29 4.78 18.10
O4' THM DA . -21.17 4.73 18.94
C3' THM DA . -21.79 4.59 16.71
O3' THM DA . -21.45 5.77 16.19
C2' THM DA . -20.59 3.77 16.88
C1' THM DA . -20.07 4.13 18.22
N1 THM DA . -19.59 3.01 18.98
C2 THM DA . -18.52 2.27 18.48
O2 THM DA . -18.00 2.59 17.46
N3 THM DA . -18.07 1.21 19.17
C4 THM DA . -18.63 0.83 20.33
O4 THM DA . -18.13 -0.24 20.95
C5 THM DA . -19.72 1.55 20.85
C5M THM DA . -20.36 1.12 22.18
C6 THM DA . -20.19 2.66 20.11
C1 EDO EA . -8.71 -9.72 22.30
O1 EDO EA . -9.66 -9.54 21.24
C2 EDO EA . -8.76 -8.51 23.23
O2 EDO EA . -7.69 -8.59 24.15
C1 EOH FA . -7.20 -2.76 3.89
C2 EOH FA . -6.67 -4.17 3.70
O EOH FA . -6.32 -1.88 4.56
CL CL GA . -24.38 10.97 19.60
MG MG HA . -6.43 -15.38 9.57
O5' THM IA . -25.99 12.50 -1.72
C5' THM IA . -26.87 11.67 -1.12
C4' THM IA . -26.88 10.27 -1.51
O4' THM IA . -26.81 10.09 -2.90
C3' THM IA . -25.72 9.54 -0.95
O3' THM IA . -26.07 8.27 -0.65
C2' THM IA . -24.72 9.61 -1.99
C1' THM IA . -25.46 9.71 -3.28
N1 THM IA . -25.00 10.67 -4.28
C2 THM IA . -23.66 10.73 -4.60
O2 THM IA . -22.86 10.03 -4.04
N3 THM IA . -23.24 11.59 -5.53
C4 THM IA . -24.07 12.41 -6.21
O4 THM IA . -23.59 13.25 -7.11
C5 THM IA . -25.45 12.35 -5.94
C5M THM IA . -26.43 13.25 -6.67
C6 THM IA . -25.86 11.44 -4.94
C1 EOH JA . -5.53 6.64 0.04
C2 EOH JA . -4.36 7.52 -0.40
O EOH JA . -5.81 5.58 -0.82
CL CL KA . -32.64 7.01 -0.77
NA NA LA . -24.78 7.58 8.09
CL CL MA . -27.35 17.71 -14.61
#